data_3B0S
# 
_entry.id   3B0S 
# 
_audit_conform.dict_name       mmcif_pdbx.dic 
_audit_conform.dict_version    5.380 
_audit_conform.dict_location   http://mmcif.pdb.org/dictionaries/ascii/mmcif_pdbx.dic 
# 
loop_
_database_2.database_id 
_database_2.database_code 
_database_2.pdbx_database_accession 
_database_2.pdbx_DOI 
PDB   3B0S         pdb_00003b0s 10.2210/pdb3b0s/pdb 
RCSB  RCSB029934   ?            ?                   
WWPDB D_1000029934 ?            ?                   
# 
loop_
_pdbx_database_related.db_name 
_pdbx_database_related.db_id 
_pdbx_database_related.details 
_pdbx_database_related.content_type 
PDB 1V7H 'The sub-cell structure of the similar peptide, (Pro-Hyp-Gly)10' unspecified 
PDB 1V4F 'The sub-cell structure of the similar peptide, (Pro-Hyp-Gly)11' unspecified 
PDB 3AH9 'The full-cell structure of the similar peptide, (Pro-Pro-Gly)9' unspecified 
# 
_pdbx_database_status.status_code                     REL 
_pdbx_database_status.entry_id                        3B0S 
_pdbx_database_status.recvd_initial_deposition_date   2011-06-14 
_pdbx_database_status.deposit_site                    PDBJ 
_pdbx_database_status.process_site                    PDBJ 
_pdbx_database_status.status_code_sf                  REL 
_pdbx_database_status.status_code_mr                  ? 
_pdbx_database_status.SG_entry                        ? 
_pdbx_database_status.status_code_cs                  ? 
_pdbx_database_status.methods_development_category    ? 
_pdbx_database_status.pdb_format_compatible           Y 
_pdbx_database_status.status_code_nmr_data            ? 
# 
loop_
_audit_author.name 
_audit_author.pdbx_ordinal 
'Okuyama, K.'     1 
'Miyama, K.'      2 
'Mizuno, K.'      3 
'Bachinger, H.P.' 4 
# 
_citation.id                        primary 
_citation.title                     'Crystal structure of (Gly-Pro-Hyp)(9) : Implications for the collagen molecular model.' 
_citation.journal_abbrev            Biopolymers 
_citation.journal_volume            97 
_citation.page_first                607 
_citation.page_last                 616 
_citation.year                      2012 
_citation.journal_id_ASTM           BIPMAA 
_citation.country                   US 
_citation.journal_id_ISSN           0006-3525 
_citation.journal_id_CSD            0161 
_citation.book_publisher            ? 
_citation.pdbx_database_id_PubMed   22605552 
_citation.pdbx_database_id_DOI      10.1002/bip.22048 
# 
loop_
_citation_author.citation_id 
_citation_author.name 
_citation_author.ordinal 
_citation_author.identifier_ORCID 
primary 'Okuyama, K.'     1 ? 
primary 'Miyama, K.'      2 ? 
primary 'Mizuno, K.'      3 ? 
primary 'Bachinger, H.P.' 4 ? 
# 
_cell.entry_id           3B0S 
_cell.length_a           29.310 
_cell.length_b           26.161 
_cell.length_c           74.507 
_cell.angle_alpha        90.00 
_cell.angle_beta         92.28 
_cell.angle_gamma        90.00 
_cell.Z_PDB              12 
_cell.pdbx_unique_axis   ? 
_cell.length_a_esd       ? 
_cell.length_b_esd       ? 
_cell.length_c_esd       ? 
_cell.angle_alpha_esd    ? 
_cell.angle_beta_esd     ? 
_cell.angle_gamma_esd    ? 
# 
_symmetry.entry_id                         3B0S 
_symmetry.space_group_name_H-M             'P 1 21 1' 
_symmetry.pdbx_full_space_group_name_H-M   ? 
_symmetry.cell_setting                     ? 
_symmetry.Int_Tables_number                4 
_symmetry.space_group_name_Hall            ? 
# 
loop_
_entity.id 
_entity.type 
_entity.src_method 
_entity.pdbx_description 
_entity.formula_weight 
_entity.pdbx_number_of_molecules 
_entity.pdbx_ec 
_entity.pdbx_mutation 
_entity.pdbx_fragment 
_entity.details 
1 polymer syn 'collagen-like peptide' 2423.547 6   ? ? ? ? 
2 water   nat water                   18.015   359 ? ? ? ? 
# 
_entity_poly.entity_id                      1 
_entity_poly.type                           'polypeptide(L)' 
_entity_poly.nstd_linkage                   no 
_entity_poly.nstd_monomer                   yes 
_entity_poly.pdbx_seq_one_letter_code       'GP(HYP)GP(HYP)GP(HYP)GP(HYP)GP(HYP)GP(HYP)GP(HYP)GP(HYP)GP(HYP)' 
_entity_poly.pdbx_seq_one_letter_code_can   GPPGPPGPPGPPGPPGPPGPPGPPGPP 
_entity_poly.pdbx_strand_id                 A,B,C,D,E,F 
_entity_poly.pdbx_target_identifier         ? 
# 
loop_
_entity_poly_seq.entity_id 
_entity_poly_seq.num 
_entity_poly_seq.mon_id 
_entity_poly_seq.hetero 
1 1  GLY n 
1 2  PRO n 
1 3  HYP n 
1 4  GLY n 
1 5  PRO n 
1 6  HYP n 
1 7  GLY n 
1 8  PRO n 
1 9  HYP n 
1 10 GLY n 
1 11 PRO n 
1 12 HYP n 
1 13 GLY n 
1 14 PRO n 
1 15 HYP n 
1 16 GLY n 
1 17 PRO n 
1 18 HYP n 
1 19 GLY n 
1 20 PRO n 
1 21 HYP n 
1 22 GLY n 
1 23 PRO n 
1 24 HYP n 
1 25 GLY n 
1 26 PRO n 
1 27 HYP n 
# 
_pdbx_entity_src_syn.entity_id              1 
_pdbx_entity_src_syn.pdbx_src_id            1 
_pdbx_entity_src_syn.pdbx_alt_source_flag   sample 
_pdbx_entity_src_syn.pdbx_beg_seq_num       ? 
_pdbx_entity_src_syn.pdbx_end_seq_num       ? 
_pdbx_entity_src_syn.organism_scientific    ? 
_pdbx_entity_src_syn.organism_common_name   ? 
_pdbx_entity_src_syn.ncbi_taxonomy_id       ? 
_pdbx_entity_src_syn.details                'This peptide appears most frequently in native collagen.' 
# 
_struct_ref.id                         1 
_struct_ref.db_name                    PDB 
_struct_ref.db_code                    3B0S 
_struct_ref.pdbx_db_accession          3B0S 
_struct_ref.entity_id                  1 
_struct_ref.pdbx_align_begin           ? 
_struct_ref.pdbx_seq_one_letter_code   ? 
_struct_ref.pdbx_db_isoform            ? 
# 
loop_
_struct_ref_seq.align_id 
_struct_ref_seq.ref_id 
_struct_ref_seq.pdbx_PDB_id_code 
_struct_ref_seq.pdbx_strand_id 
_struct_ref_seq.seq_align_beg 
_struct_ref_seq.pdbx_seq_align_beg_ins_code 
_struct_ref_seq.seq_align_end 
_struct_ref_seq.pdbx_seq_align_end_ins_code 
_struct_ref_seq.pdbx_db_accession 
_struct_ref_seq.db_align_beg 
_struct_ref_seq.pdbx_db_align_beg_ins_code 
_struct_ref_seq.db_align_end 
_struct_ref_seq.pdbx_db_align_end_ins_code 
_struct_ref_seq.pdbx_auth_seq_align_beg 
_struct_ref_seq.pdbx_auth_seq_align_end 
1 1 3B0S A 1 ? 27 ? 3B0S 1 ? 27 ? 1 27 
2 1 3B0S B 1 ? 27 ? 3B0S 1 ? 27 ? 1 27 
3 1 3B0S C 1 ? 27 ? 3B0S 1 ? 27 ? 1 27 
4 1 3B0S D 1 ? 27 ? 3B0S 1 ? 27 ? 1 27 
5 1 3B0S E 1 ? 27 ? 3B0S 1 ? 27 ? 1 27 
6 1 3B0S F 1 ? 27 ? 3B0S 1 ? 27 ? 1 27 
# 
loop_
_chem_comp.id 
_chem_comp.type 
_chem_comp.mon_nstd_flag 
_chem_comp.name 
_chem_comp.pdbx_synonyms 
_chem_comp.formula 
_chem_comp.formula_weight 
GLY 'peptide linking'   y GLYCINE          ?              'C2 H5 N O2' 75.067  
HOH non-polymer         . WATER            ?              'H2 O'       18.015  
HYP 'L-peptide linking' n 4-HYDROXYPROLINE HYDROXYPROLINE 'C5 H9 N O3' 131.130 
PRO 'L-peptide linking' y PROLINE          ?              'C5 H9 N O2' 115.130 
# 
_exptl.entry_id          3B0S 
_exptl.method            'X-RAY DIFFRACTION' 
_exptl.crystals_number   1 
# 
_exptl_crystal.id                    1 
_exptl_crystal.density_meas          ? 
_exptl_crystal.density_Matthews      1.96 
_exptl_crystal.density_percent_sol   37.34 
_exptl_crystal.description           ? 
_exptl_crystal.F_000                 ? 
_exptl_crystal.preparation           ? 
# 
_exptl_crystal_grow.crystal_id      1 
_exptl_crystal_grow.method          'VAPOR DIFFUSION, HANGING DROP' 
_exptl_crystal_grow.temp            277 
_exptl_crystal_grow.temp_details    ? 
_exptl_crystal_grow.pH              7.2 
_exptl_crystal_grow.pdbx_details    '22% PEG 200, 0.1M HEPES, pH 7.2, VAPOR DIFFUSION, HANGING DROP, temperature 277K' 
_exptl_crystal_grow.pdbx_pH_range   . 
# 
_diffrn.id                     1 
_diffrn.ambient_temp           100 
_diffrn.ambient_temp_details   ? 
_diffrn.crystal_id             1 
# 
_diffrn_detector.diffrn_id              1 
_diffrn_detector.detector               CCD 
_diffrn_detector.type                   'Bruker DIP-6040' 
_diffrn_detector.pdbx_collection_date   2009-10-15 
_diffrn_detector.details                ? 
# 
_diffrn_radiation.diffrn_id                        1 
_diffrn_radiation.wavelength_id                    1 
_diffrn_radiation.pdbx_monochromatic_or_laue_m_l   M 
_diffrn_radiation.monochromator                    ? 
_diffrn_radiation.pdbx_diffrn_protocol             'SINGLE WAVELENGTH' 
_diffrn_radiation.pdbx_scattering_type             x-ray 
# 
_diffrn_radiation_wavelength.id           1 
_diffrn_radiation_wavelength.wavelength   0.90 
_diffrn_radiation_wavelength.wt           1.0 
# 
_diffrn_source.diffrn_id                   1 
_diffrn_source.source                      SYNCHROTRON 
_diffrn_source.type                        'SPRING-8 BEAMLINE BL44XU' 
_diffrn_source.pdbx_synchrotron_site       SPring-8 
_diffrn_source.pdbx_synchrotron_beamline   BL44XU 
_diffrn_source.pdbx_wavelength             ? 
_diffrn_source.pdbx_wavelength_list        0.90 
# 
_reflns.entry_id                     3B0S 
_reflns.observed_criterion_sigma_I   ? 
_reflns.observed_criterion_sigma_F   ? 
_reflns.d_resolution_low             50.0 
_reflns.d_resolution_high            1.45 
_reflns.number_obs                   20281 
_reflns.number_all                   ? 
_reflns.percent_possible_obs         99.9 
_reflns.pdbx_Rmerge_I_obs            0.073 
_reflns.pdbx_Rsym_value              ? 
_reflns.pdbx_netI_over_sigmaI        4.9 
_reflns.B_iso_Wilson_estimate        ? 
_reflns.pdbx_redundancy              3.6 
_reflns.R_free_details               ? 
_reflns.limit_h_max                  ? 
_reflns.limit_h_min                  ? 
_reflns.limit_k_max                  ? 
_reflns.limit_k_min                  ? 
_reflns.limit_l_max                  ? 
_reflns.limit_l_min                  ? 
_reflns.observed_criterion_F_max     ? 
_reflns.observed_criterion_F_min     ? 
_reflns.pdbx_chi_squared             ? 
_reflns.pdbx_scaling_rejects         ? 
_reflns.pdbx_ordinal                 1 
_reflns.pdbx_diffrn_id               1 
# 
_reflns_shell.d_res_high                  1.45 
_reflns_shell.d_res_low                   1.48 
_reflns_shell.percent_possible_all        99.9 
_reflns_shell.Rmerge_I_obs                0.191 
_reflns_shell.pdbx_Rsym_value             ? 
_reflns_shell.meanI_over_sigI_obs         3.4 
_reflns_shell.pdbx_redundancy             3.5 
_reflns_shell.percent_possible_obs        ? 
_reflns_shell.number_unique_all           964 
_reflns_shell.number_measured_all         ? 
_reflns_shell.number_measured_obs         ? 
_reflns_shell.number_unique_obs           ? 
_reflns_shell.pdbx_chi_squared            ? 
_reflns_shell.pdbx_rejects                ? 
_reflns_shell.pdbx_netI_over_sigmaI_obs   ? 
_reflns_shell.number_possible             ? 
_reflns_shell.Rmerge_F_all                ? 
_reflns_shell.Rmerge_F_obs                ? 
_reflns_shell.Rmerge_I_all                ? 
_reflns_shell.meanI_over_sigI_all         ? 
_reflns_shell.pdbx_Rrim_I_all             ? 
_reflns_shell.pdbx_Rpim_I_all             ? 
_reflns_shell.pdbx_ordinal                1 
_reflns_shell.pdbx_diffrn_id              1 
# 
_refine.entry_id                                 3B0S 
_refine.ls_number_reflns_obs                     8267 
_refine.ls_number_reflns_all                     8267 
_refine.pdbx_ls_sigma_I                          3.0 
_refine.pdbx_ls_sigma_F                          3 
_refine.pdbx_data_cutoff_high_absF               ? 
_refine.pdbx_data_cutoff_low_absF                ? 
_refine.pdbx_data_cutoff_high_rms_absF           ? 
_refine.ls_d_res_low                             8.00 
_refine.ls_d_res_high                            1.45 
_refine.ls_percent_reflns_obs                    ? 
_refine.ls_R_factor_obs                          ? 
_refine.ls_R_factor_all                          ? 
_refine.ls_R_factor_R_work                       0.1695 
_refine.ls_R_factor_R_free                       0.2559 
_refine.ls_R_factor_R_free_error                 ? 
_refine.ls_R_factor_R_free_error_details         ? 
_refine.ls_percent_reflns_R_free                 ? 
_refine.ls_number_reflns_R_free                  389 
_refine.ls_number_parameters                     5605 
_refine.ls_number_restraints                     4729 
_refine.occupancy_min                            ? 
_refine.occupancy_max                            ? 
_refine.correlation_coeff_Fo_to_Fc               ? 
_refine.correlation_coeff_Fo_to_Fc_free          ? 
_refine.B_iso_mean                               13.35 
_refine.aniso_B[1][1]                            ? 
_refine.aniso_B[2][2]                            ? 
_refine.aniso_B[3][3]                            ? 
_refine.aniso_B[1][2]                            ? 
_refine.aniso_B[1][3]                            ? 
_refine.aniso_B[2][3]                            ? 
_refine.solvent_model_details                    ? 
_refine.solvent_model_param_ksol                 ? 
_refine.solvent_model_param_bsol                 ? 
_refine.pdbx_solvent_vdw_probe_radii             ? 
_refine.pdbx_solvent_ion_probe_radii             ? 
_refine.pdbx_solvent_shrinkage_radii             ? 
_refine.pdbx_ls_cross_valid_method               THROUGHOUT 
_refine.details                                  ? 
_refine.pdbx_starting_model                      2DRT 
_refine.pdbx_method_to_determine_struct          'MOLECULAR REPLACEMENT' 
_refine.pdbx_isotropic_thermal_model             isotropic 
_refine.pdbx_stereochemistry_target_values       'Engh & Huber' 
_refine.pdbx_stereochem_target_val_spec_case     ? 
_refine.pdbx_R_Free_selection_details            RANDOM 
_refine.pdbx_overall_ESU_R_Free                  ? 
_refine.overall_SU_ML                            ? 
_refine.pdbx_overall_phase_error                 ? 
_refine.overall_SU_B                             ? 
_refine.overall_SU_R_Cruickshank_DPI             ? 
_refine.ls_redundancy_reflns_obs                 ? 
_refine.B_iso_min                                ? 
_refine.B_iso_max                                ? 
_refine.overall_SU_R_free                        ? 
_refine.ls_wR_factor_R_free                      ? 
_refine.ls_wR_factor_R_work                      ? 
_refine.overall_FOM_free_R_set                   ? 
_refine.overall_FOM_work_R_set                   ? 
_refine.pdbx_diffrn_id                           1 
_refine.pdbx_refine_id                           'X-RAY DIFFRACTION' 
_refine.pdbx_overall_ESU_R                       ? 
_refine.pdbx_TLS_residual_ADP_flag               ? 
_refine.pdbx_overall_SU_R_free_Cruickshank_DPI   ? 
_refine.pdbx_overall_SU_R_Blow_DPI               ? 
_refine.pdbx_overall_SU_R_free_Blow_DPI          ? 
# 
_refine_analyze.entry_id                        3B0S 
_refine_analyze.Luzzati_coordinate_error_obs    ? 
_refine_analyze.Luzzati_sigma_a_obs             ? 
_refine_analyze.Luzzati_d_res_low_obs           ? 
_refine_analyze.Luzzati_coordinate_error_free   ? 
_refine_analyze.Luzzati_sigma_a_free            ? 
_refine_analyze.Luzzati_d_res_low_free          ? 
_refine_analyze.number_disordered_residues      5 
_refine_analyze.occupancy_sum_hydrogen          0.00 
_refine_analyze.occupancy_sum_non_hydrogen      1385.00 
_refine_analyze.pdbx_Luzzati_d_res_high_obs     ? 
_refine_analyze.pdbx_refine_id                  'X-RAY DIFFRACTION' 
# 
_refine_hist.pdbx_refine_id                   'X-RAY DIFFRACTION' 
_refine_hist.cycle_id                         LAST 
_refine_hist.pdbx_number_atoms_protein        1030 
_refine_hist.pdbx_number_atoms_nucleic_acid   0 
_refine_hist.pdbx_number_atoms_ligand         0 
_refine_hist.number_atoms_solvent             359 
_refine_hist.number_atoms_total               1389 
_refine_hist.d_res_high                       1.45 
_refine_hist.d_res_low                        8.00 
# 
loop_
_refine_ls_restr.type 
_refine_ls_restr.dev_ideal 
_refine_ls_restr.dev_ideal_target 
_refine_ls_restr.weight 
_refine_ls_restr.number 
_refine_ls_restr.pdbx_restraint_function 
_refine_ls_restr.pdbx_refine_id 
s_bond_d               0.006  ? ? ? ? 'X-RAY DIFFRACTION' 
s_angle_d              0.018  ? ? ? ? 'X-RAY DIFFRACTION' 
s_similar_dist         0.000  ? ? ? ? 'X-RAY DIFFRACTION' 
s_from_restr_planes    0.0290 ? ? ? ? 'X-RAY DIFFRACTION' 
s_zero_chiral_vol      0.038  ? ? ? ? 'X-RAY DIFFRACTION' 
s_non_zero_chiral_vol  0.033  ? ? ? ? 'X-RAY DIFFRACTION' 
s_anti_bump_dis_restr  0.004  ? ? ? ? 'X-RAY DIFFRACTION' 
s_rigid_bond_adp_cmpnt 0.000  ? ? ? ? 'X-RAY DIFFRACTION' 
s_similar_adp_cmpnt    0.062  ? ? ? ? 'X-RAY DIFFRACTION' 
s_approx_iso_adps      0.000  ? ? ? ? 'X-RAY DIFFRACTION' 
# 
loop_
_refine_ls_shell.pdbx_refine_id 
_refine_ls_shell.pdbx_total_number_of_bins_used 
_refine_ls_shell.d_res_high 
_refine_ls_shell.d_res_low 
_refine_ls_shell.number_reflns_R_work 
_refine_ls_shell.R_factor_R_work 
_refine_ls_shell.percent_reflns_obs 
_refine_ls_shell.R_factor_R_free 
_refine_ls_shell.R_factor_R_free_error 
_refine_ls_shell.percent_reflns_R_free 
_refine_ls_shell.number_reflns_R_free 
_refine_ls_shell.number_reflns_all 
_refine_ls_shell.R_factor_all 
_refine_ls_shell.number_reflns_obs 
_refine_ls_shell.redundancy_reflns_obs 
'X-RAY DIFFRACTION' 2 1.45 1.52 . 0.174 . . . . . . . 814 . 
'X-RAY DIFFRACTION' 2 1.52 1.61 . 0.149 . . . . . . . 782 . 
'X-RAY DIFFRACTION' 2 1.61 1.72 . 0.149 . . . . . . . 802 . 
'X-RAY DIFFRACTION' 2 1.72 1.85 . 0.148 . . . . . . . 760 . 
'X-RAY DIFFRACTION' 2 1.85 2.02 . 0.137 . . . . . . . 802 . 
'X-RAY DIFFRACTION' 2 2.02 2.17 . 0.142 . . . . . . . 802 . 
'X-RAY DIFFRACTION' 2 2.17 2.35 . 0.129 . . . . . . . 773 . 
'X-RAY DIFFRACTION' 2 2.35 2.66 . 0.131 . . . . . . . 777 . 
'X-RAY DIFFRACTION' 2 2.66 3.38 . 0.153 . . . . . . . 790 . 
# 
_pdbx_refine.pdbx_refine_id                              'X-RAY DIFFRACTION' 
_pdbx_refine.entry_id                                    3B0S 
_pdbx_refine.R_factor_all_no_cutoff                      ? 
_pdbx_refine.R_factor_obs_no_cutoff                      0.1695 
_pdbx_refine.free_R_factor_no_cutoff                     ? 
_pdbx_refine.free_R_error_no_cutoff                      ? 
_pdbx_refine.free_R_val_test_set_size_perc_no_cutoff     ? 
_pdbx_refine.free_R_val_test_set_ct_no_cutoff            ? 
_pdbx_refine.R_factor_all_4sig_cutoff                    ? 
_pdbx_refine.R_factor_obs_4sig_cutoff                    0.1604 
_pdbx_refine.free_R_factor_4sig_cutoff                   0.226 
_pdbx_refine.free_R_val_test_set_size_perc_4sig_cutoff   ? 
_pdbx_refine.free_R_val_test_set_ct_4sig_cutoff          365 
_pdbx_refine.number_reflns_obs_4sig_cutoff               7726 
# 
_struct.entry_id                  3B0S 
_struct.title                     'Crystal Structure of (Gly-Pro-Hyp)9' 
_struct.pdbx_model_details        ? 
_struct.pdbx_CASP_flag            ? 
_struct.pdbx_model_type_details   ? 
# 
_struct_keywords.entry_id        3B0S 
_struct_keywords.pdbx_keywords   'STRUCTURAL PROTEIN' 
_struct_keywords.text            'collagen, triple helix, STRUCTURAL PROTEIN' 
# 
loop_
_struct_asym.id 
_struct_asym.pdbx_blank_PDB_chainid_flag 
_struct_asym.pdbx_modified 
_struct_asym.entity_id 
_struct_asym.details 
A N N 1 ? 
B N N 1 ? 
C N N 1 ? 
D N N 1 ? 
E N N 1 ? 
F N N 1 ? 
G N N 2 ? 
H N N 2 ? 
I N N 2 ? 
J N N 2 ? 
K N N 2 ? 
L N N 2 ? 
# 
_struct_biol.id        1 
_struct_biol.details   ? 
# 
loop_
_struct_conn.id 
_struct_conn.conn_type_id 
_struct_conn.pdbx_leaving_atom_flag 
_struct_conn.pdbx_PDB_id 
_struct_conn.ptnr1_label_asym_id 
_struct_conn.ptnr1_label_comp_id 
_struct_conn.ptnr1_label_seq_id 
_struct_conn.ptnr1_label_atom_id 
_struct_conn.pdbx_ptnr1_label_alt_id 
_struct_conn.pdbx_ptnr1_PDB_ins_code 
_struct_conn.pdbx_ptnr1_standard_comp_id 
_struct_conn.ptnr1_symmetry 
_struct_conn.ptnr2_label_asym_id 
_struct_conn.ptnr2_label_comp_id 
_struct_conn.ptnr2_label_seq_id 
_struct_conn.ptnr2_label_atom_id 
_struct_conn.pdbx_ptnr2_label_alt_id 
_struct_conn.pdbx_ptnr2_PDB_ins_code 
_struct_conn.ptnr1_auth_asym_id 
_struct_conn.ptnr1_auth_comp_id 
_struct_conn.ptnr1_auth_seq_id 
_struct_conn.ptnr2_auth_asym_id 
_struct_conn.ptnr2_auth_comp_id 
_struct_conn.ptnr2_auth_seq_id 
_struct_conn.ptnr2_symmetry 
_struct_conn.pdbx_ptnr3_label_atom_id 
_struct_conn.pdbx_ptnr3_label_seq_id 
_struct_conn.pdbx_ptnr3_label_comp_id 
_struct_conn.pdbx_ptnr3_label_asym_id 
_struct_conn.pdbx_ptnr3_label_alt_id 
_struct_conn.pdbx_ptnr3_PDB_ins_code 
_struct_conn.details 
_struct_conn.pdbx_dist_value 
_struct_conn.pdbx_value_order 
_struct_conn.pdbx_role 
covale1   covale both ? A PRO 2  C ? ? ? 1_555 A HYP 3  N ? ? A PRO 2  A HYP 3  1_555 ? ? ? ? ? ? ? 1.323 ? ? 
covale2   covale both ? A HYP 3  C ? ? ? 1_555 A GLY 4  N ? ? A HYP 3  A GLY 4  1_555 ? ? ? ? ? ? ? 1.329 ? ? 
covale3   covale both ? A PRO 5  C ? ? ? 1_555 A HYP 6  N ? ? A PRO 5  A HYP 6  1_555 ? ? ? ? ? ? ? 1.324 ? ? 
covale4   covale both ? A HYP 6  C ? ? ? 1_555 A GLY 7  N ? ? A HYP 6  A GLY 7  1_555 ? ? ? ? ? ? ? 1.330 ? ? 
covale5   covale both ? A PRO 8  C ? ? ? 1_555 A HYP 9  N ? ? A PRO 8  A HYP 9  1_555 ? ? ? ? ? ? ? 1.325 ? ? 
covale6   covale both ? A HYP 9  C ? ? ? 1_555 A GLY 10 N ? ? A HYP 9  A GLY 10 1_555 ? ? ? ? ? ? ? 1.334 ? ? 
covale7   covale both ? A PRO 11 C ? ? ? 1_555 A HYP 12 N ? ? A PRO 11 A HYP 12 1_555 ? ? ? ? ? ? ? 1.331 ? ? 
covale8   covale both ? A HYP 12 C ? ? ? 1_555 A GLY 13 N ? ? A HYP 12 A GLY 13 1_555 ? ? ? ? ? ? ? 1.326 ? ? 
covale9   covale both ? A PRO 14 C ? ? ? 1_555 A HYP 15 N ? ? A PRO 14 A HYP 15 1_555 ? ? ? ? ? ? ? 1.319 ? ? 
covale10  covale both ? A HYP 15 C ? ? ? 1_555 A GLY 16 N ? ? A HYP 15 A GLY 16 1_555 ? ? ? ? ? ? ? 1.324 ? ? 
covale11  covale both ? A PRO 17 C ? ? ? 1_555 A HYP 18 N ? ? A PRO 17 A HYP 18 1_555 ? ? ? ? ? ? ? 1.335 ? ? 
covale12  covale both ? A HYP 18 C ? ? ? 1_555 A GLY 19 N ? ? A HYP 18 A GLY 19 1_555 ? ? ? ? ? ? ? 1.324 ? ? 
covale13  covale both ? A PRO 20 C ? ? ? 1_555 A HYP 21 N ? ? A PRO 20 A HYP 21 1_555 ? ? ? ? ? ? ? 1.326 ? ? 
covale14  covale both ? A HYP 21 C ? ? ? 1_555 A GLY 22 N ? ? A HYP 21 A GLY 22 1_555 ? ? ? ? ? ? ? 1.334 ? ? 
covale15  covale both ? A PRO 23 C ? ? ? 1_555 A HYP 24 N ? ? A PRO 23 A HYP 24 1_555 ? ? ? ? ? ? ? 1.329 ? ? 
covale16  covale both ? A HYP 24 C ? ? ? 1_555 A GLY 25 N ? ? A HYP 24 A GLY 25 1_555 ? ? ? ? ? ? ? 1.334 ? ? 
covale17  covale both ? A PRO 26 C ? ? ? 1_555 A HYP 27 N ? ? A PRO 26 A HYP 27 1_555 ? ? ? ? ? ? ? 1.331 ? ? 
covale18  covale both ? B PRO 2  C ? ? ? 1_555 B HYP 3  N ? ? B PRO 2  B HYP 3  1_555 ? ? ? ? ? ? ? 1.322 ? ? 
covale19  covale both ? B HYP 3  C ? ? ? 1_555 B GLY 4  N ? ? B HYP 3  B GLY 4  1_555 ? ? ? ? ? ? ? 1.322 ? ? 
covale20  covale both ? B PRO 5  C ? ? ? 1_555 B HYP 6  N ? ? B PRO 5  B HYP 6  1_555 ? ? ? ? ? ? ? 1.322 ? ? 
covale21  covale both ? B HYP 6  C ? ? ? 1_555 B GLY 7  N ? ? B HYP 6  B GLY 7  1_555 ? ? ? ? ? ? ? 1.331 ? ? 
covale22  covale both ? B PRO 8  C ? ? ? 1_555 B HYP 9  N ? ? B PRO 8  B HYP 9  1_555 ? ? ? ? ? ? ? 1.316 ? ? 
covale23  covale both ? B HYP 9  C ? ? ? 1_555 B GLY 10 N ? ? B HYP 9  B GLY 10 1_555 ? ? ? ? ? ? ? 1.325 ? ? 
covale24  covale both ? B PRO 11 C ? ? ? 1_555 B HYP 12 N ? ? B PRO 11 B HYP 12 1_555 ? ? ? ? ? ? ? 1.325 ? ? 
covale25  covale both ? B HYP 12 C ? ? ? 1_555 B GLY 13 N ? ? B HYP 12 B GLY 13 1_555 ? ? ? ? ? ? ? 1.336 ? ? 
covale26  covale both ? B PRO 14 C ? ? ? 1_555 B HYP 15 N ? ? B PRO 14 B HYP 15 1_555 ? ? ? ? ? ? ? 1.327 ? ? 
covale27  covale both ? B HYP 15 C ? ? ? 1_555 B GLY 16 N ? ? B HYP 15 B GLY 16 1_555 ? ? ? ? ? ? ? 1.339 ? ? 
covale28  covale both ? B PRO 17 C ? ? ? 1_555 B HYP 18 N ? ? B PRO 17 B HYP 18 1_555 ? ? ? ? ? ? ? 1.330 ? ? 
covale29  covale both ? B HYP 18 C ? ? ? 1_555 B GLY 19 N ? ? B HYP 18 B GLY 19 1_555 ? ? ? ? ? ? ? 1.337 ? ? 
covale30  covale both ? B PRO 20 C ? ? ? 1_555 B HYP 21 N ? ? B PRO 20 B HYP 21 1_555 ? ? ? ? ? ? ? 1.324 ? ? 
covale31  covale both ? B HYP 21 C ? ? ? 1_555 B GLY 22 N ? ? B HYP 21 B GLY 22 1_555 ? ? ? ? ? ? ? 1.337 ? ? 
covale32  covale both ? B PRO 23 C ? ? ? 1_555 B HYP 24 N ? ? B PRO 23 B HYP 24 1_555 ? ? ? ? ? ? ? 1.329 ? ? 
covale33  covale both ? B HYP 24 C ? ? ? 1_555 B GLY 25 N ? ? B HYP 24 B GLY 25 1_555 ? ? ? ? ? ? ? 1.327 ? ? 
covale34  covale both ? B PRO 26 C ? ? ? 1_555 B HYP 27 N ? ? B PRO 26 B HYP 27 1_555 ? ? ? ? ? ? ? 1.323 ? ? 
covale35  covale both ? C PRO 2  C ? ? ? 1_555 C HYP 3  N ? ? C PRO 2  C HYP 3  1_555 ? ? ? ? ? ? ? 1.329 ? ? 
covale36  covale both ? C HYP 3  C ? ? ? 1_555 C GLY 4  N ? ? C HYP 3  C GLY 4  1_555 ? ? ? ? ? ? ? 1.331 ? ? 
covale37  covale both ? C PRO 5  C ? ? ? 1_555 C HYP 6  N ? ? C PRO 5  C HYP 6  1_555 ? ? ? ? ? ? ? 1.326 ? ? 
covale38  covale both ? C HYP 6  C ? ? ? 1_555 C GLY 7  N ? ? C HYP 6  C GLY 7  1_555 ? ? ? ? ? ? ? 1.331 ? ? 
covale39  covale both ? C PRO 8  C ? ? ? 1_555 C HYP 9  N ? ? C PRO 8  C HYP 9  1_555 ? ? ? ? ? ? ? 1.326 ? ? 
covale40  covale both ? C HYP 9  C ? ? ? 1_555 C GLY 10 N ? ? C HYP 9  C GLY 10 1_555 ? ? ? ? ? ? ? 1.334 ? ? 
covale41  covale both ? C PRO 11 C ? ? ? 1_555 C HYP 12 N ? ? C PRO 11 C HYP 12 1_555 ? ? ? ? ? ? ? 1.326 ? ? 
covale42  covale both ? C HYP 12 C ? ? ? 1_555 C GLY 13 N ? ? C HYP 12 C GLY 13 1_555 ? ? ? ? ? ? ? 1.324 ? ? 
covale43  covale both ? C PRO 14 C ? ? ? 1_555 C HYP 15 N ? ? C PRO 14 C HYP 15 1_555 ? ? ? ? ? ? ? 1.326 ? ? 
covale44  covale both ? C HYP 15 C ? ? ? 1_555 C GLY 16 N ? ? C HYP 15 C GLY 16 1_555 ? ? ? ? ? ? ? 1.332 ? ? 
covale45  covale both ? C PRO 17 C ? ? ? 1_555 C HYP 18 N ? ? C PRO 17 C HYP 18 1_555 ? ? ? ? ? ? ? 1.324 ? ? 
covale46  covale both ? C HYP 18 C ? ? ? 1_555 C GLY 19 N ? ? C HYP 18 C GLY 19 1_555 ? ? ? ? ? ? ? 1.322 ? ? 
covale47  covale both ? C PRO 20 C ? ? ? 1_555 C HYP 21 N ? ? C PRO 20 C HYP 21 1_555 ? ? ? ? ? ? ? 1.334 ? ? 
covale48  covale both ? C HYP 21 C ? ? ? 1_555 C GLY 22 N ? ? C HYP 21 C GLY 22 1_555 ? ? ? ? ? ? ? 1.334 ? ? 
covale49  covale both ? C PRO 23 C ? ? ? 1_555 C HYP 24 N ? ? C PRO 23 C HYP 24 1_555 ? ? ? ? ? ? ? 1.326 ? ? 
covale50  covale both ? C HYP 24 C ? ? ? 1_555 C GLY 25 N ? ? C HYP 24 C GLY 25 1_555 ? ? ? ? ? ? ? 1.333 ? ? 
covale51  covale both ? C PRO 26 C ? ? ? 1_555 C HYP 27 N ? ? C PRO 26 C HYP 27 1_555 ? ? ? ? ? ? ? 1.324 ? ? 
covale52  covale both ? D PRO 2  C ? ? ? 1_555 D HYP 3  N ? ? D PRO 2  D HYP 3  1_555 ? ? ? ? ? ? ? 1.330 ? ? 
covale53  covale both ? D HYP 3  C ? ? ? 1_555 D GLY 4  N ? ? D HYP 3  D GLY 4  1_555 ? ? ? ? ? ? ? 1.332 ? ? 
covale54  covale both ? D PRO 5  C ? ? ? 1_555 D HYP 6  N ? ? D PRO 5  D HYP 6  1_555 ? ? ? ? ? ? ? 1.324 ? ? 
covale55  covale both ? D HYP 6  C ? ? ? 1_555 D GLY 7  N ? ? D HYP 6  D GLY 7  1_555 ? ? ? ? ? ? ? 1.333 ? ? 
covale56  covale both ? D PRO 8  C ? ? ? 1_555 D HYP 9  N ? ? D PRO 8  D HYP 9  1_555 ? ? ? ? ? ? ? 1.326 ? ? 
covale57  covale both ? D HYP 9  C ? ? ? 1_555 D GLY 10 N ? ? D HYP 9  D GLY 10 1_555 ? ? ? ? ? ? ? 1.337 ? ? 
covale58  covale both ? D PRO 11 C ? ? ? 1_555 D HYP 12 N ? ? D PRO 11 D HYP 12 1_555 ? ? ? ? ? ? ? 1.322 ? ? 
covale59  covale both ? D HYP 12 C ? ? ? 1_555 D GLY 13 N ? ? D HYP 12 D GLY 13 1_555 ? ? ? ? ? ? ? 1.338 ? ? 
covale60  covale both ? D PRO 14 C ? ? ? 1_555 D HYP 15 N ? ? D PRO 14 D HYP 15 1_555 ? ? ? ? ? ? ? 1.321 ? ? 
covale61  covale both ? D HYP 15 C ? ? ? 1_555 D GLY 16 N ? ? D HYP 15 D GLY 16 1_555 ? ? ? ? ? ? ? 1.335 ? ? 
covale62  covale both ? D PRO 17 C ? ? ? 1_555 D HYP 18 N ? ? D PRO 17 D HYP 18 1_555 ? ? ? ? ? ? ? 1.328 ? ? 
covale63  covale both ? D HYP 18 C ? ? ? 1_555 D GLY 19 N ? ? D HYP 18 D GLY 19 1_555 ? ? ? ? ? ? ? 1.322 ? ? 
covale64  covale both ? D PRO 20 C ? ? ? 1_555 D HYP 21 N ? ? D PRO 20 D HYP 21 1_555 ? ? ? ? ? ? ? 1.333 ? ? 
covale65  covale both ? D HYP 21 C ? ? ? 1_555 D GLY 22 N ? ? D HYP 21 D GLY 22 1_555 ? ? ? ? ? ? ? 1.327 ? ? 
covale66  covale both ? D PRO 23 C ? ? ? 1_555 D HYP 24 N ? ? D PRO 23 D HYP 24 1_555 ? ? ? ? ? ? ? 1.327 ? ? 
covale67  covale both ? D HYP 24 C ? ? ? 1_555 D GLY 25 N ? ? D HYP 24 D GLY 25 1_555 ? ? ? ? ? ? ? 1.330 ? ? 
covale68  covale both ? D PRO 26 C ? ? ? 1_555 D HYP 27 N ? ? D PRO 26 D HYP 27 1_555 ? ? ? ? ? ? ? 1.324 ? ? 
covale69  covale both ? E PRO 2  C A ? ? 1_555 E HYP 3  N A ? E PRO 2  E HYP 3  1_555 ? ? ? ? ? ? ? 1.324 ? ? 
covale70  covale both ? E PRO 2  C B ? ? 1_555 E HYP 3  N B ? E PRO 2  E HYP 3  1_555 ? ? ? ? ? ? ? 1.328 ? ? 
covale71  covale both ? E HYP 3  C A ? ? 1_555 E GLY 4  N A ? E HYP 3  E GLY 4  1_555 ? ? ? ? ? ? ? 1.329 ? ? 
covale72  covale both ? E HYP 3  C B ? ? 1_555 E GLY 4  N B ? E HYP 3  E GLY 4  1_555 ? ? ? ? ? ? ? 1.330 ? ? 
covale73  covale both ? E PRO 5  C A ? ? 1_555 E HYP 6  N A ? E PRO 5  E HYP 6  1_555 ? ? ? ? ? ? ? 1.328 ? ? 
covale74  covale both ? E PRO 5  C B ? ? 1_555 E HYP 6  N B ? E PRO 5  E HYP 6  1_555 ? ? ? ? ? ? ? 1.323 ? ? 
covale75  covale both ? E HYP 6  C A ? ? 1_555 E GLY 7  N A ? E HYP 6  E GLY 7  1_555 ? ? ? ? ? ? ? 1.330 ? ? 
covale76  covale both ? E HYP 6  C B ? ? 1_555 E GLY 7  N B ? E HYP 6  E GLY 7  1_555 ? ? ? ? ? ? ? 1.327 ? ? 
covale77  covale both ? E PRO 8  C A ? ? 1_555 E HYP 9  N A ? E PRO 8  E HYP 9  1_555 ? ? ? ? ? ? ? 1.323 ? ? 
covale78  covale both ? E PRO 8  C B ? ? 1_555 E HYP 9  N B ? E PRO 8  E HYP 9  1_555 ? ? ? ? ? ? ? 1.329 ? ? 
covale79  covale both ? E HYP 9  C A ? ? 1_555 E GLY 10 N A ? E HYP 9  E GLY 10 1_555 ? ? ? ? ? ? ? 1.327 ? ? 
covale80  covale both ? E HYP 9  C B ? ? 1_555 E GLY 10 N B ? E HYP 9  E GLY 10 1_555 ? ? ? ? ? ? ? 1.332 ? ? 
covale81  covale both ? E PRO 11 C A ? ? 1_555 E HYP 12 N A ? E PRO 11 E HYP 12 1_555 ? ? ? ? ? ? ? 1.329 ? ? 
covale82  covale both ? E PRO 11 C B ? ? 1_555 E HYP 12 N B ? E PRO 11 E HYP 12 1_555 ? ? ? ? ? ? ? 1.309 ? ? 
covale83  covale both ? E HYP 12 C A ? ? 1_555 E GLY 13 N A ? E HYP 12 E GLY 13 1_555 ? ? ? ? ? ? ? 1.332 ? ? 
covale84  covale both ? E HYP 12 C B ? ? 1_555 E GLY 13 N B ? E HYP 12 E GLY 13 1_555 ? ? ? ? ? ? ? 1.331 ? ? 
covale85  covale both ? E PRO 14 C A ? ? 1_555 E HYP 15 N A ? E PRO 14 E HYP 15 1_555 ? ? ? ? ? ? ? 1.309 ? ? 
covale86  covale both ? E PRO 14 C B ? ? 1_555 E HYP 15 N B ? E PRO 14 E HYP 15 1_555 ? ? ? ? ? ? ? 1.332 ? ? 
covale87  covale both ? E HYP 15 C A ? ? 1_555 E GLY 16 N A ? E HYP 15 E GLY 16 1_555 ? ? ? ? ? ? ? 1.331 ? ? 
covale88  covale both ? E HYP 15 C B ? ? 1_555 E GLY 16 N B ? E HYP 15 E GLY 16 1_555 ? ? ? ? ? ? ? 1.332 ? ? 
covale89  covale both ? E PRO 17 C A ? ? 1_555 E HYP 18 N A ? E PRO 17 E HYP 18 1_555 ? ? ? ? ? ? ? 1.332 ? ? 
covale90  covale both ? E PRO 17 C B ? ? 1_555 E HYP 18 N B ? E PRO 17 E HYP 18 1_555 ? ? ? ? ? ? ? 1.331 ? ? 
covale91  covale both ? E HYP 18 C A ? ? 1_555 E GLY 19 N A ? E HYP 18 E GLY 19 1_555 ? ? ? ? ? ? ? 1.332 ? ? 
covale92  covale both ? E HYP 18 C B ? ? 1_555 E GLY 19 N B ? E HYP 18 E GLY 19 1_555 ? ? ? ? ? ? ? 1.332 ? ? 
covale93  covale both ? E PRO 20 C A ? ? 1_555 E HYP 21 N A ? E PRO 20 E HYP 21 1_555 ? ? ? ? ? ? ? 1.331 ? ? 
covale94  covale both ? E PRO 20 C B ? ? 1_555 E HYP 21 N B ? E PRO 20 E HYP 21 1_555 ? ? ? ? ? ? ? 1.331 ? ? 
covale95  covale both ? E HYP 21 C A ? ? 1_555 E GLY 22 N A ? E HYP 21 E GLY 22 1_555 ? ? ? ? ? ? ? 1.332 ? ? 
covale96  covale both ? E HYP 21 C B ? ? 1_555 E GLY 22 N B ? E HYP 21 E GLY 22 1_555 ? ? ? ? ? ? ? 1.328 ? ? 
covale97  covale both ? E PRO 23 C A ? ? 1_555 E HYP 24 N A ? E PRO 23 E HYP 24 1_555 ? ? ? ? ? ? ? 1.331 ? ? 
covale98  covale both ? E PRO 23 C B ? ? 1_555 E HYP 24 N B ? E PRO 23 E HYP 24 1_555 ? ? ? ? ? ? ? 1.328 ? ? 
covale99  covale both ? E HYP 24 C A ? ? 1_555 E GLY 25 N A ? E HYP 24 E GLY 25 1_555 ? ? ? ? ? ? ? 1.328 ? ? 
covale100 covale both ? E HYP 24 C B ? ? 1_555 E GLY 25 N B ? E HYP 24 E GLY 25 1_555 ? ? ? ? ? ? ? 1.338 ? ? 
covale101 covale both ? E PRO 26 C A ? ? 1_555 E HYP 27 N A ? E PRO 26 E HYP 27 1_555 ? ? ? ? ? ? ? 1.328 ? ? 
covale102 covale both ? F PRO 2  C ? ? ? 1_555 F HYP 3  N ? ? F PRO 2  F HYP 3  1_555 ? ? ? ? ? ? ? 1.322 ? ? 
covale103 covale both ? F HYP 3  C ? ? ? 1_555 F GLY 4  N ? ? F HYP 3  F GLY 4  1_555 ? ? ? ? ? ? ? 1.333 ? ? 
covale104 covale both ? F PRO 5  C ? ? ? 1_555 F HYP 6  N ? ? F PRO 5  F HYP 6  1_555 ? ? ? ? ? ? ? 1.330 ? ? 
covale105 covale both ? F HYP 6  C ? ? ? 1_555 F GLY 7  N ? ? F HYP 6  F GLY 7  1_555 ? ? ? ? ? ? ? 1.335 ? ? 
covale106 covale both ? F PRO 8  C ? ? ? 1_555 F HYP 9  N ? ? F PRO 8  F HYP 9  1_555 ? ? ? ? ? ? ? 1.325 ? ? 
covale107 covale both ? F HYP 9  C ? ? ? 1_555 F GLY 10 N ? ? F HYP 9  F GLY 10 1_555 ? ? ? ? ? ? ? 1.337 ? ? 
covale108 covale both ? F PRO 11 C ? ? ? 1_555 F HYP 12 N ? ? F PRO 11 F HYP 12 1_555 ? ? ? ? ? ? ? 1.324 ? ? 
covale109 covale both ? F HYP 12 C ? ? ? 1_555 F GLY 13 N ? ? F HYP 12 F GLY 13 1_555 ? ? ? ? ? ? ? 1.319 ? ? 
covale110 covale both ? F PRO 14 C ? ? ? 1_555 F HYP 15 N ? ? F PRO 14 F HYP 15 1_555 ? ? ? ? ? ? ? 1.333 ? ? 
covale111 covale both ? F HYP 15 C ? ? ? 1_555 F GLY 16 N ? ? F HYP 15 F GLY 16 1_555 ? ? ? ? ? ? ? 1.322 ? ? 
covale112 covale both ? F PRO 17 C ? ? ? 1_555 F HYP 18 N ? ? F PRO 17 F HYP 18 1_555 ? ? ? ? ? ? ? 1.321 ? ? 
covale113 covale both ? F HYP 18 C ? ? ? 1_555 F GLY 19 N ? ? F HYP 18 F GLY 19 1_555 ? ? ? ? ? ? ? 1.328 ? ? 
covale114 covale both ? F PRO 20 C ? ? ? 1_555 F HYP 21 N ? ? F PRO 20 F HYP 21 1_555 ? ? ? ? ? ? ? 1.323 ? ? 
covale115 covale both ? F HYP 21 C ? ? ? 1_555 F GLY 22 N ? ? F HYP 21 F GLY 22 1_555 ? ? ? ? ? ? ? 1.329 ? ? 
covale116 covale both ? F PRO 23 C ? ? ? 1_555 F HYP 24 N ? ? F PRO 23 F HYP 24 1_555 ? ? ? ? ? ? ? 1.332 ? ? 
covale117 covale both ? F HYP 24 C ? ? ? 1_555 F GLY 25 N ? ? F HYP 24 F GLY 25 1_555 ? ? ? ? ? ? ? 1.335 ? ? 
covale118 covale both ? F PRO 26 C ? ? ? 1_555 F HYP 27 N ? ? F PRO 26 F HYP 27 1_555 ? ? ? ? ? ? ? 1.328 ? ? 
# 
_struct_conn_type.id          covale 
_struct_conn_type.criteria    ? 
_struct_conn_type.reference   ? 
# 
_atom_sites.entry_id                    3B0S 
_atom_sites.fract_transf_matrix[1][1]   -0.00921234 
_atom_sites.fract_transf_matrix[1][2]   -0.02727581 
_atom_sites.fract_transf_matrix[1][3]   -0.01835878 
_atom_sites.fract_transf_matrix[2][1]   0.03652793 
_atom_sites.fract_transf_matrix[2][2]   -0.01111620 
_atom_sites.fract_transf_matrix[2][3]   -0.00181409 
_atom_sites.fract_transf_matrix[3][1]   -0.00173388 
_atom_sites.fract_transf_matrix[3][2]   -0.00749449 
_atom_sites.fract_transf_matrix[3][3]   0.01101112 
_atom_sites.fract_transf_vector[1]      0.262368 
_atom_sites.fract_transf_vector[2]      0.207942 
_atom_sites.fract_transf_vector[3]      0.001482 
# 
loop_
_atom_type.symbol 
C 
N 
O 
# 
loop_
_atom_site.group_PDB 
_atom_site.id 
_atom_site.type_symbol 
_atom_site.label_atom_id 
_atom_site.label_alt_id 
_atom_site.label_comp_id 
_atom_site.label_asym_id 
_atom_site.label_entity_id 
_atom_site.label_seq_id 
_atom_site.pdbx_PDB_ins_code 
_atom_site.Cartn_x 
_atom_site.Cartn_y 
_atom_site.Cartn_z 
_atom_site.occupancy 
_atom_site.B_iso_or_equiv 
_atom_site.pdbx_formal_charge 
_atom_site.auth_seq_id 
_atom_site.auth_comp_id 
_atom_site.auth_asym_id 
_atom_site.auth_atom_id 
_atom_site.pdbx_PDB_model_num 
ATOM   1    N N   . GLY A 1 1  ? -7.754  11.036  -34.549 1.00 23.15 ? 1   GLY A N   1 
ATOM   2    C CA  . GLY A 1 1  ? -7.123  9.880   -33.928 1.00 13.25 ? 1   GLY A CA  1 
ATOM   3    C C   . GLY A 1 1  ? -8.072  9.318   -32.878 1.00 11.65 ? 1   GLY A C   1 
ATOM   4    O O   . GLY A 1 1  ? -8.994  9.977   -32.410 1.00 19.75 ? 1   GLY A O   1 
ATOM   5    N N   . PRO A 1 2  ? -7.825  8.070   -32.522 1.00 16.11 ? 2   PRO A N   1 
ATOM   6    C CA  . PRO A 1 2  ? -8.640  7.409   -31.509 1.00 15.32 ? 2   PRO A CA  1 
ATOM   7    C C   . PRO A 1 2  ? -8.469  8.058   -30.141 1.00 17.01 ? 2   PRO A C   1 
ATOM   8    O O   . PRO A 1 2  ? -7.459  8.696   -29.821 1.00 11.35 ? 2   PRO A O   1 
ATOM   9    C CB  . PRO A 1 2  ? -8.065  5.995   -31.490 1.00 22.05 ? 2   PRO A CB  1 
ATOM   10   C CG  . PRO A 1 2  ? -6.693  6.104   -32.067 1.00 23.16 ? 2   PRO A CG  1 
ATOM   11   C CD  . PRO A 1 2  ? -6.752  7.224   -33.073 1.00 14.87 ? 2   PRO A CD  1 
HETATM 12   N N   . HYP A 1 3  ? -9.470  7.912   -29.289 1.00 11.65 ? 3   HYP A N   1 
HETATM 13   C CA  . HYP A 1 3  ? -9.266  8.362   -27.897 1.00 18.18 ? 3   HYP A CA  1 
HETATM 14   C C   . HYP A 1 3  ? -8.067  7.625   -27.310 1.00 18.76 ? 3   HYP A C   1 
HETATM 15   O O   . HYP A 1 3  ? -7.783  6.499   -27.726 1.00 11.08 ? 3   HYP A O   1 
HETATM 16   C CB  . HYP A 1 3  ? -10.585 7.999   -27.224 1.00 22.53 ? 3   HYP A CB  1 
HETATM 17   C CG  . HYP A 1 3  ? -11.582 7.991   -28.343 1.00 19.69 ? 3   HYP A CG  1 
HETATM 18   C CD  . HYP A 1 3  ? -10.823 7.376   -29.504 1.00 14.73 ? 3   HYP A CD  1 
HETATM 19   O OD1 . HYP A 1 3  ? -11.889 9.319   -28.696 1.00 27.43 ? 3   HYP A OD1 1 
ATOM   20   N N   . GLY A 1 4  ? -7.355  8.261   -26.385 1.00 17.10 ? 4   GLY A N   1 
ATOM   21   C CA  . GLY A 1 4  ? -6.142  7.704   -25.826 1.00 10.82 ? 4   GLY A CA  1 
ATOM   22   C C   . GLY A 1 4  ? -6.402  6.579   -24.848 1.00 20.39 ? 4   GLY A C   1 
ATOM   23   O O   . GLY A 1 4  ? -7.543  6.239   -24.543 1.00 16.00 ? 4   GLY A O   1 
ATOM   24   N N   . PRO A 1 5  ? -5.312  5.985   -24.376 1.00 15.77 ? 5   PRO A N   1 
ATOM   25   C CA  . PRO A 1 5  ? -5.347  4.957   -23.339 1.00 11.27 ? 5   PRO A CA  1 
ATOM   26   C C   . PRO A 1 5  ? -5.808  5.501   -21.992 1.00 10.73 ? 5   PRO A C   1 
ATOM   27   O O   . PRO A 1 5  ? -5.772  6.694   -21.728 1.00 9.10  ? 5   PRO A O   1 
ATOM   28   C CB  . PRO A 1 5  ? -3.872  4.540   -23.215 1.00 13.25 ? 5   PRO A CB  1 
ATOM   29   C CG  . PRO A 1 5  ? -3.268  4.947   -24.526 1.00 17.56 ? 5   PRO A CG  1 
ATOM   30   C CD  . PRO A 1 5  ? -3.945  6.254   -24.869 1.00 7.78  ? 5   PRO A CD  1 
HETATM 31   N N   . HYP A 1 6  ? -6.235  4.610   -21.111 1.00 8.68  ? 6   HYP A N   1 
HETATM 32   C CA  . HYP A 1 6  ? -6.551  4.978   -19.728 1.00 9.45  ? 6   HYP A CA  1 
HETATM 33   C C   . HYP A 1 6  ? -5.352  5.578   -19.001 1.00 11.71 ? 6   HYP A C   1 
HETATM 34   O O   . HYP A 1 6  ? -4.191  5.206   -19.223 1.00 7.62  ? 6   HYP A O   1 
HETATM 35   C CB  . HYP A 1 6  ? -6.926  3.633   -19.108 1.00 14.64 ? 6   HYP A CB  1 
HETATM 36   C CG  . HYP A 1 6  ? -7.374  2.800   -20.263 1.00 14.07 ? 6   HYP A CG  1 
HETATM 37   C CD  . HYP A 1 6  ? -6.451  3.183   -21.394 1.00 9.09  ? 6   HYP A CD  1 
HETATM 38   O OD1 . HYP A 1 6  ? -8.675  3.185   -20.652 1.00 12.34 ? 6   HYP A OD1 1 
ATOM   39   N N   . GLY A 1 7  ? -5.626  6.522   -18.104 1.00 10.95 ? 7   GLY A N   1 
ATOM   40   C CA  . GLY A 1 7  ? -4.589  7.072   -17.245 1.00 3.20  ? 7   GLY A CA  1 
ATOM   41   C C   . GLY A 1 7  ? -4.175  6.048   -16.198 1.00 9.02  ? 7   GLY A C   1 
ATOM   42   O O   . GLY A 1 7  ? -4.721  4.957   -16.070 1.00 7.91  ? 7   GLY A O   1 
ATOM   43   N N   . PRO A 1 8  ? -3.175  6.397   -15.397 1.00 8.83  ? 8   PRO A N   1 
ATOM   44   C CA  . PRO A 1 8  ? -2.680  5.473   -14.380 1.00 5.91  ? 8   PRO A CA  1 
ATOM   45   C C   . PRO A 1 8  ? -3.571  5.452   -13.148 1.00 4.63  ? 8   PRO A C   1 
ATOM   46   O O   . PRO A 1 8  ? -4.356  6.389   -12.955 1.00 6.13  ? 8   PRO A O   1 
ATOM   47   C CB  . PRO A 1 8  ? -1.325  6.096   -14.021 1.00 9.41  ? 8   PRO A CB  1 
ATOM   48   C CG  . PRO A 1 8  ? -1.414  7.536   -14.384 1.00 13.74 ? 8   PRO A CG  1 
ATOM   49   C CD  . PRO A 1 8  ? -2.479  7.692   -15.432 1.00 6.93  ? 8   PRO A CD  1 
HETATM 50   N N   . HYP A 1 9  ? -3.440  4.440   -12.302 1.00 5.67  ? 9   HYP A N   1 
HETATM 51   C CA  . HYP A 1 9  ? -4.180  4.447   -11.032 1.00 2.60  ? 9   HYP A CA  1 
HETATM 52   C C   . HYP A 1 9  ? -3.814  5.668   -10.211 1.00 4.92  ? 9   HYP A C   1 
HETATM 53   O O   . HYP A 1 9  ? -2.691  6.183   -10.216 1.00 5.11  ? 9   HYP A O   1 
HETATM 54   C CB  . HYP A 1 9  ? -3.695  3.198   -10.297 1.00 5.58  ? 9   HYP A CB  1 
HETATM 55   C CG  . HYP A 1 9  ? -3.113  2.325   -11.364 1.00 6.76  ? 9   HYP A CG  1 
HETATM 56   C CD  . HYP A 1 9  ? -2.588  3.249   -12.427 1.00 5.29  ? 9   HYP A CD  1 
HETATM 57   O OD1 . HYP A 1 9  ? -4.164  1.567   -11.919 1.00 5.04  ? 9   HYP A OD1 1 
ATOM   58   N N   . GLY A 1 10 ? -4.791  6.168   -9.454  1.00 4.79  ? 10  GLY A N   1 
ATOM   59   C CA  . GLY A 1 10 ? -4.440  7.191   -8.477  1.00 8.07  ? 10  GLY A CA  1 
ATOM   60   C C   . GLY A 1 10 ? -3.675  6.570   -7.315  1.00 3.15  ? 10  GLY A C   1 
ATOM   61   O O   . GLY A 1 10 ? -3.441  5.383   -7.207  1.00 3.77  ? 10  GLY A O   1 
ATOM   62   N N   . PRO A 1 11 ? -3.279  7.434   -6.399  1.00 4.95  ? 11  PRO A N   1 
ATOM   63   C CA  . PRO A 1 11 ? -2.465  6.963   -5.274  1.00 6.70  ? 11  PRO A CA  1 
ATOM   64   C C   . PRO A 1 11 ? -3.306  6.227   -4.248  1.00 8.19  ? 11  PRO A C   1 
ATOM   65   O O   . PRO A 1 11 ? -4.553  6.241   -4.273  1.00 1.73  ? 11  PRO A O   1 
ATOM   66   C CB  . PRO A 1 11 ? -1.919  8.297   -4.735  1.00 9.76  ? 11  PRO A CB  1 
ATOM   67   C CG  . PRO A 1 11 ? -3.047  9.265   -4.963  1.00 6.00  ? 11  PRO A CG  1 
ATOM   68   C CD  . PRO A 1 11 ? -3.585  8.874   -6.320  1.00 6.21  ? 11  PRO A CD  1 
HETATM 69   N N   . HYP A 1 12 ? -2.647  5.567   -3.300  1.00 3.70  ? 12  HYP A N   1 
HETATM 70   C CA  . HYP A 1 12 ? -3.352  4.915   -2.207  1.00 3.31  ? 12  HYP A CA  1 
HETATM 71   C C   . HYP A 1 12 ? -4.141  5.941   -1.396  1.00 2.08  ? 12  HYP A C   1 
HETATM 72   O O   . HYP A 1 12 ? -3.770  7.114   -1.351  1.00 3.85  ? 12  HYP A O   1 
HETATM 73   C CB  . HYP A 1 12 ? -2.234  4.316   -1.368  1.00 2.48  ? 12  HYP A CB  1 
HETATM 74   C CG  . HYP A 1 12 ? -1.054  4.202   -2.281  1.00 3.45  ? 12  HYP A CG  1 
HETATM 75   C CD  . HYP A 1 12 ? -1.176  5.389   -3.201  1.00 6.57  ? 12  HYP A CD  1 
HETATM 76   O OD1 . HYP A 1 12 ? -1.209  3.024   -3.048  1.00 7.48  ? 12  HYP A OD1 1 
ATOM   77   N N   . GLY A 1 13 ? -5.224  5.458   -0.802  1.00 3.28  ? 13  GLY A N   1 
ATOM   78   C CA  . GLY A 1 13 ? -6.082  6.255   0.025   1.00 4.13  ? 13  GLY A CA  1 
ATOM   79   C C   . GLY A 1 13 ? -5.433  6.745   1.302   1.00 5.17  ? 13  GLY A C   1 
ATOM   80   O O   . GLY A 1 13 ? -4.284  6.435   1.618   1.00 4.59  ? 13  GLY A O   1 
ATOM   81   N N   . PRO A 1 14 ? -6.187  7.498   2.085   1.00 6.77  ? 14  PRO A N   1 
ATOM   82   C CA  . PRO A 1 14 ? -5.664  8.024   3.343   1.00 5.22  ? 14  PRO A CA  1 
ATOM   83   C C   . PRO A 1 14 ? -5.595  6.929   4.386   1.00 2.53  ? 14  PRO A C   1 
ATOM   84   O O   . PRO A 1 14 ? -6.265  5.908   4.242   1.00 5.36  ? 14  PRO A O   1 
ATOM   85   C CB  . PRO A 1 14 ? -6.700  9.065   3.786   1.00 7.86  ? 14  PRO A CB  1 
ATOM   86   C CG  . PRO A 1 14 ? -7.655  9.174   2.656   1.00 11.47 ? 14  PRO A CG  1 
ATOM   87   C CD  . PRO A 1 14 ? -7.581  7.888   1.869   1.00 3.95  ? 14  PRO A CD  1 
HETATM 88   N N   . HYP A 1 15 ? -4.810  7.123   5.427   1.00 7.63  ? 15  HYP A N   1 
HETATM 89   C CA  . HYP A 1 15 ? -4.811  6.163   6.525   1.00 2.03  ? 15  HYP A CA  1 
HETATM 90   C C   . HYP A 1 15 ? -6.207  5.962   7.109   1.00 0.00  ? 15  HYP A C   1 
HETATM 91   O O   . HYP A 1 15 ? -7.069  6.837   7.047   1.00 3.74  ? 15  HYP A O   1 
HETATM 92   C CB  . HYP A 1 15 ? -3.861  6.800   7.547   1.00 3.59  ? 15  HYP A CB  1 
HETATM 93   C CG  . HYP A 1 15 ? -2.969  7.654   6.713   1.00 9.76  ? 15  HYP A CG  1 
HETATM 94   C CD  . HYP A 1 15 ? -3.862  8.231   5.633   1.00 8.71  ? 15  HYP A CD  1 
HETATM 95   O OD1 . HYP A 1 15 ? -2.011  6.858   6.044   1.00 8.02  ? 15  HYP A OD1 1 
ATOM   96   N N   . GLY A 1 16 ? -6.428  4.772   7.645   1.00 9.24  ? 16  GLY A N   1 
ATOM   97   C CA  . GLY A 1 16 ? -7.705  4.485   8.273   1.00 3.95  ? 16  GLY A CA  1 
ATOM   98   C C   . GLY A 1 16 ? -7.765  5.144   9.646   1.00 4.07  ? 16  GLY A C   1 
ATOM   99   O O   . GLY A 1 16 ? -6.798  5.695   10.176  1.00 5.38  ? 16  GLY A O   1 
ATOM   100  N N   . PRO A 1 17 ? -8.945  5.058   10.251  1.00 2.40  ? 17  PRO A N   1 
ATOM   101  C CA  . PRO A 1 17 ? -9.100  5.598   11.601  1.00 4.34  ? 17  PRO A CA  1 
ATOM   102  C C   . PRO A 1 17 ? -8.182  4.919   12.602  1.00 2.69  ? 17  PRO A C   1 
ATOM   103  O O   . PRO A 1 17 ? -7.758  3.781   12.436  1.00 7.04  ? 17  PRO A O   1 
ATOM   104  C CB  . PRO A 1 17 ? -10.548 5.228   11.940  1.00 6.66  ? 17  PRO A CB  1 
ATOM   105  C CG  . PRO A 1 17 ? -11.222 4.964   10.651  1.00 6.42  ? 17  PRO A CG  1 
ATOM   106  C CD  . PRO A 1 17 ? -10.167 4.461   9.713   1.00 7.60  ? 17  PRO A CD  1 
HETATM 107  N N   . HYP A 1 18 ? -7.927  5.612   13.715  1.00 4.20  ? 18  HYP A N   1 
HETATM 108  C CA  . HYP A 1 18 ? -7.298  4.958   14.860  1.00 4.65  ? 18  HYP A CA  1 
HETATM 109  C C   . HYP A 1 18 ? -8.134  3.763   15.304  1.00 8.20  ? 18  HYP A C   1 
HETATM 110  O O   . HYP A 1 18 ? -9.369  3.822   15.209  1.00 6.18  ? 18  HYP A O   1 
HETATM 111  C CB  . HYP A 1 18 ? -7.340  6.029   15.956  1.00 9.12  ? 18  HYP A CB  1 
HETATM 112  C CG  . HYP A 1 18 ? -7.369  7.317   15.208  1.00 7.44  ? 18  HYP A CG  1 
HETATM 113  C CD  . HYP A 1 18 ? -8.233  7.022   13.995  1.00 7.77  ? 18  HYP A CD  1 
HETATM 114  O OD1 . HYP A 1 18 ? -6.087  7.655   14.746  1.00 15.18 ? 18  HYP A OD1 1 
ATOM   115  N N   . GLY A 1 19 ? -7.471  2.720   15.777  1.00 5.67  ? 19  GLY A N   1 
ATOM   116  C CA  . GLY A 1 19 ? -8.137  1.527   16.259  1.00 7.00  ? 19  GLY A CA  1 
ATOM   117  C C   . GLY A 1 19 ? -9.004  1.795   17.480  1.00 4.46  ? 19  GLY A C   1 
ATOM   118  O O   . GLY A 1 19 ? -9.014  2.902   18.030  1.00 9.59  ? 19  GLY A O   1 
ATOM   119  N N   . PRO A 1 20 ? -9.740  0.769   17.893  1.00 2.69  ? 20  PRO A N   1 
ATOM   120  C CA  . PRO A 1 20 ? -10.561 0.928   19.102  1.00 8.92  ? 20  PRO A CA  1 
ATOM   121  C C   . PRO A 1 20 ? -9.685  0.937   20.347  1.00 12.00 ? 20  PRO A C   1 
ATOM   122  O O   . PRO A 1 20 ? -8.519  0.533   20.300  1.00 8.98  ? 20  PRO A O   1 
ATOM   123  C CB  . PRO A 1 20 ? -11.467 -0.305  19.037  1.00 8.75  ? 20  PRO A CB  1 
ATOM   124  C CG  . PRO A 1 20 ? -10.715 -1.322  18.251  1.00 11.47 ? 20  PRO A CG  1 
ATOM   125  C CD  . PRO A 1 20 ? -9.840  -0.557  17.286  1.00 7.76  ? 20  PRO A CD  1 
HETATM 126  N N   . HYP A 1 21 ? -10.214 1.412   21.467  1.00 7.64  ? 21  HYP A N   1 
HETATM 127  C CA  . HYP A 1 21 ? -9.460  1.360   22.720  1.00 9.99  ? 21  HYP A CA  1 
HETATM 128  C C   . HYP A 1 21 ? -9.084  -0.069  23.087  1.00 5.73  ? 21  HYP A C   1 
HETATM 129  O O   . HYP A 1 21 ? -9.797  -1.038  22.789  1.00 5.61  ? 21  HYP A O   1 
HETATM 130  C CB  . HYP A 1 21 ? -10.453 1.912   23.747  1.00 9.79  ? 21  HYP A CB  1 
HETATM 131  C CG  . HYP A 1 21 ? -11.429 2.726   22.962  1.00 9.54  ? 21  HYP A CG  1 
HETATM 132  C CD  . HYP A 1 21 ? -11.533 2.051   21.624  1.00 8.47  ? 21  HYP A CD  1 
HETATM 133  O OD1 . HYP A 1 21 ? -10.891 4.023   22.791  1.00 8.34  ? 21  HYP A OD1 1 
ATOM   134  N N   . GLY A 1 22 ? -7.945  -0.217  23.765  1.00 4.68  ? 22  GLY A N   1 
ATOM   135  C CA  . GLY A 1 22 ? -7.617  -1.537  24.316  1.00 8.15  ? 22  GLY A CA  1 
ATOM   136  C C   . GLY A 1 22 ? -8.568  -1.921  25.443  1.00 4.97  ? 22  GLY A C   1 
ATOM   137  O O   . GLY A 1 22 ? -9.439  -1.132  25.832  1.00 9.30  ? 22  GLY A O   1 
ATOM   138  N N   . PRO A 1 23 ? -8.444  -3.130  25.978  1.00 7.49  ? 23  PRO A N   1 
ATOM   139  C CA  . PRO A 1 23 ? -9.281  -3.582  27.088  1.00 13.54 ? 23  PRO A CA  1 
ATOM   140  C C   . PRO A 1 23 ? -8.872  -3.013  28.443  1.00 6.51  ? 23  PRO A C   1 
ATOM   141  O O   . PRO A 1 23 ? -7.778  -2.472  28.618  1.00 9.20  ? 23  PRO A O   1 
ATOM   142  C CB  . PRO A 1 23 ? -9.020  -5.098  27.132  1.00 20.30 ? 23  PRO A CB  1 
ATOM   143  C CG  . PRO A 1 23 ? -7.638  -5.240  26.586  1.00 17.14 ? 23  PRO A CG  1 
ATOM   144  C CD  . PRO A 1 23 ? -7.491  -4.164  25.536  1.00 6.51  ? 23  PRO A CD  1 
HETATM 145  N N   . HYP A 1 24 ? -9.767  -3.156  29.414  1.00 8.73  ? 24  HYP A N   1 
HETATM 146  C CA  . HYP A 1 24 ? -9.508  -2.766  30.800  1.00 14.93 ? 24  HYP A CA  1 
HETATM 147  C C   . HYP A 1 24 ? -8.305  -3.511  31.371  1.00 18.95 ? 24  HYP A C   1 
HETATM 148  O O   . HYP A 1 24 ? -8.128  -4.694  31.059  1.00 19.91 ? 24  HYP A O   1 
HETATM 149  C CB  . HYP A 1 24 ? -10.785 -3.190  31.535  1.00 14.13 ? 24  HYP A CB  1 
HETATM 150  C CG  . HYP A 1 24 ? -11.835 -3.173  30.473  1.00 13.19 ? 24  HYP A CG  1 
HETATM 151  C CD  . HYP A 1 24 ? -11.130 -3.693  29.242  1.00 7.78  ? 24  HYP A CD  1 
HETATM 152  O OD1 . HYP A 1 24 ? -12.239 -1.844  30.241  1.00 8.51  ? 24  HYP A OD1 1 
ATOM   153  N N   . GLY A 1 25 ? -7.546  -2.762  32.173  1.00 11.46 ? 25  GLY A N   1 
ATOM   154  C CA  . GLY A 1 25 ? -6.348  -3.277  32.810  1.00 9.16  ? 25  GLY A CA  1 
ATOM   155  C C   . GLY A 1 25 ? -6.667  -4.431  33.751  1.00 11.25 ? 25  GLY A C   1 
ATOM   156  O O   . GLY A 1 25 ? -7.836  -4.685  34.051  1.00 23.86 ? 25  GLY A O   1 
ATOM   157  N N   . PRO A 1 26 ? -5.629  -5.117  34.203  1.00 13.00 ? 26  PRO A N   1 
ATOM   158  C CA  . PRO A 1 26 ? -5.798  -6.166  35.221  1.00 14.63 ? 26  PRO A CA  1 
ATOM   159  C C   . PRO A 1 26 ? -6.263  -5.584  36.549  1.00 14.26 ? 26  PRO A C   1 
ATOM   160  O O   . PRO A 1 26 ? -6.231  -4.379  36.795  1.00 22.06 ? 26  PRO A O   1 
ATOM   161  C CB  . PRO A 1 26 ? -4.393  -6.732  35.397  1.00 19.49 ? 26  PRO A CB  1 
ATOM   162  C CG  . PRO A 1 26 ? -3.641  -6.292  34.188  1.00 18.93 ? 26  PRO A CG  1 
ATOM   163  C CD  . PRO A 1 26 ? -4.222  -4.966  33.788  1.00 11.30 ? 26  PRO A CD  1 
HETATM 164  N N   . HYP A 1 27 ? -6.707  -6.456  37.452  1.00 20.43 ? 27  HYP A N   1 
HETATM 165  C CA  . HYP A 1 27 ? -7.153  -5.988  38.769  1.00 30.66 ? 27  HYP A CA  1 
HETATM 166  C C   . HYP A 1 27 ? -6.041  -5.200  39.464  1.00 40.01 ? 27  HYP A C   1 
HETATM 167  O O   . HYP A 1 27 ? -4.880  -5.637  39.458  1.00 17.47 ? 27  HYP A O   1 
HETATM 168  C CB  . HYP A 1 27 ? -7.463  -7.292  39.500  1.00 33.23 ? 27  HYP A CB  1 
HETATM 169  C CG  . HYP A 1 27 ? -7.820  -8.231  38.386  1.00 35.94 ? 27  HYP A CG  1 
HETATM 170  C CD  . HYP A 1 27 ? -6.816  -7.913  37.299  1.00 26.95 ? 27  HYP A CD  1 
HETATM 171  O OD1 . HYP A 1 27 ? -9.095  -7.874  37.895  1.00 26.49 ? 27  HYP A OD1 1 
HETATM 172  O OXT . HYP A 1 27 ? -6.344  -4.137  40.030  1.00 54.40 ? 27  HYP A OXT 1 
ATOM   173  N N   . GLY B 1 1  ? -6.424  13.118  -31.624 1.00 48.50 ? 1   GLY B N   1 
ATOM   174  C CA  . GLY B 1 1  ? -6.951  12.071  -30.754 1.00 32.37 ? 1   GLY B CA  1 
ATOM   175  C C   . GLY B 1 1  ? -7.185  12.592  -29.350 1.00 27.52 ? 1   GLY B C   1 
ATOM   176  O O   . GLY B 1 1  ? -6.289  13.146  -28.708 1.00 30.19 ? 1   GLY B O   1 
ATOM   177  N N   . PRO B 1 2  ? -8.398  12.445  -28.835 1.00 16.20 ? 2   PRO B N   1 
ATOM   178  C CA  . PRO B 1 2  ? -8.695  12.923  -27.485 1.00 13.63 ? 2   PRO B CA  1 
ATOM   179  C C   . PRO B 1 2  ? -7.908  12.177  -26.412 1.00 23.12 ? 2   PRO B C   1 
ATOM   180  O O   . PRO B 1 2  ? -7.550  11.011  -26.592 1.00 11.92 ? 2   PRO B O   1 
ATOM   181  C CB  . PRO B 1 2  ? -10.175 12.575  -27.297 1.00 8.13  ? 2   PRO B CB  1 
ATOM   182  C CG  . PRO B 1 2  ? -10.707 12.436  -28.693 1.00 20.01 ? 2   PRO B CG  1 
ATOM   183  C CD  . PRO B 1 2  ? -9.567  11.838  -29.486 1.00 20.64 ? 2   PRO B CD  1 
HETATM 184  N N   . HYP B 1 3  ? -7.676  12.858  -25.303 1.00 8.10  ? 3   HYP B N   1 
HETATM 185  C CA  . HYP B 1 3  ? -7.057  12.210  -24.139 1.00 11.14 ? 3   HYP B CA  1 
HETATM 186  C C   . HYP B 1 3  ? -7.894  11.006  -23.743 1.00 12.11 ? 3   HYP B C   1 
HETATM 187  O O   . HYP B 1 3  ? -9.115  10.988  -23.900 1.00 9.87  ? 3   HYP B O   1 
HETATM 188  C CB  . HYP B 1 3  ? -7.103  13.287  -23.062 1.00 23.27 ? 3   HYP B CB  1 
HETATM 189  C CG  . HYP B 1 3  ? -7.167  14.570  -23.827 1.00 28.34 ? 3   HYP B CG  1 
HETATM 190  C CD  . HYP B 1 3  ? -7.973  14.279  -25.065 1.00 17.95 ? 3   HYP B CD  1 
HETATM 191  O OD1 . HYP B 1 3  ? -5.877  14.977  -24.218 1.00 20.85 ? 3   HYP B OD1 1 
ATOM   192  N N   . GLY B 1 4  ? -7.238  9.963   -23.262 1.00 7.00  ? 4   GLY B N   1 
ATOM   193  C CA  . GLY B 1 4  ? -7.961  8.782   -22.808 1.00 8.58  ? 4   GLY B CA  1 
ATOM   194  C C   . GLY B 1 4  ? -8.704  9.087   -21.509 1.00 11.12 ? 4   GLY B C   1 
ATOM   195  O O   . GLY B 1 4  ? -8.616  10.168  -20.934 1.00 16.97 ? 4   GLY B O   1 
ATOM   196  N N   . PRO B 1 5  ? -9.420  8.085   -21.035 1.00 10.31 ? 5   PRO B N   1 
ATOM   197  C CA  . PRO B 1 5  ? -10.222 8.276   -19.823 1.00 19.06 ? 5   PRO B CA  1 
ATOM   198  C C   . PRO B 1 5  ? -9.307  8.355   -18.602 1.00 15.37 ? 5   PRO B C   1 
ATOM   199  O O   . PRO B 1 5  ? -8.125  8.025   -18.696 1.00 12.67 ? 5   PRO B O   1 
ATOM   200  C CB  . PRO B 1 5  ? -11.076 7.018   -19.775 1.00 12.18 ? 5   PRO B CB  1 
ATOM   201  C CG  . PRO B 1 5  ? -10.295 5.985   -20.520 1.00 20.73 ? 5   PRO B CG  1 
ATOM   202  C CD  . PRO B 1 5  ? -9.496  6.714   -21.565 1.00 16.13 ? 5   PRO B CD  1 
HETATM 203  N N   . HYP B 1 6  ? -9.835  8.791   -17.471 1.00 9.15  ? 6   HYP B N   1 
HETATM 204  C CA  . HYP B 1 6  ? -9.069  8.789   -16.226 1.00 4.64  ? 6   HYP B CA  1 
HETATM 205  C C   . HYP B 1 6  ? -8.705  7.357   -15.827 1.00 9.67  ? 6   HYP B C   1 
HETATM 206  O O   . HYP B 1 6  ? -9.431  6.411   -16.147 1.00 6.72  ? 6   HYP B O   1 
HETATM 207  C CB  . HYP B 1 6  ? -10.041 9.364   -15.199 1.00 5.49  ? 6   HYP B CB  1 
HETATM 208  C CG  . HYP B 1 6  ? -11.022 10.142  -16.014 1.00 9.58  ? 6   HYP B CG  1 
HETATM 209  C CD  . HYP B 1 6  ? -11.195 9.348   -17.279 1.00 8.25  ? 6   HYP B CD  1 
HETATM 210  O OD1 . HYP B 1 6  ? -10.450 11.390  -16.315 1.00 12.91 ? 6   HYP B OD1 1 
ATOM   211  N N   . GLY B 1 7  ? -7.585  7.219   -15.122 1.00 5.66  ? 7   GLY B N   1 
ATOM   212  C CA  . GLY B 1 7  ? -7.184  5.933   -14.560 1.00 2.54  ? 7   GLY B CA  1 
ATOM   213  C C   . GLY B 1 7  ? -8.142  5.485   -13.465 1.00 5.51  ? 7   GLY B C   1 
ATOM   214  O O   . GLY B 1 7  ? -9.069  6.187   -13.064 1.00 8.30  ? 7   GLY B O   1 
ATOM   215  N N   . PRO B 1 8  ? -7.955  4.266   -12.980 1.00 6.27  ? 8   PRO B N   1 
ATOM   216  C CA  . PRO B 1 8  ? -8.836  3.676   -11.979 1.00 7.89  ? 8   PRO B CA  1 
ATOM   217  C C   . PRO B 1 8  ? -8.630  4.294   -10.595 1.00 4.94  ? 8   PRO B C   1 
ATOM   218  O O   . PRO B 1 8  ? -7.579  4.881   -10.335 1.00 7.35  ? 8   PRO B O   1 
ATOM   219  C CB  . PRO B 1 8  ? -8.419  2.209   -11.965 1.00 10.75 ? 8   PRO B CB  1 
ATOM   220  C CG  . PRO B 1 8  ? -7.044  2.156   -12.529 1.00 13.77 ? 8   PRO B CG  1 
ATOM   221  C CD  . PRO B 1 8  ? -6.889  3.353   -13.429 1.00 7.31  ? 8   PRO B CD  1 
HETATM 222  N N   . HYP B 1 9  ? -9.618  4.183   -9.733  1.00 5.13  ? 9   HYP B N   1 
HETATM 223  C CA  . HYP B 1 9  ? -9.409  4.577   -8.331  1.00 7.87  ? 9   HYP B CA  1 
HETATM 224  C C   . HYP B 1 9  ? -8.213  3.803   -7.795  1.00 10.42 ? 9   HYP B C   1 
HETATM 225  O O   . HYP B 1 9  ? -8.018  2.628   -8.129  1.00 2.45  ? 9   HYP B O   1 
HETATM 226  C CB  . HYP B 1 9  ? -10.701 4.151   -7.637  1.00 5.46  ? 9   HYP B CB  1 
HETATM 227  C CG  . HYP B 1 9  ? -11.721 4.267   -8.742  1.00 7.10  ? 9   HYP B CG  1 
HETATM 228  C CD  . HYP B 1 9  ? -10.999 3.729   -9.945  1.00 8.71  ? 9   HYP B CD  1 
HETATM 229  O OD1 . HYP B 1 9  ? -11.967 5.654   -8.920  1.00 5.79  ? 9   HYP B OD1 1 
ATOM   230  N N   . GLY B 1 10 ? -7.458  4.506   -6.964  1.00 2.65  ? 10  GLY B N   1 
ATOM   231  C CA  . GLY B 1 10 ? -6.281  3.918   -6.370  1.00 7.46  ? 10  GLY B CA  1 
ATOM   232  C C   . GLY B 1 10 ? -6.503  2.881   -5.316  1.00 5.23  ? 10  GLY B C   1 
ATOM   233  O O   . GLY B 1 10 ? -7.603  2.562   -4.875  1.00 6.49  ? 10  GLY B O   1 
ATOM   234  N N   . PRO B 1 11 ? -5.408  2.257   -4.856  1.00 7.05  ? 11  PRO B N   1 
ATOM   235  C CA  . PRO B 1 11 ? -5.492  1.249   -3.816  1.00 6.45  ? 11  PRO B CA  1 
ATOM   236  C C   . PRO B 1 11 ? -5.925  1.781   -2.456  1.00 1.79  ? 11  PRO B C   1 
ATOM   237  O O   . PRO B 1 11 ? -5.874  2.974   -2.217  1.00 4.27  ? 11  PRO B O   1 
ATOM   238  C CB  . PRO B 1 11 ? -4.026  0.747   -3.710  1.00 9.75  ? 11  PRO B CB  1 
ATOM   239  C CG  . PRO B 1 11 ? -3.429  1.113   -5.028  1.00 7.98  ? 11  PRO B CG  1 
ATOM   240  C CD  . PRO B 1 11 ? -4.038  2.461   -5.346  1.00 9.19  ? 11  PRO B CD  1 
HETATM 241  N N   . HYP B 1 12 ? -6.330  0.878   -1.575  1.00 1.54  ? 12  HYP B N   1 
HETATM 242  C CA  . HYP B 1 12 ? -6.645  1.301   -0.200  1.00 6.74  ? 12  HYP B CA  1 
HETATM 243  C C   . HYP B 1 12 ? -5.464  1.957   0.508   1.00 1.43  ? 12  HYP B C   1 
HETATM 244  O O   . HYP B 1 12 ? -4.301  1.696   0.215   1.00 4.78  ? 12  HYP B O   1 
HETATM 245  C CB  . HYP B 1 12 ? -7.037  -0.023  0.463   1.00 5.84  ? 12  HYP B CB  1 
HETATM 246  C CG  . HYP B 1 12 ? -7.541  -0.861  -0.670  1.00 7.15  ? 12  HYP B CG  1 
HETATM 247  C CD  . HYP B 1 12 ? -6.571  -0.551  -1.799  1.00 4.75  ? 12  HYP B CD  1 
HETATM 248  O OD1 . HYP B 1 12 ? -8.814  -0.390  -1.098  1.00 6.18  ? 12  HYP B OD1 1 
ATOM   249  N N   . GLY B 1 13 ? -5.768  2.831   1.472   1.00 4.90  ? 13  GLY B N   1 
ATOM   250  C CA  . GLY B 1 13 ? -4.771  3.433   2.345   1.00 2.34  ? 13  GLY B CA  1 
ATOM   251  C C   . GLY B 1 13 ? -4.324  2.405   3.376   1.00 0.68  ? 13  GLY B C   1 
ATOM   252  O O   . GLY B 1 13 ? -4.886  1.309   3.435   1.00 3.13  ? 13  GLY B O   1 
ATOM   253  N N   . PRO B 1 14 ? -3.307  2.729   4.165   1.00 6.06  ? 14  PRO B N   1 
ATOM   254  C CA  . PRO B 1 14 ? -2.820  1.811   5.200   1.00 6.30  ? 14  PRO B CA  1 
ATOM   255  C C   . PRO B 1 14 ? -3.727  1.827   6.415   1.00 5.91  ? 14  PRO B C   1 
ATOM   256  O O   . PRO B 1 14 ? -4.542  2.738   6.553   1.00 5.99  ? 14  PRO B O   1 
ATOM   257  C CB  . PRO B 1 14 ? -1.456  2.390   5.569   1.00 2.00  ? 14  PRO B CB  1 
ATOM   258  C CG  . PRO B 1 14 ? -1.622  3.844   5.309   1.00 6.97  ? 14  PRO B CG  1 
ATOM   259  C CD  . PRO B 1 14 ? -2.540  3.981   4.122   1.00 6.45  ? 14  PRO B CD  1 
HETATM 260  N N   . HYP B 1 15 ? -3.595  0.839   7.292   1.00 5.45  ? 15  HYP B N   1 
HETATM 261  C CA  . HYP B 1 15 ? -4.374  0.815   8.517   1.00 4.74  ? 15  HYP B CA  1 
HETATM 262  C C   . HYP B 1 15 ? -4.137  2.059   9.360   1.00 9.50  ? 15  HYP B C   1 
HETATM 263  O O   . HYP B 1 15 ? -3.080  2.688   9.296   1.00 9.43  ? 15  HYP B O   1 
HETATM 264  C CB  . HYP B 1 15 ? -3.809  -0.392  9.274   1.00 4.86  ? 15  HYP B CB  1 
HETATM 265  C CG  . HYP B 1 15 ? -3.199  -1.253  8.209   1.00 6.76  ? 15  HYP B CG  1 
HETATM 266  C CD  . HYP B 1 15 ? -2.698  -0.328  7.145   1.00 6.30  ? 15  HYP B CD  1 
HETATM 267  O OD1 . HYP B 1 15 ? -4.216  -2.068  7.675   1.00 5.25  ? 15  HYP B OD1 1 
ATOM   268  N N   . GLY B 1 16 ? -5.138  2.406   10.177  1.00 4.81  ? 16  GLY B N   1 
ATOM   269  C CA  . GLY B 1 16 ? -4.857  3.423   11.185  1.00 3.44  ? 16  GLY B CA  1 
ATOM   270  C C   . GLY B 1 16 ? -3.901  2.856   12.224  1.00 5.62  ? 16  GLY B C   1 
ATOM   271  O O   . GLY B 1 16 ? -3.595  1.660   12.246  1.00 3.26  ? 16  GLY B O   1 
ATOM   272  N N   . PRO B 1 17 ? -3.418  3.733   13.103  1.00 4.15  ? 17  PRO B N   1 
ATOM   273  C CA  . PRO B 1 17 ? -2.585  3.288   14.216  1.00 6.99  ? 17  PRO B CA  1 
ATOM   274  C C   . PRO B 1 17 ? -3.401  2.603   15.291  1.00 2.64  ? 17  PRO B C   1 
ATOM   275  O O   . PRO B 1 17 ? -4.641  2.698   15.310  1.00 2.75  ? 17  PRO B O   1 
ATOM   276  C CB  . PRO B 1 17 ? -2.043  4.618   14.759  1.00 9.99  ? 17  PRO B CB  1 
ATOM   277  C CG  . PRO B 1 17 ? -3.137  5.590   14.429  1.00 7.45  ? 17  PRO B CG  1 
ATOM   278  C CD  . PRO B 1 17 ? -3.655  5.177   13.078  1.00 5.14  ? 17  PRO B CD  1 
HETATM 279  N N   . HYP B 1 18 ? -2.744  1.905   16.212  1.00 7.35  ? 18  HYP B N   1 
HETATM 280  C CA  . HYP B 1 18 ? -3.457  1.267   17.328  1.00 5.65  ? 18  HYP B CA  1 
HETATM 281  C C   . HYP B 1 18 ? -4.287  2.279   18.111  1.00 5.83  ? 18  HYP B C   1 
HETATM 282  O O   . HYP B 1 18 ? -3.985  3.471   18.139  1.00 6.79  ? 18  HYP B O   1 
HETATM 283  C CB  . HYP B 1 18 ? -2.328  0.671   18.176  1.00 5.52  ? 18  HYP B CB  1 
HETATM 284  C CG  . HYP B 1 18 ? -1.192  0.499   17.221  1.00 5.37  ? 18  HYP B CG  1 
HETATM 285  C CD  . HYP B 1 18 ? -1.295  1.660   16.263  1.00 9.39  ? 18  HYP B CD  1 
HETATM 286  O OD1 . HYP B 1 18 ? -1.363  -0.685  16.476  1.00 9.35  ? 18  HYP B OD1 1 
ATOM   287  N N   . GLY B 1 19 ? -5.355  1.770   18.735  1.00 8.20  ? 19  GLY B N   1 
ATOM   288  C CA  . GLY B 1 19 ? -6.258  2.564   19.544  1.00 5.37  ? 19  GLY B CA  1 
ATOM   289  C C   . GLY B 1 19 ? -5.607  3.065   20.825  1.00 8.14  ? 19  GLY B C   1 
ATOM   290  O O   . GLY B 1 19 ? -4.486  2.677   21.173  1.00 9.48  ? 19  GLY B O   1 
ATOM   291  N N   . PRO B 1 20 ? -6.324  3.930   21.533  1.00 7.55  ? 20  PRO B N   1 
ATOM   292  C CA  . PRO B 1 20 ? -5.844  4.426   22.822  1.00 11.28 ? 20  PRO B CA  1 
ATOM   293  C C   . PRO B 1 20 ? -5.801  3.315   23.866  1.00 8.42  ? 20  PRO B C   1 
ATOM   294  O O   . PRO B 1 20 ? -6.438  2.272   23.728  1.00 10.82 ? 20  PRO B O   1 
ATOM   295  C CB  . PRO B 1 20 ? -6.886  5.470   23.233  1.00 10.14 ? 20  PRO B CB  1 
ATOM   296  C CG  . PRO B 1 20 ? -7.773  5.680   22.066  1.00 17.61 ? 20  PRO B CG  1 
ATOM   297  C CD  . PRO B 1 20 ? -7.626  4.489   21.160  1.00 8.89  ? 20  PRO B CD  1 
HETATM 298  N N   . HYP B 1 21 ? -5.038  3.516   24.929  1.00 5.50  ? 21  HYP B N   1 
HETATM 299  C CA  . HYP B 1 21 ? -5.034  2.571   26.040  1.00 8.34  ? 21  HYP B CA  1 
HETATM 300  C C   . HYP B 1 21 ? -6.419  2.268   26.605  1.00 6.48  ? 21  HYP B C   1 
HETATM 301  O O   . HYP B 1 21 ? -7.335  3.106   26.586  1.00 11.37 ? 21  HYP B O   1 
HETATM 302  C CB  . HYP B 1 21 ? -4.240  3.322   27.122  1.00 7.75  ? 21  HYP B CB  1 
HETATM 303  C CG  . HYP B 1 21 ? -3.310  4.171   26.319  1.00 8.95  ? 21  HYP B CG  1 
HETATM 304  C CD  . HYP B 1 21 ? -4.104  4.647   25.125  1.00 8.25  ? 21  HYP B CD  1 
HETATM 305  O OD1 . HYP B 1 21 ? -2.261  3.375   25.822  1.00 19.73 ? 21  HYP B OD1 1 
ATOM   306  N N   . GLY B 1 22 ? -6.535  1.048   27.139  1.00 6.09  ? 22  GLY B N   1 
ATOM   307  C CA  . GLY B 1 22 ? -7.769  0.649   27.800  1.00 8.78  ? 22  GLY B CA  1 
ATOM   308  C C   . GLY B 1 22 ? -7.923  1.433   29.098  1.00 15.75 ? 22  GLY B C   1 
ATOM   309  O O   . GLY B 1 22 ? -6.970  2.083   29.536  1.00 14.22 ? 22  GLY B O   1 
ATOM   310  N N   . PRO B 1 23 ? -9.105  1.369   29.695  1.00 13.41 ? 23  PRO B N   1 
ATOM   311  C CA  . PRO B 1 23 ? -9.346  2.055   30.966  1.00 14.20 ? 23  PRO B CA  1 
ATOM   312  C C   . PRO B 1 23 ? -8.583  1.350   32.091  1.00 22.93 ? 23  PRO B C   1 
ATOM   313  O O   . PRO B 1 23 ? -8.313  0.148   32.001  1.00 33.56 ? 23  PRO B O   1 
ATOM   314  C CB  . PRO B 1 23 ? -10.846 1.885   31.191  1.00 21.57 ? 23  PRO B CB  1 
ATOM   315  C CG  . PRO B 1 23 ? -11.414 1.253   29.970  1.00 16.85 ? 23  PRO B CG  1 
ATOM   316  C CD  . PRO B 1 23 ? -10.284 0.634   29.202  1.00 11.39 ? 23  PRO B CD  1 
HETATM 317  N N   . HYP B 1 24 ? -8.247  2.076   33.152  1.00 17.44 ? 24  HYP B N   1 
HETATM 318  C CA  . HYP B 1 24 ? -7.625  1.464   34.334  1.00 15.80 ? 24  HYP B CA  1 
HETATM 319  C C   . HYP B 1 24 ? -8.392  0.235   34.824  1.00 6.95  ? 24  HYP B C   1 
HETATM 320  O O   . HYP B 1 24 ? -9.624  0.209   34.737  1.00 20.99 ? 24  HYP B O   1 
HETATM 321  C CB  . HYP B 1 24 ? -7.705  2.583   35.376  1.00 15.93 ? 24  HYP B CB  1 
HETATM 322  C CG  . HYP B 1 24 ? -7.725  3.846   34.581  1.00 16.07 ? 24  HYP B CG  1 
HETATM 323  C CD  . HYP B 1 24 ? -8.436  3.525   33.297  1.00 11.85 ? 24  HYP B CD  1 
HETATM 324  O OD1 . HYP B 1 24 ? -6.410  4.249   34.273  1.00 13.91 ? 24  HYP B OD1 1 
ATOM   325  N N   . GLY B 1 25 ? -7.671  -0.763  35.321  1.00 11.71 ? 25  GLY B N   1 
ATOM   326  C CA  . GLY B 1 25 ? -8.265  -1.993  35.832  1.00 13.30 ? 25  GLY B CA  1 
ATOM   327  C C   . GLY B 1 25 ? -9.188  -1.695  36.999  1.00 23.95 ? 25  GLY B C   1 
ATOM   328  O O   . GLY B 1 25 ? -9.242  -0.539  37.440  1.00 18.31 ? 25  GLY B O   1 
ATOM   329  N N   . PRO B 1 26 ? -9.890  -2.711  37.486  1.00 34.62 ? 26  PRO B N   1 
ATOM   330  C CA  . PRO B 1 26 ? -10.796 -2.535  38.626  1.00 38.77 ? 26  PRO B CA  1 
ATOM   331  C C   . PRO B 1 26 ? -10.003 -2.593  39.926  1.00 39.47 ? 26  PRO B C   1 
ATOM   332  O O   . PRO B 1 26 ? -8.878  -3.094  39.889  1.00 23.49 ? 26  PRO B O   1 
ATOM   333  C CB  . PRO B 1 26 ? -11.703 -3.761  38.510  1.00 40.13 ? 26  PRO B CB  1 
ATOM   334  C CG  . PRO B 1 26 ? -10.759 -4.814  38.015  1.00 38.60 ? 26  PRO B CG  1 
ATOM   335  C CD  . PRO B 1 26 ? -9.882  -4.107  37.016  1.00 36.51 ? 26  PRO B CD  1 
HETATM 336  N N   . HYP B 1 27 ? -10.560 -2.097  41.019  1.00 46.83 ? 27  HYP B N   1 
HETATM 337  C CA  . HYP B 1 27 ? -9.895  -2.191  42.322  1.00 39.84 ? 27  HYP B CA  1 
HETATM 338  C C   . HYP B 1 27 ? -9.404  -3.612  42.587  1.00 36.28 ? 27  HYP B C   1 
HETATM 339  O O   . HYP B 1 27 ? -10.144 -4.549  42.250  1.00 20.99 ? 27  HYP B O   1 
HETATM 340  C CB  . HYP B 1 27 ? -11.015 -1.833  43.300  1.00 48.96 ? 27  HYP B CB  1 
HETATM 341  C CG  . HYP B 1 27 ? -11.827 -0.843  42.521  1.00 55.66 ? 27  HYP B CG  1 
HETATM 342  C CD  . HYP B 1 27 ? -11.854 -1.396  41.117  1.00 53.53 ? 27  HYP B CD  1 
HETATM 343  O OD1 . HYP B 1 27 ? -11.125 0.379   42.506  1.00 75.29 ? 27  HYP B OD1 1 
HETATM 344  O OXT . HYP B 1 27 ? -8.293  -3.751  43.116  1.00 32.06 ? 27  HYP B OXT 1 
ATOM   345  N N   . GLY C 1 1  ? -5.628  10.296  -37.224 1.00 42.52 ? 1   GLY C N   1 
ATOM   346  C CA  . GLY C 1 1  ? -4.243  10.559  -36.850 1.00 6.78  ? 1   GLY C CA  1 
ATOM   347  C C   . GLY C 1 1  ? -3.828  9.652   -35.706 1.00 20.11 ? 1   GLY C C   1 
ATOM   348  O O   . GLY C 1 1  ? -4.388  8.562   -35.537 1.00 27.25 ? 1   GLY C O   1 
ATOM   349  N N   . PRO C 1 2  ? -2.856  10.108  -34.922 1.00 21.44 ? 2   PRO C N   1 
ATOM   350  C CA  . PRO C 1 2  ? -2.360  9.288   -33.814 1.00 13.36 ? 2   PRO C CA  1 
ATOM   351  C C   . PRO C 1 2  ? -3.371  9.255   -32.670 1.00 19.65 ? 2   PRO C C   1 
ATOM   352  O O   . PRO C 1 2  ? -4.226  10.132  -32.560 1.00 20.28 ? 2   PRO C O   1 
ATOM   353  C CB  . PRO C 1 2  ? -1.091  10.006  -33.382 1.00 18.02 ? 2   PRO C CB  1 
ATOM   354  C CG  . PRO C 1 2  ? -1.015  11.295  -34.109 1.00 22.68 ? 2   PRO C CG  1 
ATOM   355  C CD  . PRO C 1 2  ? -2.185  11.403  -35.033 1.00 20.26 ? 2   PRO C CD  1 
HETATM 356  N N   . HYP C 1 3  ? -3.262  8.236   -31.822 1.00 15.89 ? 3   HYP C N   1 
HETATM 357  C CA  . HYP C 1 3  ? -4.069  8.175   -30.603 1.00 8.73  ? 3   HYP C CA  1 
HETATM 358  C C   . HYP C 1 3  ? -3.767  9.374   -29.704 1.00 12.95 ? 3   HYP C C   1 
HETATM 359  O O   . HYP C 1 3  ? -2.620  9.841   -29.701 1.00 15.48 ? 3   HYP C O   1 
HETATM 360  C CB  . HYP C 1 3  ? -3.582  6.902   -29.909 1.00 9.60  ? 3   HYP C CB  1 
HETATM 361  C CG  . HYP C 1 3  ? -2.918  6.101   -30.972 1.00 12.47 ? 3   HYP C CG  1 
HETATM 362  C CD  . HYP C 1 3  ? -2.368  7.077   -31.973 1.00 15.24 ? 3   HYP C CD  1 
HETATM 363  O OD1 . HYP C 1 3  ? -3.902  5.304   -31.597 1.00 20.36 ? 3   HYP C OD1 1 
ATOM   364  N N   . GLY C 1 4  ? -4.747  9.849   -28.939 1.00 21.80 ? 4   GLY C N   1 
ATOM   365  C CA  . GLY C 1 4  ? -4.483  10.894  -27.954 1.00 29.46 ? 4   GLY C CA  1 
ATOM   366  C C   . GLY C 1 4  ? -3.566  10.361  -26.862 1.00 32.56 ? 4   GLY C C   1 
ATOM   367  O O   . GLY C 1 4  ? -3.221  9.171   -26.842 1.00 30.66 ? 4   GLY C O   1 
ATOM   368  N N   . PRO C 1 5  ? -3.155  11.214  -25.936 1.00 28.50 ? 5   PRO C N   1 
ATOM   369  C CA  . PRO C 1 5  ? -2.314  10.747  -24.818 1.00 16.95 ? 5   PRO C CA  1 
ATOM   370  C C   . PRO C 1 5  ? -3.146  10.036  -23.765 1.00 13.44 ? 5   PRO C C   1 
ATOM   371  O O   . PRO C 1 5  ? -4.381  10.069  -23.770 1.00 25.08 ? 5   PRO C O   1 
ATOM   372  C CB  . PRO C 1 5  ? -1.742  12.052  -24.277 1.00 25.31 ? 5   PRO C CB  1 
ATOM   373  C CG  . PRO C 1 5  ? -2.848  13.033  -24.519 1.00 35.43 ? 5   PRO C CG  1 
ATOM   374  C CD  . PRO C 1 5  ? -3.434  12.653  -25.856 1.00 34.58 ? 5   PRO C CD  1 
HETATM 375  N N   . HYP C 1 6  ? -2.494  9.347   -22.838 1.00 17.52 ? 6   HYP C N   1 
HETATM 376  C CA  . HYP C 1 6  ? -3.248  8.673   -21.770 1.00 11.84 ? 6   HYP C CA  1 
HETATM 377  C C   . HYP C 1 6  ? -4.092  9.665   -20.976 1.00 19.66 ? 6   HYP C C   1 
HETATM 378  O O   . HYP C 1 6  ? -3.792  10.868  -20.949 1.00 10.90 ? 6   HYP C O   1 
HETATM 379  C CB  . HYP C 1 6  ? -2.155  8.094   -20.873 1.00 12.78 ? 6   HYP C CB  1 
HETATM 380  C CG  . HYP C 1 6  ? -0.953  7.983   -21.760 1.00 12.95 ? 6   HYP C CG  1 
HETATM 381  C CD  . HYP C 1 6  ? -1.043  9.137   -22.725 1.00 14.99 ? 6   HYP C CD  1 
HETATM 382  O OD1 . HYP C 1 6  ? -1.064  6.783   -22.502 1.00 15.79 ? 6   HYP C OD1 1 
ATOM   383  N N   . GLY C 1 7  ? -5.136  9.123   -20.354 1.00 17.25 ? 7   GLY C N   1 
ATOM   384  C CA  . GLY C 1 7  ? -6.041  9.937   -19.550 1.00 18.66 ? 7   GLY C CA  1 
ATOM   385  C C   . GLY C 1 7  ? -5.389  10.473  -18.284 1.00 13.88 ? 7   GLY C C   1 
ATOM   386  O O   . GLY C 1 7  ? -4.222  10.173  -18.016 1.00 9.77  ? 7   GLY C O   1 
ATOM   387  N N   . PRO C 1 8  ? -6.146  11.254  -17.523 1.00 7.43  ? 8   PRO C N   1 
ATOM   388  C CA  . PRO C 1 8  ? -5.684  11.751  -16.225 1.00 5.98  ? 8   PRO C CA  1 
ATOM   389  C C   . PRO C 1 8  ? -5.521  10.659  -15.177 1.00 6.90  ? 8   PRO C C   1 
ATOM   390  O O   . PRO C 1 8  ? -6.145  9.596   -15.262 1.00 7.08  ? 8   PRO C O   1 
ATOM   391  C CB  . PRO C 1 8  ? -6.817  12.667  -15.735 1.00 7.24  ? 8   PRO C CB  1 
ATOM   392  C CG  . PRO C 1 8  ? -7.707  12.887  -16.911 1.00 21.66 ? 8   PRO C CG  1 
ATOM   393  C CD  . PRO C 1 8  ? -7.490  11.747  -17.855 1.00 20.43 ? 8   PRO C CD  1 
HETATM 394  N N   . HYP C 1 9  ? -4.701  10.902  -14.163 1.00 10.50 ? 9   HYP C N   1 
HETATM 395  C CA  . HYP C 1 9  ? -4.647  9.944   -13.051 1.00 8.57  ? 9   HYP C CA  1 
HETATM 396  C C   . HYP C 1 9  ? -6.031  9.693   -12.458 1.00 12.44 ? 9   HYP C C   1 
HETATM 397  O O   . HYP C 1 9  ? -6.906  10.566  -12.443 1.00 7.21  ? 9   HYP C O   1 
HETATM 398  C CB  . HYP C 1 9  ? -3.727  10.637  -12.047 1.00 8.08  ? 9   HYP C CB  1 
HETATM 399  C CG  . HYP C 1 9  ? -2.840  11.499  -12.896 1.00 11.16 ? 9   HYP C CG  1 
HETATM 400  C CD  . HYP C 1 9  ? -3.761  12.017  -13.969 1.00 8.27  ? 9   HYP C CD  1 
HETATM 401  O OD1 . HYP C 1 9  ? -1.850  10.691  -13.502 1.00 11.61 ? 9   HYP C OD1 1 
ATOM   402  N N   . GLY C 1 10 ? -6.264  8.467   -11.988 1.00 2.90  ? 10  GLY C N   1 
ATOM   403  C CA  . GLY C 1 10 ? -7.541  8.168   -11.348 1.00 5.39  ? 10  GLY C CA  1 
ATOM   404  C C   . GLY C 1 10 ? -7.561  8.853   -9.983  1.00 10.66 ? 10  GLY C C   1 
ATOM   405  O O   . GLY C 1 10 ? -6.580  9.490   -9.585  1.00 8.38  ? 10  GLY C O   1 
ATOM   406  N N   . PRO C 1 11 ? -8.710  8.690   -9.338  1.00 6.46  ? 11  PRO C N   1 
ATOM   407  C CA  . PRO C 1 11 ? -8.919  9.241   -8.001  1.00 10.76 ? 11  PRO C CA  1 
ATOM   408  C C   . PRO C 1 11 ? -8.015  8.584   -6.961  1.00 3.79  ? 11  PRO C C   1 
ATOM   409  O O   . PRO C 1 11 ? -7.595  7.428   -7.117  1.00 4.86  ? 11  PRO C O   1 
ATOM   410  C CB  . PRO C 1 11 ? -10.388 8.868   -7.728  1.00 7.00  ? 11  PRO C CB  1 
ATOM   411  C CG  . PRO C 1 11 ? -10.982 8.696   -9.087  1.00 6.50  ? 11  PRO C CG  1 
ATOM   412  C CD  . PRO C 1 11 ? -9.889  7.963   -9.839  1.00 5.89  ? 11  PRO C CD  1 
HETATM 413  N N   . HYP C 1 12 ? -7.744  9.291   -5.872  1.00 8.01  ? 12  HYP C N   1 
HETATM 414  C CA  . HYP C 1 12 ? -7.086  8.623   -4.743  1.00 6.38  ? 12  HYP C CA  1 
HETATM 415  C C   . HYP C 1 12 ? -7.988  7.477   -4.278  1.00 7.54  ? 12  HYP C C   1 
HETATM 416  O O   . HYP C 1 12 ? -9.209  7.518   -4.434  1.00 5.06  ? 12  HYP C O   1 
HETATM 417  C CB  . HYP C 1 12 ? -6.947  9.727   -3.700  1.00 13.33 ? 12  HYP C CB  1 
HETATM 418  C CG  . HYP C 1 12 ? -7.064  11.005  -4.466  1.00 15.55 ? 12  HYP C CG  1 
HETATM 419  C CD  . HYP C 1 12 ? -8.018  10.711  -5.596  1.00 8.51  ? 12  HYP C CD  1 
HETATM 420  O OD1 . HYP C 1 12 ? -5.832  11.362  -5.050  1.00 15.41 ? 12  HYP C OD1 1 
ATOM   421  N N   . GLY C 1 13 ? -7.401  6.427   -3.725  1.00 7.08  ? 13  GLY C N   1 
ATOM   422  C CA  . GLY C 1 13 ? -8.062  5.235   -3.263  1.00 4.76  ? 13  GLY C CA  1 
ATOM   423  C C   . GLY C 1 13 ? -8.853  5.459   -1.986  1.00 2.58  ? 13  GLY C C   1 
ATOM   424  O O   . GLY C 1 13 ? -8.744  6.558   -1.425  1.00 2.52  ? 13  GLY C O   1 
ATOM   425  N N   . PRO C 1 14 ? -9.566  4.411   -1.608  1.00 5.11  ? 14  PRO C N   1 
ATOM   426  C CA  . PRO C 1 14 ? -10.408 4.475   -0.413  1.00 5.95  ? 14  PRO C CA  1 
ATOM   427  C C   . PRO C 1 14 ? -9.548  4.496   0.848   1.00 5.02  ? 14  PRO C C   1 
ATOM   428  O O   . PRO C 1 14 ? -8.403  4.015   0.821   1.00 5.78  ? 14  PRO C O   1 
ATOM   429  C CB  . PRO C 1 14 ? -11.208 3.180   -0.471  1.00 8.98  ? 14  PRO C CB  1 
ATOM   430  C CG  . PRO C 1 14 ? -10.300 2.252   -1.201  1.00 9.16  ? 14  PRO C CG  1 
ATOM   431  C CD  . PRO C 1 14 ? -9.614  3.092   -2.247  1.00 7.01  ? 14  PRO C CD  1 
HETATM 432  N N   . HYP C 1 15 ? -10.104 5.027   1.929   1.00 2.70  ? 15  HYP C N   1 
HETATM 433  C CA  . HYP C 1 15 ? -9.372  5.037   3.194   1.00 2.84  ? 15  HYP C CA  1 
HETATM 434  C C   . HYP C 1 15 ? -8.951  3.620   3.538   1.00 2.61  ? 15  HYP C C   1 
HETATM 435  O O   . HYP C 1 15 ? -9.547  2.603   3.181   1.00 5.27  ? 15  HYP C O   1 
HETATM 436  C CB  . HYP C 1 15 ? -10.395 5.558   4.205   1.00 5.19  ? 15  HYP C CB  1 
HETATM 437  C CG  . HYP C 1 15 ? -11.342 6.362   3.380   1.00 5.17  ? 15  HYP C CG  1 
HETATM 438  C CD  . HYP C 1 15 ? -11.442 5.644   2.067   1.00 0.70  ? 15  HYP C CD  1 
HETATM 439  O OD1 . HYP C 1 15 ? -10.781 7.638   3.191   1.00 10.32 ? 15  HYP C OD1 1 
ATOM   440  N N   . GLY C 1 16 ? -7.845  3.542   4.276   1.00 0.53  ? 16  GLY C N   1 
ATOM   441  C CA  . GLY C 1 16 ? -7.440  2.318   4.902   1.00 3.05  ? 16  GLY C CA  1 
ATOM   442  C C   . GLY C 1 16 ? -8.396  1.906   6.008   1.00 5.64  ? 16  GLY C C   1 
ATOM   443  O O   . GLY C 1 16 ? -9.310  2.636   6.370   1.00 5.85  ? 16  GLY C O   1 
ATOM   444  N N   . PRO C 1 17 ? -8.174  0.706   6.505   1.00 3.97  ? 17  PRO C N   1 
ATOM   445  C CA  . PRO C 1 17 ? -9.030  0.170   7.553   1.00 8.43  ? 17  PRO C CA  1 
ATOM   446  C C   . PRO C 1 17 ? -8.745  0.750   8.942   1.00 7.83  ? 17  PRO C C   1 
ATOM   447  O O   . PRO C 1 17 ? -7.667  1.299   9.176   1.00 3.03  ? 17  PRO C O   1 
ATOM   448  C CB  . PRO C 1 17 ? -8.675  -1.314  7.563   1.00 7.78  ? 17  PRO C CB  1 
ATOM   449  C CG  . PRO C 1 17 ? -7.323  -1.422  6.958   1.00 11.82 ? 17  PRO C CG  1 
ATOM   450  C CD  . PRO C 1 17 ? -7.116  -0.236  6.058   1.00 4.03  ? 17  PRO C CD  1 
HETATM 451  N N   . HYP C 1 18 ? -9.709  0.582   9.833   1.00 3.69  ? 18  HYP C N   1 
HETATM 452  C CA  . HYP C 1 18 ? -9.532  0.854   11.257  1.00 6.68  ? 18  HYP C CA  1 
HETATM 453  C C   . HYP C 1 18 ? -8.288  0.163   11.805  1.00 6.03  ? 18  HYP C C   1 
HETATM 454  O O   . HYP C 1 18 ? -8.043  -1.007  11.493  1.00 5.76  ? 18  HYP C O   1 
HETATM 455  C CB  . HYP C 1 18 ? -10.773 0.204   11.900  1.00 4.28  ? 18  HYP C CB  1 
HETATM 456  C CG  . HYP C 1 18 ? -11.816 0.351   10.842  1.00 3.94  ? 18  HYP C CG  1 
HETATM 457  C CD  . HYP C 1 18 ? -11.082 0.098   9.552   1.00 5.83  ? 18  HYP C CD  1 
HETATM 458  O OD1 . HYP C 1 18 ? -12.261 1.688   10.792  1.00 7.96  ? 18  HYP C OD1 1 
ATOM   459  N N   . GLY C 1 19 ? -7.549  0.876   12.637  1.00 4.37  ? 19  GLY C N   1 
ATOM   460  C CA  . GLY C 1 19 ? -6.350  0.326   13.254  1.00 4.71  ? 19  GLY C CA  1 
ATOM   461  C C   . GLY C 1 19 ? -6.638  -0.761  14.267  1.00 6.81  ? 19  GLY C C   1 
ATOM   462  O O   . GLY C 1 19 ? -7.772  -1.025  14.648  1.00 6.47  ? 19  GLY C O   1 
ATOM   463  N N   . PRO C 1 20 ? -5.578  -1.420  14.729  1.00 6.24  ? 20  PRO C N   1 
ATOM   464  C CA  . PRO C 1 20 ? -5.637  -2.450  15.756  1.00 12.40 ? 20  PRO C CA  1 
ATOM   465  C C   . PRO C 1 20 ? -6.092  -1.977  17.127  1.00 3.25  ? 20  PRO C C   1 
ATOM   466  O O   . PRO C 1 20 ? -6.019  -0.799  17.466  1.00 3.85  ? 20  PRO C O   1 
ATOM   467  C CB  . PRO C 1 20 ? -4.152  -2.873  15.904  1.00 11.42 ? 20  PRO C CB  1 
ATOM   468  C CG  . PRO C 1 20 ? -3.558  -2.514  14.584  1.00 7.85  ? 20  PRO C CG  1 
ATOM   469  C CD  . PRO C 1 20 ? -4.213  -1.190  14.230  1.00 5.93  ? 20  PRO C CD  1 
HETATM 470  N N   . HYP C 1 21 ? -6.535  -2.907  17.975  1.00 4.25  ? 21  HYP C N   1 
HETATM 471  C CA  . HYP C 1 21 ? -6.907  -2.505  19.332  1.00 8.28  ? 21  HYP C CA  1 
HETATM 472  C C   . HYP C 1 21 ? -5.740  -1.844  20.037  1.00 6.16  ? 21  HYP C C   1 
HETATM 473  O O   . HYP C 1 21 ? -4.574  -2.157  19.775  1.00 5.26  ? 21  HYP C O   1 
HETATM 474  C CB  . HYP C 1 21 ? -7.263  -3.837  20.004  1.00 6.94  ? 21  HYP C CB  1 
HETATM 475  C CG  . HYP C 1 21 ? -7.683  -4.717  18.869  1.00 9.28  ? 21  HYP C CG  1 
HETATM 476  C CD  . HYP C 1 21 ? -6.722  -4.348  17.747  1.00 5.95  ? 21  HYP C CD  1 
HETATM 477  O OD1 . HYP C 1 21 ? -8.959  -4.310  18.418  1.00 9.14  ? 21  HYP C OD1 1 
ATOM   478  N N   . GLY C 1 22 ? -6.050  -0.917  20.946  1.00 10.23 ? 22  GLY C N   1 
ATOM   479  C CA  . GLY C 1 22 ? -4.980  -0.331  21.742  1.00 14.49 ? 22  GLY C CA  1 
ATOM   480  C C   . GLY C 1 22 ? -4.530  -1.286  22.836  1.00 14.17 ? 22  GLY C C   1 
ATOM   481  O O   . GLY C 1 22 ? -5.078  -2.380  22.992  1.00 5.39  ? 22  GLY C O   1 
ATOM   482  N N   . PRO C 1 23 ? -3.532  -0.871  23.610  1.00 16.05 ? 23  PRO C N   1 
ATOM   483  C CA  . PRO C 1 23 ? -2.963  -1.747  24.640  1.00 6.83  ? 23  PRO C CA  1 
ATOM   484  C C   . PRO C 1 23 ? -3.884  -1.819  25.850  1.00 11.62 ? 23  PRO C C   1 
ATOM   485  O O   . PRO C 1 23 ? -4.772  -0.971  25.949  1.00 9.72  ? 23  PRO C O   1 
ATOM   486  C CB  . PRO C 1 23 ? -1.665  -1.053  25.039  1.00 9.98  ? 23  PRO C CB  1 
ATOM   487  C CG  . PRO C 1 23 ? -1.556  0.182   24.228  1.00 22.21 ? 23  PRO C CG  1 
ATOM   488  C CD  . PRO C 1 23 ? -2.892  0.454   23.599  1.00 14.03 ? 23  PRO C CD  1 
HETATM 489  N N   . HYP C 1 24 ? -3.689  -2.780  26.744  1.00 14.03 ? 24  HYP C N   1 
HETATM 490  C CA  . HYP C 1 24 ? -4.491  -2.827  27.964  1.00 5.04  ? 24  HYP C CA  1 
HETATM 491  C C   . HYP C 1 24 ? -4.244  -1.562  28.786  1.00 11.27 ? 24  HYP C C   1 
HETATM 492  O O   . HYP C 1 24 ? -3.199  -0.910  28.696  1.00 9.24  ? 24  HYP C O   1 
HETATM 493  C CB  . HYP C 1 24 ? -3.956  -4.025  28.750  1.00 5.06  ? 24  HYP C CB  1 
HETATM 494  C CG  . HYP C 1 24 ? -3.240  -4.840  27.726  1.00 6.71  ? 24  HYP C CG  1 
HETATM 495  C CD  . HYP C 1 24 ? -2.712  -3.883  26.689  1.00 13.73 ? 24  HYP C CD  1 
HETATM 496  O OD1 . HYP C 1 24 ? -4.175  -5.704  27.129  1.00 15.86 ? 24  HYP C OD1 1 
ATOM   497  N N   . GLY C 1 25 ? -5.235  -1.239  29.616  1.00 17.35 ? 25  GLY C N   1 
ATOM   498  C CA  . GLY C 1 25 ? -5.013  -0.178  30.596  1.00 15.05 ? 25  GLY C CA  1 
ATOM   499  C C   . GLY C 1 25 ? -4.138  -0.759  31.703  1.00 13.84 ? 25  GLY C C   1 
ATOM   500  O O   . GLY C 1 25 ? -3.917  -1.975  31.767  1.00 16.43 ? 25  GLY C O   1 
ATOM   501  N N   . PRO C 1 26 ? -3.671  0.132   32.561  1.00 11.64 ? 26  PRO C N   1 
ATOM   502  C CA  . PRO C 1 26 ? -2.801  -0.262  33.677  1.00 15.51 ? 26  PRO C CA  1 
ATOM   503  C C   . PRO C 1 26 ? -3.606  -0.951  34.769  1.00 15.24 ? 26  PRO C C   1 
ATOM   504  O O   . PRO C 1 26 ? -4.829  -0.816  34.789  1.00 12.89 ? 26  PRO C O   1 
ATOM   505  C CB  . PRO C 1 26 ? -2.276  1.095   34.159  1.00 19.05 ? 26  PRO C CB  1 
ATOM   506  C CG  . PRO C 1 26 ? -3.394  2.040   33.855  1.00 19.82 ? 26  PRO C CG  1 
ATOM   507  C CD  . PRO C 1 26 ? -3.965  1.576   32.541  1.00 14.40 ? 26  PRO C CD  1 
HETATM 508  N N   . HYP C 1 27 ? -2.977  -1.685  35.674  1.00 20.31 ? 27  HYP C N   1 
HETATM 509  C CA  . HYP C 1 27 ? -3.722  -2.318  36.765  1.00 19.10 ? 27  HYP C CA  1 
HETATM 510  C C   . HYP C 1 27 ? -4.573  -1.329  37.565  1.00 32.60 ? 27  HYP C C   1 
HETATM 511  O O   . HYP C 1 27 ? -4.180  -0.151  37.620  1.00 24.88 ? 27  HYP C O   1 
HETATM 512  C CB  . HYP C 1 27 ? -2.609  -2.837  37.680  1.00 7.41  ? 27  HYP C CB  1 
HETATM 513  C CG  . HYP C 1 27 ? -1.475  -3.109  36.744  1.00 13.13 ? 27  HYP C CG  1 
HETATM 514  C CD  . HYP C 1 27 ? -1.535  -1.987  35.741  1.00 18.78 ? 27  HYP C CD  1 
HETATM 515  O OD1 . HYP C 1 27 ? -1.740  -4.333  36.101  1.00 37.37 ? 27  HYP C OD1 1 
HETATM 516  O OXT . HYP C 1 27 ? -5.596  -1.755  38.129  1.00 24.06 ? 27  HYP C OXT 1 
ATOM   517  N N   . GLY D 1 1  ? 1.908   -10.234 33.678  1.00 24.23 ? 1   GLY D N   1 
ATOM   518  C CA  . GLY D 1 1  ? 2.779   -9.281  33.007  1.00 29.06 ? 1   GLY D CA  1 
ATOM   519  C C   . GLY D 1 1  ? 2.111   -8.651  31.797  1.00 26.70 ? 1   GLY D C   1 
ATOM   520  O O   . GLY D 1 1  ? 1.477   -9.343  31.006  1.00 25.39 ? 1   GLY D O   1 
ATOM   521  N N   . PRO D 1 2  ? 2.241   -7.339  31.639  1.00 26.26 ? 2   PRO D N   1 
ATOM   522  C CA  . PRO D 1 2  ? 1.574   -6.644  30.530  1.00 26.69 ? 2   PRO D CA  1 
ATOM   523  C C   . PRO D 1 2  ? 2.099   -7.052  29.161  1.00 20.38 ? 2   PRO D C   1 
ATOM   524  O O   . PRO D 1 2  ? 3.293   -7.296  28.974  1.00 17.71 ? 2   PRO D O   1 
ATOM   525  C CB  . PRO D 1 2  ? 1.902   -5.173  30.810  1.00 26.65 ? 2   PRO D CB  1 
ATOM   526  C CG  . PRO D 1 2  ? 3.097   -5.171  31.699  1.00 26.41 ? 2   PRO D CG  1 
ATOM   527  C CD  . PRO D 1 2  ? 3.018   -6.435  32.503  1.00 26.22 ? 2   PRO D CD  1 
HETATM 528  N N   . HYP D 1 3  ? 1.234   -7.139  28.154  1.00 17.38 ? 3   HYP D N   1 
HETATM 529  C CA  . HYP D 1 3  ? 1.710   -7.477  26.810  1.00 22.44 ? 3   HYP D CA  1 
HETATM 530  C C   . HYP D 1 3  ? 2.832   -6.564  26.318  1.00 13.99 ? 3   HYP D C   1 
HETATM 531  O O   . HYP D 1 3  ? 2.912   -5.385  26.651  1.00 13.73 ? 3   HYP D O   1 
HETATM 532  C CB  . HYP D 1 3  ? 0.469   -7.255  25.938  1.00 23.08 ? 3   HYP D CB  1 
HETATM 533  C CG  . HYP D 1 3  ? -0.679  -7.497  26.871  1.00 18.46 ? 3   HYP D CG  1 
HETATM 534  C CD  . HYP D 1 3  ? -0.230  -6.955  28.206  1.00 16.43 ? 3   HYP D CD  1 
HETATM 535  O OD1 . HYP D 1 3  ? -0.820  -8.905  27.002  1.00 16.17 ? 3   HYP D OD1 1 
ATOM   536  N N   . GLY D 1 4  ? 3.709   -7.146  25.502  1.00 8.70  ? 4   GLY D N   1 
ATOM   537  C CA  . GLY D 1 4  ? 4.743   -6.348  24.835  1.00 17.70 ? 4   GLY D CA  1 
ATOM   538  C C   . GLY D 1 4  ? 4.060   -5.509  23.759  1.00 17.60 ? 4   GLY D C   1 
ATOM   539  O O   . GLY D 1 4  ? 2.876   -5.682  23.450  1.00 10.78 ? 4   GLY D O   1 
ATOM   540  N N   . PRO D 1 5  ? 4.790   -4.573  23.176  1.00 9.11  ? 5   PRO D N   1 
ATOM   541  C CA  . PRO D 1 5  ? 4.191   -3.654  22.208  1.00 12.43 ? 5   PRO D CA  1 
ATOM   542  C C   . PRO D 1 5  ? 4.003   -4.280  20.828  1.00 13.80 ? 5   PRO D C   1 
ATOM   543  O O   . PRO D 1 5  ? 4.513   -5.373  20.551  1.00 12.06 ? 5   PRO D O   1 
ATOM   544  C CB  . PRO D 1 5  ? 5.250   -2.551  22.114  1.00 9.98  ? 5   PRO D CB  1 
ATOM   545  C CG  . PRO D 1 5  ? 6.540   -3.280  22.355  1.00 13.13 ? 5   PRO D CG  1 
ATOM   546  C CD  . PRO D 1 5  ? 6.222   -4.320  23.404  1.00 12.74 ? 5   PRO D CD  1 
HETATM 547  N N   . HYP D 1 6  ? 3.266   -3.554  20.002  1.00 4.14  ? 6   HYP D N   1 
HETATM 548  C CA  . HYP D 1 6  ? 3.126   -3.896  18.583  1.00 8.68  ? 6   HYP D CA  1 
HETATM 549  C C   . HYP D 1 6  ? 4.486   -3.999  17.908  1.00 7.53  ? 6   HYP D C   1 
HETATM 550  O O   . HYP D 1 6  ? 5.394   -3.213  18.200  1.00 14.62 ? 6   HYP D O   1 
HETATM 551  C CB  . HYP D 1 6  ? 2.381   -2.694  17.998  1.00 7.17  ? 6   HYP D CB  1 
HETATM 552  C CG  . HYP D 1 6  ? 1.589   -2.147  19.137  1.00 8.28  ? 6   HYP D CG  1 
HETATM 553  C CD  . HYP D 1 6  ? 2.490   -2.344  20.325  1.00 1.88  ? 6   HYP D CD  1 
HETATM 554  O OD1 . HYP D 1 6  ? 0.426   -2.917  19.285  1.00 13.96 ? 6   HYP D OD1 1 
ATOM   555  N N   . GLY D 1 7  ? 4.614   -4.943  16.975  1.00 8.36  ? 7   GLY D N   1 
ATOM   556  C CA  . GLY D 1 7  ? 5.818   -5.089  16.184  1.00 2.57  ? 7   GLY D CA  1 
ATOM   557  C C   . GLY D 1 7  ? 6.129   -3.933  15.274  1.00 4.94  ? 7   GLY D C   1 
ATOM   558  O O   . GLY D 1 7  ? 5.327   -3.024  15.089  1.00 5.14  ? 7   GLY D O   1 
ATOM   559  N N   . PRO D 1 8  ? 7.325   -3.917  14.674  1.00 5.33  ? 8   PRO D N   1 
ATOM   560  C CA  . PRO D 1 8  ? 7.693   -2.893  13.706  1.00 8.35  ? 8   PRO D CA  1 
ATOM   561  C C   . PRO D 1 8  ? 7.006   -3.067  12.350  1.00 4.78  ? 8   PRO D C   1 
ATOM   562  O O   . PRO D 1 8  ? 6.390   -4.096  12.082  1.00 6.90  ? 8   PRO D O   1 
ATOM   563  C CB  . PRO D 1 8  ? 9.212   -3.076  13.530  1.00 4.73  ? 8   PRO D CB  1 
ATOM   564  C CG  . PRO D 1 8  ? 9.600   -4.252  14.336  1.00 7.28  ? 8   PRO D CG  1 
ATOM   565  C CD  . PRO D 1 8  ? 8.389   -4.900  14.925  1.00 9.88  ? 8   PRO D CD  1 
HETATM 566  N N   . HYP D 1 9  ? 7.113   -2.070  11.481  1.00 5.79  ? 9   HYP D N   1 
HETATM 567  C CA  . HYP D 1 9  ? 6.524   -2.203  10.141  1.00 2.11  ? 9   HYP D CA  1 
HETATM 568  C C   . HYP D 1 9  ? 7.101   -3.370  9.348   1.00 5.20  ? 9   HYP D C   1 
HETATM 569  O O   . HYP D 1 9  ? 8.292   -3.680  9.377   1.00 6.09  ? 9   HYP D O   1 
HETATM 570  C CB  . HYP D 1 9  ? 6.886   -0.880  9.469   1.00 6.00  ? 9   HYP D CB  1 
HETATM 571  C CG  . HYP D 1 9  ? 7.132   0.064   10.606  1.00 5.84  ? 9   HYP D CG  1 
HETATM 572  C CD  . HYP D 1 9  ? 7.746   -0.769  11.698  1.00 3.76  ? 9   HYP D CD  1 
HETATM 573  O OD1 . HYP D 1 9  ? 5.874   0.498   11.091  1.00 11.45 ? 9   HYP D OD1 1 
ATOM   574  N N   . GLY D 1 10 ? 6.243   -4.038  8.571   1.00 4.85  ? 10  GLY D N   1 
ATOM   575  C CA  . GLY D 1 10 ? 6.695   -5.075  7.663   1.00 9.94  ? 10  GLY D CA  1 
ATOM   576  C C   . GLY D 1 10 ? 7.500   -4.546  6.497   1.00 3.86  ? 10  GLY D C   1 
ATOM   577  O O   . GLY D 1 10 ? 7.627   -3.343  6.272   1.00 3.28  ? 10  GLY D O   1 
ATOM   578  N N   . PRO D 1 11 ? 8.088   -5.420  5.686   1.00 1.76  ? 11  PRO D N   1 
ATOM   579  C CA  . PRO D 1 11 ? 8.834   -4.927  4.532   1.00 5.14  ? 11  PRO D CA  1 
ATOM   580  C C   . PRO D 1 11 ? 7.963   -4.342  3.440   1.00 4.40  ? 11  PRO D C   1 
ATOM   581  O O   . PRO D 1 11 ? 6.755   -4.571  3.395   1.00 3.07  ? 11  PRO D O   1 
ATOM   582  C CB  . PRO D 1 11 ? 9.468   -6.206  3.965   1.00 5.77  ? 11  PRO D CB  1 
ATOM   583  C CG  . PRO D 1 11 ? 8.643   -7.324  4.489   1.00 14.64 ? 11  PRO D CG  1 
ATOM   584  C CD  . PRO D 1 11 ? 8.113   -6.884  5.831   1.00 4.59  ? 11  PRO D CD  1 
HETATM 585  N N   . HYP D 1 12 ? 8.574   -3.615  2.519   1.00 7.36  ? 12  HYP D N   1 
HETATM 586  C CA  . HYP D 1 12 ? 7.805   -3.104  1.389   1.00 4.76  ? 12  HYP D CA  1 
HETATM 587  C C   . HYP D 1 12 ? 7.294   -4.230  0.515   1.00 6.20  ? 12  HYP D C   1 
HETATM 588  O O   . HYP D 1 12 ? 7.827   -5.332  0.422   1.00 6.06  ? 12  HYP D O   1 
HETATM 589  C CB  . HYP D 1 12 ? 8.811   -2.301  0.582   1.00 1.58  ? 12  HYP D CB  1 
HETATM 590  C CG  . HYP D 1 12 ? 10.003  -2.120  1.476   1.00 3.21  ? 12  HYP D CG  1 
HETATM 591  C CD  . HYP D 1 12 ? 9.996   -3.235  2.467   1.00 5.05  ? 12  HYP D CD  1 
HETATM 592  O OD1 . HYP D 1 12 ? 9.819   -0.917  2.189   1.00 9.90  ? 12  HYP D OD1 1 
ATOM   593  N N   . GLY D 1 13 ? 6.190   -3.930  -0.178  1.00 3.68  ? 13  GLY D N   1 
ATOM   594  C CA  . GLY D 1 13 ? 5.804   -4.867  -1.222  1.00 3.29  ? 13  GLY D CA  1 
ATOM   595  C C   . GLY D 1 13 ? 6.800   -4.748  -2.371  1.00 4.55  ? 13  GLY D C   1 
ATOM   596  O O   . GLY D 1 13 ? 7.667   -3.903  -2.462  1.00 7.16  ? 13  GLY D O   1 
ATOM   597  N N   . PRO D 1 14 ? 6.634   -5.692  -3.283  1.00 7.09  ? 14  PRO D N   1 
ATOM   598  C CA  . PRO D 1 14 ? 7.520   -5.776  -4.438  1.00 2.77  ? 14  PRO D CA  1 
ATOM   599  C C   . PRO D 1 14 ? 7.093   -4.773  -5.485  1.00 3.57  ? 14  PRO D C   1 
ATOM   600  O O   . PRO D 1 14 ? 5.976   -4.224  -5.401  1.00 10.27 ? 14  PRO D O   1 
ATOM   601  C CB  . PRO D 1 14 ? 7.230   -7.213  -4.874  1.00 2.79  ? 14  PRO D CB  1 
ATOM   602  C CG  . PRO D 1 14 ? 5.773   -7.409  -4.576  1.00 7.36  ? 14  PRO D CG  1 
ATOM   603  C CD  . PRO D 1 14 ? 5.588   -6.731  -3.241  1.00 5.32  ? 14  PRO D CD  1 
HETATM 604  N N   . HYP D 1 15 ? 7.902   -4.520  -6.498  1.00 4.66  ? 15  HYP D N   1 
HETATM 605  C CA  . HYP D 1 15 ? 7.516   -3.616  -7.587  1.00 2.84  ? 15  HYP D CA  1 
HETATM 606  C C   . HYP D 1 15 ? 6.197   -4.049  -8.209  1.00 4.28  ? 15  HYP D C   1 
HETATM 607  O O   . HYP D 1 15 ? 5.886   -5.227  -8.277  1.00 7.47  ? 15  HYP D O   1 
HETATM 608  C CB  . HYP D 1 15 ? 8.682   -3.754  -8.560  1.00 5.21  ? 15  HYP D CB  1 
HETATM 609  C CG  . HYP D 1 15 ? 9.840   -4.183  -7.724  1.00 4.39  ? 15  HYP D CG  1 
HETATM 610  C CD  . HYP D 1 15 ? 9.253   -5.087  -6.671  1.00 1.91  ? 15  HYP D CD  1 
HETATM 611  O OD1 . HYP D 1 15 ? 10.394  -3.077  -7.049  1.00 5.17  ? 15  HYP D OD1 1 
ATOM   612  N N   . GLY D 1 16 ? 5.402   -3.072  -8.650  1.00 5.87  ? 16  GLY D N   1 
ATOM   613  C CA  . GLY D 1 16 ? 4.174   -3.412  -9.325  1.00 4.67  ? 16  GLY D CA  1 
ATOM   614  C C   . GLY D 1 16 ? 4.360   -3.965  -10.719 1.00 7.23  ? 16  GLY D C   1 
ATOM   615  O O   . GLY D 1 16 ? 5.484   -4.169  -11.209 1.00 4.83  ? 16  GLY D O   1 
ATOM   616  N N   . PRO D 1 17 ? 3.241   -4.198  -11.400 1.00 7.60  ? 17  PRO D N   1 
ATOM   617  C CA  . PRO D 1 17 ? 3.235   -4.699  -12.765 1.00 11.35 ? 17  PRO D CA  1 
ATOM   618  C C   . PRO D 1 17 ? 3.904   -3.787  -13.777 1.00 7.36  ? 17  PRO D C   1 
ATOM   619  O O   . PRO D 1 17 ? 4.024   -2.576  -13.627 1.00 6.96  ? 17  PRO D O   1 
ATOM   620  C CB  . PRO D 1 17 ? 1.734   -4.759  -13.130 1.00 8.21  ? 17  PRO D CB  1 
ATOM   621  C CG  . PRO D 1 17 ? 1.003   -4.698  -11.850 1.00 6.97  ? 17  PRO D CG  1 
ATOM   622  C CD  . PRO D 1 17 ? 1.891   -4.000  -10.858 1.00 6.40  ? 17  PRO D CD  1 
HETATM 623  N N   . HYP D 1 18 ? 4.378   -4.357  -14.878 1.00 7.04  ? 18  HYP D N   1 
HETATM 624  C CA  . HYP D 1 18 ? 4.835   -3.529  -15.984 1.00 4.86  ? 18  HYP D CA  1 
HETATM 625  C C   . HYP D 1 18 ? 3.706   -2.603  -16.454 1.00 4.55  ? 18  HYP D C   1 
HETATM 626  O O   . HYP D 1 18 ? 2.525   -2.958  -16.363 1.00 7.43  ? 18  HYP D O   1 
HETATM 627  C CB  . HYP D 1 18 ? 5.177   -4.540  -17.072 1.00 12.25 ? 18  HYP D CB  1 
HETATM 628  C CG  . HYP D 1 18 ? 5.449   -5.808  -16.334 1.00 9.24  ? 18  HYP D CG  1 
HETATM 629  C CD  . HYP D 1 18 ? 4.538   -5.803  -15.128 1.00 5.31  ? 18  HYP D CD  1 
HETATM 630  O OD1 . HYP D 1 18 ? 6.763   -5.783  -15.819 1.00 4.33  ? 18  HYP D OD1 1 
ATOM   631  N N   . GLY D 1 19 ? 4.137   -1.444  -16.920 1.00 2.60  ? 19  GLY D N   1 
ATOM   632  C CA  . GLY D 1 19 ? 3.252   -0.414  -17.450 1.00 3.54  ? 19  GLY D CA  1 
ATOM   633  C C   . GLY D 1 19 ? 2.665   -0.906  -18.766 1.00 8.62  ? 19  GLY D C   1 
ATOM   634  O O   . GLY D 1 19 ? 3.112   -1.925  -19.301 1.00 9.00  ? 19  GLY D O   1 
ATOM   635  N N   . PRO D 1 20 ? 1.685   -0.186  -19.284 1.00 12.45 ? 20  PRO D N   1 
ATOM   636  C CA  . PRO D 1 20 ? 1.129   -0.486  -20.600 1.00 11.11 ? 20  PRO D CA  1 
ATOM   637  C C   . PRO D 1 20 ? 2.146   -0.413  -21.730 1.00 9.00  ? 20  PRO D C   1 
ATOM   638  O O   . PRO D 1 20 ? 3.125   0.334   -21.710 1.00 4.06  ? 20  PRO D O   1 
ATOM   639  C CB  . PRO D 1 20 ? 0.156   0.693   -20.807 1.00 8.93  ? 20  PRO D CB  1 
ATOM   640  C CG  . PRO D 1 20 ? -0.234  1.094   -19.424 1.00 8.33  ? 20  PRO D CG  1 
ATOM   641  C CD  . PRO D 1 20 ? 1.036   0.972   -18.633 1.00 12.98 ? 20  PRO D CD  1 
HETATM 642  N N   . HYP D 1 21 ? 1.892   -1.175  -22.794 1.00 13.06 ? 21  HYP D N   1 
HETATM 643  C CA  . HYP D 1 21 ? 2.636   -0.954  -24.036 1.00 16.88 ? 21  HYP D CA  1 
HETATM 644  C C   . HYP D 1 21 ? 2.545   0.504   -24.478 1.00 16.29 ? 21  HYP D C   1 
HETATM 645  O O   . HYP D 1 21 ? 1.489   1.141   -24.353 1.00 17.13 ? 21  HYP D O   1 
HETATM 646  C CB  . HYP D 1 21 ? 1.913   -1.885  -25.017 1.00 21.16 ? 21  HYP D CB  1 
HETATM 647  C CG  . HYP D 1 21 ? 1.379   -2.977  -24.142 1.00 21.64 ? 21  HYP D CG  1 
HETATM 648  C CD  . HYP D 1 21 ? 0.911   -2.267  -22.896 1.00 17.31 ? 21  HYP D CD  1 
HETATM 649  O OD1 . HYP D 1 21 ? 2.416   -3.855  -23.773 1.00 20.55 ? 21  HYP D OD1 1 
ATOM   650  N N   . GLY D 1 22 ? 3.643   1.050   -24.985 1.00 13.33 ? 22  GLY D N   1 
ATOM   651  C CA  . GLY D 1 22 ? 3.695   2.401   -25.505 1.00 9.72  ? 22  GLY D CA  1 
ATOM   652  C C   . GLY D 1 22 ? 2.786   2.633   -26.696 1.00 11.75 ? 22  GLY D C   1 
ATOM   653  O O   . GLY D 1 22 ? 2.210   1.684   -27.252 1.00 12.56 ? 22  GLY D O   1 
ATOM   654  N N   . PRO D 1 23 ? 2.654   3.902   -27.080 1.00 14.72 ? 23  PRO D N   1 
ATOM   655  C CA  . PRO D 1 23 ? 1.814   4.291   -28.218 1.00 15.08 ? 23  PRO D CA  1 
ATOM   656  C C   . PRO D 1 23 ? 2.429   3.919   -29.561 1.00 15.36 ? 23  PRO D C   1 
ATOM   657  O O   . PRO D 1 23 ? 3.632   3.697   -29.684 1.00 18.24 ? 23  PRO D O   1 
ATOM   658  C CB  . PRO D 1 23 ? 1.774   5.820   -28.094 1.00 18.27 ? 23  PRO D CB  1 
ATOM   659  C CG  . PRO D 1 23 ? 3.086   6.157   -27.464 1.00 22.53 ? 23  PRO D CG  1 
ATOM   660  C CD  . PRO D 1 23 ? 3.308   5.063   -26.442 1.00 13.95 ? 23  PRO D CD  1 
HETATM 661  N N   . HYP D 1 24 ? 1.584   3.858   -30.582 1.00 11.55 ? 24  HYP D N   1 
HETATM 662  C CA  . HYP D 1 24 ? 2.044   3.555   -31.943 1.00 7.31  ? 24  HYP D CA  1 
HETATM 663  C C   . HYP D 1 24 ? 3.186   4.470   -32.371 1.00 13.90 ? 24  HYP D C   1 
HETATM 664  O O   . HYP D 1 24 ? 3.254   5.618   -31.929 1.00 26.66 ? 24  HYP D O   1 
HETATM 665  C CB  . HYP D 1 24 ? 0.805   3.840   -32.795 1.00 9.59  ? 24  HYP D CB  1 
HETATM 666  C CG  . HYP D 1 24 ? -0.354  3.613   -31.884 1.00 14.18 ? 24  HYP D CG  1 
HETATM 667  C CD  . HYP D 1 24 ? 0.128   4.058   -30.524 1.00 7.09  ? 24  HYP D CD  1 
HETATM 668  O OD1 . HYP D 1 24 ? -0.623  2.229   -31.815 1.00 27.22 ? 24  HYP D OD1 1 
ATOM   669  N N   . GLY D 1 25 ? 4.051   3.932   -33.227 1.00 14.83 ? 25  GLY D N   1 
ATOM   670  C CA  . GLY D 1 25 ? 5.110   4.724   -33.833 1.00 16.28 ? 25  GLY D CA  1 
ATOM   671  C C   . GLY D 1 25 ? 4.529   5.741   -34.800 1.00 17.84 ? 25  GLY D C   1 
ATOM   672  O O   . GLY D 1 25 ? 3.327   5.739   -35.080 1.00 13.47 ? 25  GLY D O   1 
ATOM   673  N N   . PRO D 1 26 ? 5.367   6.626   -35.323 1.00 21.79 ? 26  PRO D N   1 
ATOM   674  C CA  . PRO D 1 26 ? 4.868   7.659   -36.234 1.00 17.06 ? 26  PRO D CA  1 
ATOM   675  C C   . PRO D 1 26 ? 4.646   7.073   -37.622 1.00 25.60 ? 26  PRO D C   1 
ATOM   676  O O   . PRO D 1 26 ? 5.183   6.011   -37.940 1.00 25.34 ? 26  PRO D O   1 
ATOM   677  C CB  . PRO D 1 26 ? 6.020   8.660   -36.261 1.00 24.92 ? 26  PRO D CB  1 
ATOM   678  C CG  . PRO D 1 26 ? 7.230   7.801   -36.087 1.00 28.54 ? 26  PRO D CG  1 
ATOM   679  C CD  . PRO D 1 26 ? 6.819   6.721   -35.116 1.00 28.41 ? 26  PRO D CD  1 
HETATM 680  N N   . HYP D 1 27 ? 3.862   7.784   -38.417 1.00 31.73 ? 27  HYP D N   1 
HETATM 681  C CA  . HYP D 1 27 ? 3.469   7.303   -39.741 1.00 36.08 ? 27  HYP D CA  1 
HETATM 682  C C   . HYP D 1 27 ? 4.685   6.878   -40.556 1.00 29.31 ? 27  HYP D C   1 
HETATM 683  O O   . HYP D 1 27 ? 5.780   7.403   -40.334 1.00 23.34 ? 27  HYP D O   1 
HETATM 684  C CB  . HYP D 1 27 ? 2.813   8.525   -40.381 1.00 41.64 ? 27  HYP D CB  1 
HETATM 685  C CG  . HYP D 1 27 ? 2.425   9.424   -39.261 1.00 39.50 ? 27  HYP D CG  1 
HETATM 686  C CD  . HYP D 1 27 ? 3.322   9.114   -38.103 1.00 33.15 ? 27  HYP D CD  1 
HETATM 687  O OD1 . HYP D 1 27 ? 1.098   9.157   -38.880 1.00 60.01 ? 27  HYP D OD1 1 
ATOM   688  N N   A GLY E 1 1  ? 6.181   -11.142 38.885  0.50 6.33  ? 1   GLY E N   1 
ATOM   689  N N   B GLY E 1 1  ? 5.114   -10.380 30.368  0.50 15.59 ? 1   GLY E N   1 
ATOM   690  C CA  A GLY E 1 1  ? 5.641   -11.945 37.808  0.50 11.87 ? 1   GLY E CA  1 
ATOM   691  C CA  B GLY E 1 1  ? 3.871   -10.666 29.654  0.50 11.94 ? 1   GLY E CA  1 
ATOM   692  C C   A GLY E 1 1  ? 6.574   -12.023 36.619  0.50 8.09  ? 1   GLY E C   1 
ATOM   693  C C   B GLY E 1 1  ? 4.146   -11.341 28.319  0.50 20.29 ? 1   GLY E C   1 
ATOM   694  O O   A GLY E 1 1  ? 7.487   -11.210 36.460  0.50 4.88  ? 1   GLY E O   1 
ATOM   695  O O   B GLY E 1 1  ? 5.310   -11.470 27.923  0.50 24.56 ? 1   GLY E O   1 
ATOM   696  N N   A PRO E 1 2  ? 6.348   -13.017 35.766  0.50 3.82  ? 2   PRO E N   1 
ATOM   697  N N   B PRO E 1 2  ? 3.107   -11.799 27.629  0.50 28.50 ? 2   PRO E N   1 
ATOM   698  C CA  A PRO E 1 2  ? 7.159   -13.126 34.554  0.50 7.23  ? 2   PRO E CA  1 
ATOM   699  C CA  B PRO E 1 2  ? 3.241   -12.337 26.269  0.50 29.18 ? 2   PRO E CA  1 
ATOM   700  C C   A PRO E 1 2  ? 6.715   -12.079 33.532  0.50 13.64 ? 2   PRO E C   1 
ATOM   701  C C   B PRO E 1 2  ? 3.661   -11.302 25.227  0.50 16.74 ? 2   PRO E C   1 
ATOM   702  O O   A PRO E 1 2  ? 5.652   -11.467 33.638  0.50 2.23  ? 2   PRO E O   1 
ATOM   703  O O   B PRO E 1 2  ? 3.650   -10.079 25.394  0.50 12.20 ? 2   PRO E O   1 
ATOM   704  C CB  A PRO E 1 2  ? 6.845   -14.512 34.016  0.50 6.17  ? 2   PRO E CB  1 
ATOM   705  C CB  B PRO E 1 2  ? 1.829   -12.866 25.969  0.50 32.57 ? 2   PRO E CB  1 
ATOM   706  C CG  A PRO E 1 2  ? 5.579   -14.934 34.666  0.50 8.72  ? 2   PRO E CG  1 
ATOM   707  C CG  B PRO E 1 2  ? 1.251   -13.117 27.330  0.50 34.93 ? 2   PRO E CG  1 
ATOM   708  C CD  A PRO E 1 2  ? 5.335   -14.071 35.868  0.50 8.17  ? 2   PRO E CD  1 
ATOM   709  C CD  B PRO E 1 2  ? 1.718   -11.913 28.120  0.50 32.63 ? 2   PRO E CD  1 
HETATM 710  N N   A HYP E 1 3  ? 7.556   -11.866 32.532  0.50 9.43  ? 3   HYP E N   1 
HETATM 711  N N   B HYP E 1 3  ? 4.099   -11.816 24.083  0.50 8.22  ? 3   HYP E N   1 
HETATM 712  C CA  A HYP E 1 3  ? 7.211   -10.911 31.471  0.50 2.10  ? 3   HYP E CA  1 
HETATM 713  C CA  B HYP E 1 3  ? 4.567   -10.950 22.994  0.50 7.84  ? 3   HYP E CA  1 
HETATM 714  C C   A HYP E 1 3  ? 5.940   -11.347 30.753  0.50 9.54  ? 3   HYP E C   1 
HETATM 715  C C   B HYP E 1 3  ? 3.478   -10.003 22.488  0.50 5.20  ? 3   HYP E C   1 
HETATM 716  O O   A HYP E 1 3  ? 5.714   -12.545 30.562  0.50 13.83 ? 3   HYP E O   1 
HETATM 717  O O   B HYP E 1 3  ? 2.293   -10.316 22.596  0.50 17.17 ? 3   HYP E O   1 
HETATM 718  C CB  A HYP E 1 3  ? 8.411   -10.982 30.528  0.50 2.40  ? 3   HYP E CB  1 
HETATM 719  C CB  B HYP E 1 3  ? 4.961   -11.935 21.890  0.50 15.01 ? 3   HYP E CB  1 
HETATM 720  C CG  A HYP E 1 3  ? 9.520   -11.525 31.366  0.50 4.19  ? 3   HYP E CG  1 
HETATM 721  C CG  B HYP E 1 3  ? 5.183   -13.239 22.585  0.50 14.91 ? 3   HYP E CG  1 
HETATM 722  C CD  A HYP E 1 3  ? 8.875   -12.483 32.336  0.50 4.42  ? 3   HYP E CD  1 
HETATM 723  C CD  B HYP E 1 3  ? 4.232   -13.242 23.748  0.50 15.02 ? 3   HYP E CD  1 
HETATM 724  O OD1 A HYP E 1 3  ? 10.074  -10.473 32.134  0.50 3.18  ? 3   HYP E OD1 1 
HETATM 725  O OD1 B HYP E 1 3  ? 6.508   -13.277 23.071  0.50 13.03 ? 3   HYP E OD1 1 
ATOM   726  N N   A GLY E 1 4  ? 5.114   -10.380 30.368  0.50 15.59 ? 4   GLY E N   1 
ATOM   727  N N   B GLY E 1 4  ? 3.887   -8.850  21.969  0.50 10.56 ? 4   GLY E N   1 
ATOM   728  C CA  A GLY E 1 4  ? 3.871   -10.666 29.654  0.50 11.94 ? 4   GLY E CA  1 
ATOM   729  C CA  B GLY E 1 4  ? 2.971   -7.879  21.386  0.50 5.32  ? 4   GLY E CA  1 
ATOM   730  C C   A GLY E 1 4  ? 4.146   -11.341 28.319  0.50 20.29 ? 4   GLY E C   1 
ATOM   731  C C   B GLY E 1 4  ? 2.435   -8.393  20.066  0.50 4.98  ? 4   GLY E C   1 
ATOM   732  O O   A GLY E 1 4  ? 5.310   -11.470 27.923  0.50 24.56 ? 4   GLY E O   1 
ATOM   733  O O   B GLY E 1 4  ? 2.881   -9.355  19.442  0.50 8.18  ? 4   GLY E O   1 
ATOM   734  N N   A PRO E 1 5  ? 3.107   -11.799 27.629  0.50 28.50 ? 5   PRO E N   1 
ATOM   735  N N   B PRO E 1 5  ? 1.383   -7.757  19.542  0.50 7.40  ? 5   PRO E N   1 
ATOM   736  C CA  A PRO E 1 5  ? 3.241   -12.337 26.269  0.50 29.18 ? 5   PRO E CA  1 
ATOM   737  C CA  B PRO E 1 5  ? 0.878   -8.205  18.246  0.50 14.96 ? 5   PRO E CA  1 
ATOM   738  C C   A PRO E 1 5  ? 3.661   -11.302 25.227  0.50 16.74 ? 5   PRO E C   1 
ATOM   739  C C   B PRO E 1 5  ? 1.899   -7.952  17.128  0.50 8.51  ? 5   PRO E C   1 
ATOM   740  O O   A PRO E 1 5  ? 3.650   -10.079 25.394  0.50 12.20 ? 5   PRO E O   1 
ATOM   741  O O   B PRO E 1 5  ? 2.888   -7.229  17.324  0.50 7.05  ? 5   PRO E O   1 
ATOM   742  C CB  A PRO E 1 5  ? 1.829   -12.866 25.969  0.50 32.57 ? 5   PRO E CB  1 
ATOM   743  C CB  B PRO E 1 5  ? -0.352  -7.328  18.035  0.50 17.56 ? 5   PRO E CB  1 
ATOM   744  C CG  A PRO E 1 5  ? 1.251   -13.117 27.330  0.50 34.93 ? 5   PRO E CG  1 
ATOM   745  C CG  B PRO E 1 5  ? -0.227  -6.178  18.962  0.50 13.42 ? 5   PRO E CG  1 
ATOM   746  C CD  A PRO E 1 5  ? 1.718   -11.913 28.120  0.50 32.63 ? 5   PRO E CD  1 
ATOM   747  C CD  B PRO E 1 5  ? 0.643   -6.631  20.107  0.50 15.26 ? 5   PRO E CD  1 
HETATM 748  N N   A HYP E 1 6  ? 4.099   -11.816 24.083  0.50 8.22  ? 6   HYP E N   1 
HETATM 749  N N   B HYP E 1 6  ? 1.613   -8.549  15.982  0.50 12.62 ? 6   HYP E N   1 
HETATM 750  C CA  A HYP E 1 6  ? 4.567   -10.950 22.994  0.50 7.84  ? 6   HYP E CA  1 
HETATM 751  C CA  B HYP E 1 6  ? 2.304   -8.262  14.727  0.50 13.94 ? 6   HYP E CA  1 
HETATM 752  C C   A HYP E 1 6  ? 3.478   -10.003 22.488  0.50 5.20  ? 6   HYP E C   1 
HETATM 753  C C   B HYP E 1 6  ? 2.291   -6.768  14.412  0.50 11.04 ? 6   HYP E C   1 
HETATM 754  O O   A HYP E 1 6  ? 2.293   -10.316 22.596  0.50 17.17 ? 6   HYP E O   1 
HETATM 755  O O   B HYP E 1 6  ? 1.288   -6.086  14.651  0.50 13.18 ? 6   HYP E O   1 
HETATM 756  C CB  A HYP E 1 6  ? 4.961   -11.935 21.890  0.50 15.01 ? 6   HYP E CB  1 
HETATM 757  C CB  B HYP E 1 6  ? 1.465   -9.011  13.685  0.50 8.56  ? 6   HYP E CB  1 
HETATM 758  C CG  A HYP E 1 6  ? 5.183   -13.239 22.585  0.50 14.91 ? 6   HYP E CG  1 
HETATM 759  C CG  B HYP E 1 6  ? 0.882   -10.158 14.459  0.50 15.50 ? 6   HYP E CG  1 
HETATM 760  C CD  A HYP E 1 6  ? 4.232   -13.242 23.748  0.50 15.02 ? 6   HYP E CD  1 
HETATM 761  C CD  B HYP E 1 6  ? 0.576   -9.589  15.822  0.50 17.04 ? 6   HYP E CD  1 
HETATM 762  O OD1 A HYP E 1 6  ? 6.508   -13.277 23.071  0.50 13.03 ? 6   HYP E OD1 1 
HETATM 763  O OD1 B HYP E 1 6  ? 1.880   -11.149 14.636  0.50 13.37 ? 6   HYP E OD1 1 
ATOM   764  N N   A GLY E 1 7  ? 3.887   -8.850  21.969  0.50 10.56 ? 7   GLY E N   1 
ATOM   765  N N   B GLY E 1 7  ? 3.388   -6.234  13.890  0.50 9.33  ? 7   GLY E N   1 
ATOM   766  C CA  A GLY E 1 7  ? 2.971   -7.879  21.386  0.50 5.32  ? 7   GLY E CA  1 
ATOM   767  C CA  B GLY E 1 7  ? 3.469   -4.823  13.520  0.50 6.68  ? 7   GLY E CA  1 
ATOM   768  C C   A GLY E 1 7  ? 2.435   -8.393  20.066  0.50 4.98  ? 7   GLY E C   1 
ATOM   769  C C   B GLY E 1 7  ? 2.581   -4.512  12.333  0.50 7.28  ? 7   GLY E C   1 
ATOM   770  O O   A GLY E 1 7  ? 2.881   -9.355  19.442  0.50 8.18  ? 7   GLY E O   1 
ATOM   771  O O   B GLY E 1 7  ? 1.934   -5.405  11.789  0.50 9.16  ? 7   GLY E O   1 
ATOM   772  N N   A PRO E 1 8  ? 1.383   -7.757  19.542  0.50 7.40  ? 8   PRO E N   1 
ATOM   773  N N   B PRO E 1 8  ? 2.525   -3.259  11.918  0.50 7.27  ? 8   PRO E N   1 
ATOM   774  C CA  A PRO E 1 8  ? 0.878   -8.205  18.246  0.50 14.96 ? 8   PRO E CA  1 
ATOM   775  C CA  B PRO E 1 8  ? 1.652   -2.952  10.780  0.50 9.92  ? 8   PRO E CA  1 
ATOM   776  C C   A PRO E 1 8  ? 1.899   -7.952  17.128  0.50 8.51  ? 8   PRO E C   1 
ATOM   777  C C   B PRO E 1 8  ? 2.244   -3.463  9.463   0.50 6.53  ? 8   PRO E C   1 
ATOM   778  O O   A PRO E 1 8  ? 2.888   -7.229  17.324  0.50 7.05  ? 8   PRO E O   1 
ATOM   779  O O   B PRO E 1 8  ? 3.417   -3.846  9.362   0.50 7.90  ? 8   PRO E O   1 
ATOM   780  C CB  A PRO E 1 8  ? -0.352  -7.328  18.035  0.50 17.56 ? 8   PRO E CB  1 
ATOM   781  C CB  B PRO E 1 8  ? 1.550   -1.435  10.806  0.50 9.95  ? 8   PRO E CB  1 
ATOM   782  C CG  A PRO E 1 8  ? -0.227  -6.178  18.962  0.50 13.42 ? 8   PRO E CG  1 
ATOM   783  C CG  B PRO E 1 8  ? 2.549   -0.927  11.778  0.50 8.53  ? 8   PRO E CG  1 
ATOM   784  C CD  A PRO E 1 8  ? 0.643   -6.631  20.107  0.50 15.26 ? 8   PRO E CD  1 
ATOM   785  C CD  B PRO E 1 8  ? 3.223   -2.091  12.439  0.50 6.15  ? 8   PRO E CD  1 
HETATM 786  N N   A HYP E 1 9  ? 1.613   -8.549  15.982  0.50 12.62 ? 9   HYP E N   1 
HETATM 787  N N   B HYP E 1 9  ? 1.431   -3.492  8.412   0.50 4.95  ? 9   HYP E N   1 
HETATM 788  C CA  A HYP E 1 9  ? 2.304   -8.262  14.727  0.50 13.94 ? 9   HYP E CA  1 
HETATM 789  C CA  B HYP E 1 9  ? 1.931   -3.832  7.081   0.50 5.52  ? 9   HYP E CA  1 
HETATM 790  C C   A HYP E 1 9  ? 2.291   -6.768  14.412  0.50 11.04 ? 9   HYP E C   1 
HETATM 791  C C   B HYP E 1 9  ? 3.020   -2.875  6.606   0.50 6.94  ? 9   HYP E C   1 
HETATM 792  O O   A HYP E 1 9  ? 1.288   -6.086  14.651  0.50 13.18 ? 9   HYP E O   1 
HETATM 793  O O   B HYP E 1 9  ? 3.068   -1.690  6.929   0.50 5.91  ? 9   HYP E O   1 
HETATM 794  C CB  A HYP E 1 9  ? 1.465   -9.011  13.685  0.50 8.56  ? 9   HYP E CB  1 
HETATM 795  C CB  B HYP E 1 9  ? 0.695   -3.658  6.189   0.50 9.71  ? 9   HYP E CB  1 
HETATM 796  C CG  A HYP E 1 9  ? 0.882   -10.158 14.459  0.50 15.50 ? 9   HYP E CG  1 
HETATM 797  C CG  B HYP E 1 9  ? -0.458  -3.861  7.111   0.50 9.11  ? 9   HYP E CG  1 
HETATM 798  C CD  A HYP E 1 9  ? 0.576   -9.589  15.822  0.50 17.04 ? 9   HYP E CD  1 
HETATM 799  C CD  B HYP E 1 9  ? -0.026  -3.246  8.410   0.50 5.84  ? 9   HYP E CD  1 
HETATM 800  O OD1 A HYP E 1 9  ? 1.880   -11.149 14.636  0.50 13.37 ? 9   HYP E OD1 1 
HETATM 801  O OD1 B HYP E 1 9  ? -0.754  -5.224  7.260   0.50 5.76  ? 9   HYP E OD1 1 
ATOM   802  N N   A GLY E 1 10 ? 3.388   -6.234  13.890  0.50 9.33  ? 10  GLY E N   1 
ATOM   803  N N   B GLY E 1 10 ? 3.934   -3.384  5.782   0.50 5.11  ? 10  GLY E N   1 
ATOM   804  C CA  A GLY E 1 10 ? 3.469   -4.823  13.520  0.50 6.68  ? 10  GLY E CA  1 
ATOM   805  C CA  B GLY E 1 10 ? 4.924   -2.571  5.114   0.50 10.42 ? 10  GLY E CA  1 
ATOM   806  C C   A GLY E 1 10 ? 2.581   -4.512  12.333  0.50 7.28  ? 10  GLY E C   1 
ATOM   807  C C   B GLY E 1 10 ? 4.263   -1.645  4.105   0.50 1.87  ? 10  GLY E C   1 
ATOM   808  O O   A GLY E 1 10 ? 1.934   -5.405  11.789  0.50 9.16  ? 10  GLY E O   1 
ATOM   809  O O   B GLY E 1 10 ? 3.048   -1.744  3.904   0.50 3.77  ? 10  GLY E O   1 
ATOM   810  N N   A PRO E 1 11 ? 2.525   -3.259  11.918  0.50 7.27  ? 11  PRO E N   1 
ATOM   811  N N   B PRO E 1 11 ? 5.031   -0.731  3.539   0.50 4.56  ? 11  PRO E N   1 
ATOM   812  C CA  A PRO E 1 11 ? 1.652   -2.952  10.780  0.50 9.92  ? 11  PRO E CA  1 
ATOM   813  C CA  B PRO E 1 11 ? 4.492   0.238   2.595   0.50 5.57  ? 11  PRO E CA  1 
ATOM   814  C C   A PRO E 1 11 ? 2.244   -3.463  9.463   0.50 6.53  ? 11  PRO E C   1 
ATOM   815  C C   B PRO E 1 11 ? 4.199   -0.417  1.248   0.50 3.92  ? 11  PRO E C   1 
ATOM   816  O O   A PRO E 1 11 ? 3.417   -3.846  9.362   0.50 7.90  ? 11  PRO E O   1 
ATOM   817  O O   B PRO E 1 11 ? 4.729   -1.487  0.974   0.50 4.16  ? 11  PRO E O   1 
ATOM   818  C CB  A PRO E 1 11 ? 1.550   -1.435  10.806  0.50 9.95  ? 11  PRO E CB  1 
ATOM   819  C CB  B PRO E 1 11 ? 5.620   1.253   2.427   0.50 8.72  ? 11  PRO E CB  1 
ATOM   820  C CG  A PRO E 1 11 ? 2.549   -0.927  11.778  0.50 8.53  ? 11  PRO E CG  1 
ATOM   821  C CG  B PRO E 1 11 ? 6.850   0.483   2.747   0.50 6.36  ? 11  PRO E CG  1 
ATOM   822  C CD  A PRO E 1 11 ? 3.223   -2.091  12.439  0.50 6.15  ? 11  PRO E CD  1 
ATOM   823  C CD  B PRO E 1 11 ? 6.470   -0.514  3.806   0.50 4.91  ? 11  PRO E CD  1 
HETATM 824  N N   A HYP E 1 12 ? 1.431   -3.492  8.412   0.50 4.95  ? 12  HYP E N   1 
HETATM 825  N N   B HYP E 1 12 ? 3.395   0.221   0.436   0.50 2.76  ? 12  HYP E N   1 
HETATM 826  C CA  A HYP E 1 12 ? 1.931   -3.832  7.081   0.50 5.52  ? 12  HYP E CA  1 
HETATM 827  C CA  B HYP E 1 12 ? 3.220   -0.277  -0.944  0.50 2.40  ? 12  HYP E CA  1 
HETATM 828  C C   A HYP E 1 12 ? 3.020   -2.875  6.606   0.50 6.94  ? 12  HYP E C   1 
HETATM 829  C C   B HYP E 1 12 ? 4.581   -0.365  -1.602  0.50 4.07  ? 12  HYP E C   1 
HETATM 830  O O   A HYP E 1 12 ? 3.068   -1.690  6.929   0.50 5.91  ? 12  HYP E O   1 
HETATM 831  O O   B HYP E 1 12 ? 5.524   0.356   -1.290  0.50 5.02  ? 12  HYP E O   1 
HETATM 832  C CB  A HYP E 1 12 ? 0.695   -3.658  6.189   0.50 9.71  ? 12  HYP E CB  1 
HETATM 833  C CB  B HYP E 1 12 ? 2.312   0.774   -1.579  0.50 9.09  ? 12  HYP E CB  1 
HETATM 834  C CG  A HYP E 1 12 ? -0.458  -3.861  7.111   0.50 9.11  ? 12  HYP E CG  1 
HETATM 835  C CG  B HYP E 1 12 ? 1.602   1.413   -0.427  0.50 9.27  ? 12  HYP E CG  1 
HETATM 836  C CD  A HYP E 1 12 ? -0.026  -3.246  8.410   0.50 5.84  ? 12  HYP E CD  1 
HETATM 837  C CD  B HYP E 1 12 ? 2.581   1.425   0.705   0.50 5.30  ? 12  HYP E CD  1 
HETATM 838  O OD1 A HYP E 1 12 ? -0.754  -5.224  7.260   0.50 5.76  ? 12  HYP E OD1 1 
HETATM 839  O OD1 B HYP E 1 12 ? 0.493   0.626   -0.059  0.50 9.44  ? 12  HYP E OD1 1 
ATOM   840  N N   A GLY E 1 13 ? 3.934   -3.384  5.782   0.50 5.11  ? 13  GLY E N   1 
ATOM   841  N N   B GLY E 1 13 ? 4.694   -1.279  -2.562  0.50 1.92  ? 13  GLY E N   1 
ATOM   842  C CA  A GLY E 1 13 ? 4.924   -2.571  5.114   0.50 10.42 ? 13  GLY E CA  1 
ATOM   843  C CA  B GLY E 1 13 ? 5.946   -1.421  -3.285  0.50 2.54  ? 13  GLY E CA  1 
ATOM   844  C C   A GLY E 1 13 ? 4.263   -1.645  4.105   0.50 1.87  ? 13  GLY E C   1 
ATOM   845  C C   B GLY E 1 13 ? 6.248   -0.308  -4.245  0.50 2.24  ? 13  GLY E C   1 
ATOM   846  O O   A GLY E 1 13 ? 3.048   -1.744  3.904   0.50 3.77  ? 13  GLY E O   1 
ATOM   847  O O   B GLY E 1 13 ? 5.414   0.561   -4.508  0.50 5.43  ? 13  GLY E O   1 
ATOM   848  N N   A PRO E 1 14 ? 5.031   -0.731  3.539   0.50 4.56  ? 14  PRO E N   1 
ATOM   849  N N   B PRO E 1 14 ? 7.462   -0.301  -4.813  0.50 3.86  ? 14  PRO E N   1 
ATOM   850  C CA  A PRO E 1 14 ? 4.492   0.238   2.595   0.50 5.57  ? 14  PRO E CA  1 
ATOM   851  C CA  B PRO E 1 14 ? 7.809   0.703   -5.815  0.50 2.55  ? 14  PRO E CA  1 
ATOM   852  C C   A PRO E 1 14 ? 4.199   -0.417  1.248   0.50 3.92  ? 14  PRO E C   1 
ATOM   853  C C   B PRO E 1 14 ? 7.066   0.517   -7.135  0.50 5.85  ? 14  PRO E C   1 
ATOM   854  O O   A PRO E 1 14 ? 4.729   -1.487  0.974   0.50 4.16  ? 14  PRO E O   1 
ATOM   855  O O   B PRO E 1 14 ? 6.432   -0.513  -7.309  0.50 4.02  ? 14  PRO E O   1 
ATOM   856  C CB  A PRO E 1 14 ? 5.620   1.253   2.427   0.50 8.72  ? 14  PRO E CB  1 
ATOM   857  C CB  B PRO E 1 14 ? 9.322   0.503   -6.044  0.50 6.00  ? 14  PRO E CB  1 
ATOM   858  C CG  A PRO E 1 14 ? 6.850   0.483   2.747   0.50 6.36  ? 14  PRO E CG  1 
ATOM   859  C CG  B PRO E 1 14 ? 9.728   -0.642  -5.213  0.50 5.52  ? 14  PRO E CG  1 
ATOM   860  C CD  A PRO E 1 14 ? 6.470   -0.514  3.806   0.50 4.91  ? 14  PRO E CD  1 
ATOM   861  C CD  B PRO E 1 14 ? 8.543   -1.224  -4.492  0.50 2.27  ? 14  PRO E CD  1 
HETATM 862  N N   A HYP E 1 15 ? 3.395   0.221   0.436   0.50 2.76  ? 15  HYP E N   1 
HETATM 863  N N   B HYP E 1 15 ? 7.137   1.497   -8.034  0.50 8.61  ? 15  HYP E N   1 
HETATM 864  C CA  A HYP E 1 15 ? 3.220   -0.277  -0.944  0.50 2.40  ? 15  HYP E CA  1 
HETATM 865  C CA  B HYP E 1 15 ? 6.527   1.358   -9.364  0.50 9.62  ? 15  HYP E CA  1 
HETATM 866  C C   A HYP E 1 15 ? 4.581   -0.365  -1.602  0.50 4.07  ? 15  HYP E C   1 
HETATM 867  C C   B HYP E 1 15 ? 7.157   0.254   -10.193 0.50 10.22 ? 15  HYP E C   1 
HETATM 868  O O   A HYP E 1 15 ? 5.524   0.356   -1.290  0.50 5.02  ? 15  HYP E O   1 
HETATM 869  O O   B HYP E 1 15 ? 8.363   0.016   -10.113 0.50 2.66  ? 15  HYP E O   1 
HETATM 870  C CB  A HYP E 1 15 ? 2.312   0.774   -1.579  0.50 9.09  ? 15  HYP E CB  1 
HETATM 871  C CB  B HYP E 1 15 ? 6.797   2.711   -10.045 0.50 7.70  ? 15  HYP E CB  1 
HETATM 872  C CG  A HYP E 1 15 ? 1.602   1.413   -0.427  0.50 9.27  ? 15  HYP E CG  1 
HETATM 873  C CG  B HYP E 1 15 ? 7.064   3.654   -8.919  0.50 12.18 ? 15  HYP E CG  1 
HETATM 874  C CD  A HYP E 1 15 ? 2.581   1.425   0.705   0.50 5.30  ? 15  HYP E CD  1 
HETATM 875  C CD  B HYP E 1 15 ? 7.739   2.824   -7.847  0.50 8.85  ? 15  HYP E CD  1 
HETATM 876  O OD1 A HYP E 1 15 ? 0.493   0.626   -0.059  0.50 9.44  ? 15  HYP E OD1 1 
HETATM 877  O OD1 B HYP E 1 15 ? 5.847   4.128   -8.384  0.50 5.96  ? 15  HYP E OD1 1 
ATOM   878  N N   A GLY E 1 16 ? 4.694   -1.279  -2.562  0.50 1.92  ? 16  GLY E N   1 
ATOM   879  N N   B GLY E 1 16 ? 6.334   -0.396  -11.015 0.50 0.91  ? 16  GLY E N   1 
ATOM   880  C CA  A GLY E 1 16 ? 5.946   -1.421  -3.285  0.50 2.54  ? 16  GLY E CA  1 
ATOM   881  C CA  B GLY E 1 16 ? 6.813   -1.413  -11.920 0.50 2.27  ? 16  GLY E CA  1 
ATOM   882  C C   A GLY E 1 16 ? 6.248   -0.308  -4.245  0.50 2.24  ? 16  GLY E C   1 
ATOM   883  C C   B GLY E 1 16 ? 7.626   -0.809  -13.043 0.50 5.13  ? 16  GLY E C   1 
ATOM   884  O O   A GLY E 1 16 ? 5.414   0.561   -4.508  0.50 5.43  ? 16  GLY E O   1 
ATOM   885  O O   B GLY E 1 16 ? 7.800   0.396   -13.213 0.50 3.05  ? 16  GLY E O   1 
ATOM   886  N N   A PRO E 1 17 ? 7.462   -0.301  -4.813  0.50 3.86  ? 17  PRO E N   1 
ATOM   887  N N   B PRO E 1 17 ? 8.200   -1.715  -13.839 0.50 3.23  ? 17  PRO E N   1 
ATOM   888  C CA  A PRO E 1 17 ? 7.809   0.703   -5.815  0.50 2.55  ? 17  PRO E CA  1 
ATOM   889  C CA  B PRO E 1 17 ? 8.934   -1.288  -15.022 0.50 6.53  ? 17  PRO E CA  1 
ATOM   890  C C   A PRO E 1 17 ? 7.066   0.517   -7.135  0.50 5.85  ? 17  PRO E C   1 
ATOM   891  C C   B PRO E 1 17 ? 8.049   -0.690  -16.107 0.50 7.76  ? 17  PRO E C   1 
ATOM   892  O O   A PRO E 1 17 ? 6.432   -0.513  -7.309  0.50 4.02  ? 17  PRO E O   1 
ATOM   893  O O   B PRO E 1 17 ? 6.859   -0.967  -16.193 0.50 4.42  ? 17  PRO E O   1 
ATOM   894  C CB  A PRO E 1 17 ? 9.322   0.503   -6.044  0.50 6.00  ? 17  PRO E CB  1 
ATOM   895  C CB  B PRO E 1 17 ? 9.511   -2.603  -15.562 0.50 7.91  ? 17  PRO E CB  1 
ATOM   896  C CG  A PRO E 1 17 ? 9.728   -0.642  -5.213  0.50 5.52  ? 17  PRO E CG  1 
ATOM   897  C CG  B PRO E 1 17 ? 9.361   -3.601  -14.480 0.50 13.19 ? 17  PRO E CG  1 
ATOM   898  C CD  A PRO E 1 17 ? 8.543   -1.224  -4.492  0.50 2.27  ? 17  PRO E CD  1 
ATOM   899  C CD  B PRO E 1 17 ? 8.207   -3.164  -13.614 0.50 6.83  ? 17  PRO E CD  1 
HETATM 900  N N   A HYP E 1 18 ? 7.137   1.497   -8.034  0.50 8.61  ? 18  HYP E N   1 
HETATM 901  N N   B HYP E 1 18 ? 8.647   0.144   -16.956 0.50 6.51  ? 18  HYP E N   1 
HETATM 902  C CA  A HYP E 1 18 ? 6.527   1.358   -9.364  0.50 9.62  ? 18  HYP E CA  1 
HETATM 903  C CA  B HYP E 1 18 ? 7.976   0.663   -18.133 0.50 7.17  ? 18  HYP E CA  1 
HETATM 904  C C   A HYP E 1 18 ? 7.157   0.254   -10.193 0.50 10.22 ? 18  HYP E C   1 
HETATM 905  C C   B HYP E 1 18 ? 7.460   -0.492  -18.992 0.50 7.83  ? 18  HYP E C   1 
HETATM 906  O O   A HYP E 1 18 ? 8.363   0.016   -10.113 0.50 2.66  ? 18  HYP E O   1 
HETATM 907  O O   B HYP E 1 18 ? 8.154   -1.501  -19.151 0.50 10.31 ? 18  HYP E O   1 
HETATM 908  C CB  A HYP E 1 18 ? 6.797   2.711   -10.045 0.50 7.70  ? 18  HYP E CB  1 
HETATM 909  C CB  B HYP E 1 18 ? 9.095   1.378   -18.884 0.50 11.78 ? 18  HYP E CB  1 
HETATM 910  C CG  A HYP E 1 18 ? 7.064   3.654   -8.919  0.50 12.18 ? 18  HYP E CG  1 
HETATM 911  C CG  B HYP E 1 18 ? 10.133  1.695   -17.852 0.50 9.35  ? 18  HYP E CG  1 
HETATM 912  C CD  A HYP E 1 18 ? 7.739   2.824   -7.847  0.50 8.85  ? 18  HYP E CD  1 
HETATM 913  C CD  B HYP E 1 18 ? 10.033  0.633   -16.798 0.50 8.51  ? 18  HYP E CD  1 
HETATM 914  O OD1 A HYP E 1 18 ? 5.847   4.128   -8.384  0.50 5.96  ? 18  HYP E OD1 1 
HETATM 915  O OD1 B HYP E 1 18 ? 9.802   2.938   -17.274 0.50 12.81 ? 18  HYP E OD1 1 
ATOM   916  N N   A GLY E 1 19 ? 6.334   -0.396  -11.015 0.50 0.91  ? 19  GLY E N   1 
ATOM   917  N N   B GLY E 1 19 ? 6.263   -0.366  -19.563 0.50 6.80  ? 19  GLY E N   1 
ATOM   918  C CA  A GLY E 1 19 ? 6.813   -1.413  -11.920 0.50 2.27  ? 19  GLY E CA  1 
ATOM   919  C CA  B GLY E 1 19 ? 5.864   -1.318  -20.587 0.50 14.98 ? 19  GLY E CA  1 
ATOM   920  C C   A GLY E 1 19 ? 7.626   -0.809  -13.043 0.50 5.13  ? 19  GLY E C   1 
ATOM   921  C C   B GLY E 1 19 ? 6.799   -1.218  -21.786 0.50 15.74 ? 19  GLY E C   1 
ATOM   922  O O   A GLY E 1 19 ? 7.800   0.396   -13.213 0.50 3.05  ? 19  GLY E O   1 
ATOM   923  O O   B GLY E 1 19 ? 7.693   -0.370  -21.882 0.50 13.81 ? 19  GLY E O   1 
ATOM   924  N N   A PRO E 1 20 ? 8.200   -1.715  -13.839 0.50 3.23  ? 20  PRO E N   1 
ATOM   925  N N   B PRO E 1 20 ? 6.564   -2.126  -22.734 0.50 12.09 ? 20  PRO E N   1 
ATOM   926  C CA  A PRO E 1 20 ? 8.934   -1.288  -15.022 0.50 6.53  ? 20  PRO E CA  1 
ATOM   927  C CA  B PRO E 1 20 ? 7.397   -2.200  -23.940 0.50 14.97 ? 20  PRO E CA  1 
ATOM   928  C C   A PRO E 1 20 ? 8.049   -0.690  -16.107 0.50 7.76  ? 20  PRO E C   1 
ATOM   929  C C   B PRO E 1 20 ? 7.058   -1.126  -24.959 0.50 19.37 ? 20  PRO E C   1 
ATOM   930  O O   A PRO E 1 20 ? 6.859   -0.967  -16.193 0.50 4.42  ? 20  PRO E O   1 
ATOM   931  O O   B PRO E 1 20 ? 6.050   -0.419  -24.865 0.50 12.58 ? 20  PRO E O   1 
ATOM   932  C CB  A PRO E 1 20 ? 9.511   -2.603  -15.562 0.50 7.91  ? 20  PRO E CB  1 
ATOM   933  C CB  B PRO E 1 20 ? 7.034   -3.583  -24.483 0.50 14.11 ? 20  PRO E CB  1 
ATOM   934  C CG  A PRO E 1 20 ? 9.361   -3.601  -14.480 0.50 13.19 ? 20  PRO E CG  1 
ATOM   935  C CG  B PRO E 1 20 ? 5.658   -3.861  -23.992 0.50 8.90  ? 20  PRO E CG  1 
ATOM   936  C CD  A PRO E 1 20 ? 8.207   -3.164  -13.614 0.50 6.83  ? 20  PRO E CD  1 
ATOM   937  C CD  B PRO E 1 20 ? 5.484   -3.116  -22.697 0.50 6.67  ? 20  PRO E CD  1 
HETATM 938  N N   A HYP E 1 21 ? 8.647   0.144   -16.956 0.50 6.51  ? 21  HYP E N   1 
HETATM 939  N N   B HYP E 1 21 ? 7.905   -0.950  -25.971 0.50 21.91 ? 21  HYP E N   1 
HETATM 940  C CA  A HYP E 1 21 ? 7.976   0.663   -18.133 0.50 7.17  ? 21  HYP E CA  1 
HETATM 941  C CA  B HYP E 1 21 ? 7.556   -0.017  -27.049 0.50 16.20 ? 21  HYP E CA  1 
HETATM 942  C C   A HYP E 1 21 ? 7.460   -0.492  -18.992 0.50 7.83  ? 21  HYP E C   1 
HETATM 943  C C   B HYP E 1 21 ? 6.222   -0.385  -27.696 0.50 13.07 ? 21  HYP E C   1 
HETATM 944  O O   A HYP E 1 21 ? 8.154   -1.501  -19.151 0.50 10.31 ? 21  HYP E O   1 
HETATM 945  O O   B HYP E 1 21 ? 5.841   -1.560  -27.748 0.50 11.89 ? 21  HYP E O   1 
HETATM 946  C CB  A HYP E 1 21 ? 9.095   1.378   -18.884 0.50 11.78 ? 21  HYP E CB  1 
HETATM 947  C CB  B HYP E 1 21 ? 8.692   -0.197  -28.060 0.50 19.96 ? 21  HYP E CB  1 
HETATM 948  C CG  A HYP E 1 21 ? 10.133  1.695   -17.852 0.50 9.35  ? 21  HYP E CG  1 
HETATM 949  C CG  B HYP E 1 21 ? 9.846   -0.682  -27.234 0.50 16.02 ? 21  HYP E CG  1 
HETATM 950  C CD  A HYP E 1 21 ? 10.033  0.633   -16.798 0.50 8.51  ? 21  HYP E CD  1 
HETATM 951  C CD  B HYP E 1 21 ? 9.226   -1.564  -26.178 0.50 23.88 ? 21  HYP E CD  1 
HETATM 952  O OD1 A HYP E 1 21 ? 9.802   2.938   -17.274 0.50 12.81 ? 21  HYP E OD1 1 
HETATM 953  O OD1 B HYP E 1 21 ? 10.438  0.434   -26.609 0.50 14.01 ? 21  HYP E OD1 1 
ATOM   954  N N   A GLY E 1 22 ? 6.263   -0.366  -19.563 0.50 6.80  ? 22  GLY E N   1 
ATOM   955  N N   B GLY E 1 22 ? 5.542   0.645   -28.186 0.50 12.84 ? 22  GLY E N   1 
ATOM   956  C CA  A GLY E 1 22 ? 5.864   -1.318  -20.587 0.50 14.98 ? 22  GLY E CA  1 
ATOM   957  C CA  B GLY E 1 22 ? 4.293   0.520   -28.912 0.50 9.16  ? 22  GLY E CA  1 
ATOM   958  C C   A GLY E 1 22 ? 6.799   -1.218  -21.786 0.50 15.74 ? 22  GLY E C   1 
ATOM   959  C C   B GLY E 1 22 ? 4.462   -0.193  -30.233 0.50 12.48 ? 22  GLY E C   1 
ATOM   960  O O   A GLY E 1 22 ? 7.693   -0.370  -21.882 0.50 13.81 ? 22  GLY E O   1 
ATOM   961  O O   B GLY E 1 22 ? 5.566   -0.551  -30.669 0.50 17.59 ? 22  GLY E O   1 
ATOM   962  N N   A PRO E 1 23 ? 6.564   -2.126  -22.734 0.50 12.09 ? 23  PRO E N   1 
ATOM   963  N N   B PRO E 1 23 ? 3.345   -0.422  -30.923 0.50 11.95 ? 23  PRO E N   1 
ATOM   964  C CA  A PRO E 1 23 ? 7.397   -2.200  -23.940 0.50 14.97 ? 23  PRO E CA  1 
ATOM   965  C CA  B PRO E 1 23 ? 3.423   -1.073  -32.234 0.50 16.67 ? 23  PRO E CA  1 
ATOM   966  C C   A PRO E 1 23 ? 7.058   -1.126  -24.959 0.50 19.37 ? 23  PRO E C   1 
ATOM   967  C C   B PRO E 1 23 ? 4.034   -0.120  -33.255 0.50 14.59 ? 23  PRO E C   1 
ATOM   968  O O   A PRO E 1 23 ? 6.050   -0.419  -24.865 0.50 12.58 ? 23  PRO E O   1 
ATOM   969  O O   B PRO E 1 23 ? 4.070   1.093   -33.013 0.50 7.04  ? 23  PRO E O   1 
ATOM   970  C CB  A PRO E 1 23 ? 7.034   -3.583  -24.483 0.50 14.11 ? 23  PRO E CB  1 
ATOM   971  C CB  B PRO E 1 23 ? 1.966   -1.369  -32.590 0.50 12.41 ? 23  PRO E CB  1 
ATOM   972  C CG  A PRO E 1 23 ? 5.658   -3.861  -23.992 0.50 8.90  ? 23  PRO E CG  1 
ATOM   973  C CG  B PRO E 1 23 ? 1.115   -0.812  -31.511 0.50 18.94 ? 23  PRO E CG  1 
ATOM   974  C CD  A PRO E 1 23 ? 5.484   -3.116  -22.697 0.50 6.67  ? 23  PRO E CD  1 
ATOM   975  C CD  B PRO E 1 23 ? 1.981   -0.085  -30.522 0.50 13.04 ? 23  PRO E CD  1 
HETATM 976  N N   A HYP E 1 24 ? 7.905   -0.950  -25.971 0.50 21.91 ? 24  HYP E N   1 
HETATM 977  N N   B HYP E 1 24 ? 4.517   -0.637  -34.379 0.50 17.09 ? 24  HYP E N   1 
HETATM 978  C CA  A HYP E 1 24 ? 7.556   -0.017  -27.049 0.50 16.20 ? 24  HYP E CA  1 
HETATM 979  C CA  B HYP E 1 24 ? 5.011   0.252   -35.442 0.50 9.58  ? 24  HYP E CA  1 
HETATM 980  C C   A HYP E 1 24 ? 6.222   -0.385  -27.696 0.50 13.07 ? 24  HYP E C   1 
HETATM 981  C C   B HYP E 1 24 ? 3.906   1.162   -35.940 0.50 9.44  ? 24  HYP E C   1 
HETATM 982  O O   A HYP E 1 24 ? 5.841   -1.560  -27.748 0.50 11.89 ? 24  HYP E O   1 
HETATM 983  O O   B HYP E 1 24 ? 2.700   0.894   -35.843 0.50 13.84 ? 24  HYP E O   1 
HETATM 984  C CB  A HYP E 1 24 ? 8.692   -0.197  -28.060 0.50 19.96 ? 24  HYP E CB  1 
HETATM 985  C CB  B HYP E 1 24 ? 5.425   -0.702  -36.564 0.50 11.21 ? 24  HYP E CB  1 
HETATM 986  C CG  A HYP E 1 24 ? 9.846   -0.682  -27.234 0.50 16.02 ? 24  HYP E CG  1 
HETATM 987  C CG  B HYP E 1 24 ? 5.658   -2.007  -35.866 0.50 15.42 ? 24  HYP E CG  1 
HETATM 988  C CD  A HYP E 1 24 ? 9.226   -1.564  -26.178 0.50 23.88 ? 24  HYP E CD  1 
HETATM 989  C CD  B HYP E 1 24 ? 4.662   -2.057  -34.739 0.50 15.19 ? 24  HYP E CD  1 
HETATM 990  O OD1 A HYP E 1 24 ? 10.438  0.434   -26.609 0.50 14.01 ? 24  HYP E OD1 1 
HETATM 991  O OD1 B HYP E 1 24 ? 6.973   -2.006  -35.355 0.50 16.11 ? 24  HYP E OD1 1 
ATOM   992  N N   A GLY E 1 25 ? 5.542   0.645   -28.186 0.50 12.84 ? 25  GLY E N   1 
ATOM   993  N N   B GLY E 1 25 ? 4.279   2.303   -36.531 0.50 0.91  ? 25  GLY E N   1 
ATOM   994  C CA  A GLY E 1 25 ? 4.293   0.520   -28.912 0.50 9.16  ? 25  GLY E CA  1 
ATOM   995  C CA  B GLY E 1 25 ? 3.173   3.113   -37.020 0.50 0.42  ? 25  GLY E CA  1 
ATOM   996  C C   A GLY E 1 25 ? 4.462   -0.193  -30.233 0.50 12.48 ? 25  GLY E C   1 
ATOM   997  C C   B GLY E 1 25 ? 2.727   2.634   -38.396 0.50 0.01  ? 25  GLY E C   1 
ATOM   998  O O   A GLY E 1 25 ? 5.566   -0.551  -30.669 0.50 17.59 ? 25  GLY E O   1 
ATOM   999  O O   B GLY E 1 25 ? 3.190   1.620   -38.893 0.50 3.20  ? 25  GLY E O   1 
ATOM   1000 N N   A PRO E 1 26 ? 3.345   -0.422  -30.923 0.50 11.95 ? 26  PRO E N   1 
ATOM   1001 N N   B PRO E 1 26 ? 1.830   3.445   -38.949 0.50 5.11  ? 26  PRO E N   1 
ATOM   1002 C CA  A PRO E 1 26 ? 3.423   -1.073  -32.234 0.50 16.67 ? 26  PRO E CA  1 
ATOM   1003 C CA  B PRO E 1 26 ? 1.168   3.205   -40.221 0.50 7.12  ? 26  PRO E CA  1 
ATOM   1004 C C   A PRO E 1 26 ? 4.034   -0.120  -33.255 0.50 14.59 ? 26  PRO E C   1 
ATOM   1005 C C   B PRO E 1 26 ? 2.184   3.227   -41.372 0.50 4.92  ? 26  PRO E C   1 
ATOM   1006 O O   A PRO E 1 26 ? 4.070   1.093   -33.013 0.50 7.04  ? 26  PRO E O   1 
ATOM   1007 O O   B PRO E 1 26 ? 3.188   3.934   -41.168 0.50 4.79  ? 26  PRO E O   1 
ATOM   1008 C CB  A PRO E 1 26 ? 1.966   -1.369  -32.590 0.50 12.41 ? 26  PRO E CB  1 
ATOM   1009 C CB  B PRO E 1 26 ? 0.232   4.398   -40.379 0.50 3.71  ? 26  PRO E CB  1 
ATOM   1010 C CG  A PRO E 1 26 ? 1.115   -0.812  -31.511 0.50 18.94 ? 26  PRO E CG  1 
ATOM   1011 C CG  B PRO E 1 26 ? 0.129   5.029   -39.037 0.50 2.64  ? 26  PRO E CG  1 
ATOM   1012 C CD  A PRO E 1 26 ? 1.981   -0.085  -30.522 0.50 13.04 ? 26  PRO E CD  1 
ATOM   1013 C CD  B PRO E 1 26 ? 1.409   4.715   -38.315 0.50 3.05  ? 26  PRO E CD  1 
HETATM 1014 N N   A HYP E 1 27 ? 4.517   -0.637  -34.379 0.50 17.09 ? 27  HYP E N   1 
HETATM 1015 C CA  A HYP E 1 27 ? 5.011   0.252   -35.442 0.50 9.58  ? 27  HYP E CA  1 
HETATM 1016 C C   A HYP E 1 27 ? 3.906   1.162   -35.940 0.50 9.44  ? 27  HYP E C   1 
HETATM 1017 O O   A HYP E 1 27 ? 2.700   0.894   -35.843 0.50 13.84 ? 27  HYP E O   1 
HETATM 1018 C CB  A HYP E 1 27 ? 5.425   -0.702  -36.564 0.50 11.21 ? 27  HYP E CB  1 
HETATM 1019 C CG  A HYP E 1 27 ? 5.658   -2.007  -35.866 0.50 15.42 ? 27  HYP E CG  1 
HETATM 1020 C CD  A HYP E 1 27 ? 4.662   -2.057  -34.739 0.50 15.19 ? 27  HYP E CD  1 
HETATM 1021 O OD1 A HYP E 1 27 ? 6.973   -2.006  -35.355 0.50 16.11 ? 27  HYP E OD1 1 
ATOM   1022 N N   . GLY F 1 1  ? 4.714   -8.478  36.326  1.00 8.71  ? 1   GLY F N   1 
ATOM   1023 C CA  . GLY F 1 1  ? 5.977   -8.710  35.645  1.00 27.82 ? 1   GLY F CA  1 
ATOM   1024 C C   . GLY F 1 1  ? 6.220   -7.601  34.633  1.00 33.99 ? 1   GLY F C   1 
ATOM   1025 O O   . GLY F 1 1  ? 5.287   -6.873  34.285  1.00 56.55 ? 1   GLY F O   1 
ATOM   1026 N N   . PRO F 1 2  ? 7.457   -7.465  34.175  1.00 31.31 ? 2   PRO F N   1 
ATOM   1027 C CA  . PRO F 1 2  ? 7.770   -6.453  33.160  1.00 19.19 ? 2   PRO F CA  1 
ATOM   1028 C C   . PRO F 1 2  ? 6.916   -6.686  31.918  1.00 17.60 ? 2   PRO F C   1 
ATOM   1029 O O   . PRO F 1 2  ? 6.232   -7.707  31.835  1.00 9.19  ? 2   PRO F O   1 
ATOM   1030 C CB  . PRO F 1 2  ? 9.242   -6.703  32.855  1.00 23.27 ? 2   PRO F CB  1 
ATOM   1031 C CG  . PRO F 1 2  ? 9.772   -7.387  34.072  1.00 27.63 ? 2   PRO F CG  1 
ATOM   1032 C CD  . PRO F 1 2  ? 8.639   -8.240  34.580  1.00 32.41 ? 2   PRO F CD  1 
HETATM 1033 N N   . HYP F 1 3  ? 6.942   -5.738  30.995  1.00 12.17 ? 3   HYP F N   1 
HETATM 1034 C CA  . HYP F 1 3  ? 6.335   -5.868  29.673  1.00 15.47 ? 3   HYP F CA  1 
HETATM 1035 C C   . HYP F 1 3  ? 6.904   -7.032  28.873  1.00 12.73 ? 3   HYP F C   1 
HETATM 1036 O O   . HYP F 1 3  ? 8.083   -7.376  28.977  1.00 10.91 ? 3   HYP F O   1 
HETATM 1037 C CB  . HYP F 1 3  ? 6.723   -4.551  28.981  1.00 13.57 ? 3   HYP F CB  1 
HETATM 1038 C CG  . HYP F 1 3  ? 6.881   -3.592  30.116  1.00 15.87 ? 3   HYP F CG  1 
HETATM 1039 C CD  . HYP F 1 3  ? 7.553   -4.403  31.201  1.00 15.21 ? 3   HYP F CD  1 
HETATM 1040 O OD1 . HYP F 1 3  ? 5.576   -3.281  30.573  1.00 13.90 ? 3   HYP F OD1 1 
ATOM   1041 N N   . GLY F 1 4  ? 6.060   -7.667  28.060  1.00 9.33  ? 4   GLY F N   1 
ATOM   1042 C CA  . GLY F 1 4  ? 6.565   -8.745  27.219  1.00 17.08 ? 4   GLY F CA  1 
ATOM   1043 C C   . GLY F 1 4  ? 7.324   -8.162  26.033  1.00 18.81 ? 4   GLY F C   1 
ATOM   1044 O O   . GLY F 1 4  ? 7.424   -6.941  25.861  1.00 7.06  ? 4   GLY F O   1 
ATOM   1045 N N   . PRO F 1 5  ? 7.853   -9.063  25.214  1.00 14.49 ? 5   PRO F N   1 
ATOM   1046 C CA  . PRO F 1 5  ? 8.653   -8.668  24.047  1.00 19.91 ? 5   PRO F CA  1 
ATOM   1047 C C   . PRO F 1 5  ? 7.799   -8.098  22.926  1.00 16.27 ? 5   PRO F C   1 
ATOM   1048 O O   . PRO F 1 5  ? 6.615   -8.421  22.797  1.00 8.99  ? 5   PRO F O   1 
ATOM   1049 C CB  . PRO F 1 5  ? 9.260   -10.007 23.603  1.00 29.96 ? 5   PRO F CB  1 
ATOM   1050 C CG  . PRO F 1 5  ? 8.223   -11.009 24.010  1.00 34.67 ? 5   PRO F CG  1 
ATOM   1051 C CD  . PRO F 1 5  ? 7.726   -10.526 25.351  1.00 23.43 ? 5   PRO F CD  1 
HETATM 1052 N N   . HYP F 1 6  ? 8.389   -7.242  22.097  1.00 15.79 ? 6   HYP F N   1 
HETATM 1053 C CA  . HYP F 1 6  ? 7.641   -6.703  20.953  1.00 15.84 ? 6   HYP F CA  1 
HETATM 1054 C C   . HYP F 1 6  ? 7.058   -7.827  20.099  1.00 21.45 ? 6   HYP F C   1 
HETATM 1055 O O   . HYP F 1 6  ? 7.577   -8.949  20.124  1.00 21.99 ? 6   HYP F O   1 
HETATM 1056 C CB  . HYP F 1 6  ? 8.709   -5.967  20.143  1.00 22.03 ? 6   HYP F CB  1 
HETATM 1057 C CG  . HYP F 1 6  ? 9.797   -5.657  21.113  1.00 22.14 ? 6   HYP F CG  1 
HETATM 1058 C CD  . HYP F 1 6  ? 9.762   -6.729  22.165  1.00 16.66 ? 6   HYP F CD  1 
HETATM 1059 O OD1 . HYP F 1 6  ? 9.525   -4.407  21.705  1.00 11.18 ? 6   HYP F OD1 1 
ATOM   1060 N N   . GLY F 1 7  ? 5.999   -7.528  19.343  1.00 10.27 ? 7   GLY F N   1 
ATOM   1061 C CA  . GLY F 1 7  ? 5.556   -8.456  18.311  1.00 4.43  ? 7   GLY F CA  1 
ATOM   1062 C C   . GLY F 1 7  ? 6.563   -8.460  17.174  1.00 10.22 ? 7   GLY F C   1 
ATOM   1063 O O   . GLY F 1 7  ? 7.464   -7.644  17.065  1.00 7.28  ? 7   GLY F O   1 
ATOM   1064 N N   . PRO F 1 8  ? 6.414   -9.437  16.299  1.00 4.22  ? 8   PRO F N   1 
ATOM   1065 C CA  . PRO F 1 8  ? 7.266   -9.503  15.104  1.00 7.40  ? 8   PRO F CA  1 
ATOM   1066 C C   . PRO F 1 8  ? 6.896   -8.484  14.039  1.00 7.25  ? 8   PRO F C   1 
ATOM   1067 O O   . PRO F 1 8  ? 5.852   -7.827  14.066  1.00 6.22  ? 8   PRO F O   1 
ATOM   1068 C CB  . PRO F 1 8  ? 6.982   -10.922 14.608  1.00 5.74  ? 8   PRO F CB  1 
ATOM   1069 C CG  . PRO F 1 8  ? 5.583   -11.213 15.041  1.00 5.89  ? 8   PRO F CG  1 
ATOM   1070 C CD  . PRO F 1 8  ? 5.446   -10.538 16.379  1.00 8.60  ? 8   PRO F CD  1 
HETATM 1071 N N   . HYP F 1 9  ? 7.750   -8.296  13.043  1.00 12.40 ? 9   HYP F N   1 
HETATM 1072 C CA  . HYP F 1 9  ? 7.399   -7.365  11.961  1.00 6.60  ? 9   HYP F CA  1 
HETATM 1073 C C   . HYP F 1 9  ? 6.081   -7.718  11.284  1.00 8.89  ? 9   HYP F C   1 
HETATM 1074 O O   . HYP F 1 9  ? 5.637   -8.869  11.248  1.00 10.91 ? 9   HYP F O   1 
HETATM 1075 C CB  . HYP F 1 9  ? 8.562   -7.511  10.982  1.00 10.97 ? 9   HYP F CB  1 
HETATM 1076 C CG  . HYP F 1 9  ? 9.709   -7.917  11.852  1.00 8.51  ? 9   HYP F CG  1 
HETATM 1077 C CD  . HYP F 1 9  ? 9.089   -8.879  12.837  1.00 9.31  ? 9   HYP F CD  1 
HETATM 1078 O OD1 . HYP F 1 9  ? 10.122  -6.751  12.548  1.00 6.69  ? 9   HYP F OD1 1 
ATOM   1079 N N   . GLY F 1 10 ? 5.448   -6.659  10.771  1.00 5.50  ? 10  GLY F N   1 
ATOM   1080 C CA  . GLY F 1 10 ? 4.156   -6.896  10.132  1.00 6.05  ? 10  GLY F CA  1 
ATOM   1081 C C   . GLY F 1 10 ? 4.279   -7.577  8.780   1.00 4.73  ? 10  GLY F C   1 
ATOM   1082 O O   . GLY F 1 10 ? 5.383   -7.800  8.297   1.00 8.79  ? 10  GLY F O   1 
ATOM   1083 N N   . PRO F 1 11 ? 3.155   -7.887  8.161   1.00 6.37  ? 11  PRO F N   1 
ATOM   1084 C CA  . PRO F 1 11 ? 3.206   -8.491  6.827   1.00 11.96 ? 11  PRO F CA  1 
ATOM   1085 C C   . PRO F 1 11 ? 3.793   -7.542  5.789   1.00 5.15  ? 11  PRO F C   1 
ATOM   1086 O O   . PRO F 1 11 ? 3.863   -6.326  6.026   1.00 4.84  ? 11  PRO F O   1 
ATOM   1087 C CB  . PRO F 1 11 ? 1.738   -8.785  6.510   1.00 15.88 ? 11  PRO F CB  1 
ATOM   1088 C CG  . PRO F 1 11 ? 0.952   -8.522  7.747   1.00 8.77  ? 11  PRO F CG  1 
ATOM   1089 C CD  . PRO F 1 11 ? 1.795   -7.704  8.680   1.00 2.80  ? 11  PRO F CD  1 
HETATM 1090 N N   . HYP F 1 12 ? 4.215   -8.059  4.645   1.00 3.01  ? 12  HYP F N   1 
HETATM 1091 C CA  . HYP F 1 12 ? 4.656   -7.236  3.535   1.00 2.63  ? 12  HYP F CA  1 
HETATM 1092 C C   . HYP F 1 12 ? 3.573   -6.263  3.060   1.00 2.65  ? 12  HYP F C   1 
HETATM 1093 O O   . HYP F 1 12 ? 2.381   -6.548  3.177   1.00 8.22  ? 12  HYP F O   1 
HETATM 1094 C CB  . HYP F 1 12 ? 4.930   -8.228  2.394   1.00 6.62  ? 12  HYP F CB  1 
HETATM 1095 C CG  . HYP F 1 12 ? 5.204   -9.514  3.096   1.00 4.96  ? 12  HYP F CG  1 
HETATM 1096 C CD  . HYP F 1 12 ? 4.312   -9.497  4.307   1.00 4.28  ? 12  HYP F CD  1 
HETATM 1097 O OD1 . HYP F 1 12 ? 6.558   -9.511  3.515   1.00 10.34 ? 12  HYP F OD1 1 
ATOM   1098 N N   . GLY F 1 13 ? 4.023   -5.134  2.548   1.00 2.63  ? 13  GLY F N   1 
ATOM   1099 C CA  . GLY F 1 13 ? 3.108   -4.157  1.982   1.00 0.28  ? 13  GLY F CA  1 
ATOM   1100 C C   . GLY F 1 13 ? 2.582   -4.680  0.645   1.00 3.69  ? 13  GLY F C   1 
ATOM   1101 O O   . GLY F 1 13 ? 3.031   -5.678  0.096   1.00 3.94  ? 13  GLY F O   1 
ATOM   1102 N N   . PRO F 1 14 ? 1.589   -3.939  0.173   1.00 5.35  ? 14  PRO F N   1 
ATOM   1103 C CA  . PRO F 1 14 ? 0.999   -4.192  -1.139  1.00 7.91  ? 14  PRO F CA  1 
ATOM   1104 C C   . PRO F 1 14 ? 2.018   -4.096  -2.271  1.00 7.44  ? 14  PRO F C   1 
ATOM   1105 O O   . PRO F 1 14 ? 2.988   -3.333  -2.201  1.00 3.13  ? 14  PRO F O   1 
ATOM   1106 C CB  . PRO F 1 14 ? -0.029  -3.055  -1.230  1.00 2.12  ? 14  PRO F CB  1 
ATOM   1107 C CG  . PRO F 1 14 ? -0.383  -2.759  0.181   1.00 5.70  ? 14  PRO F CG  1 
ATOM   1108 C CD  . PRO F 1 14 ? 0.943   -2.823  0.901   1.00 4.15  ? 14  PRO F CD  1 
HETATM 1109 N N   . HYP F 1 15 ? 1.790   -4.850  -3.346  1.00 6.51  ? 15  HYP F N   1 
HETATM 1110 C CA  . HYP F 1 15 ? 2.612   -4.656  -4.545  1.00 3.70  ? 15  HYP F CA  1 
HETATM 1111 C C   . HYP F 1 15 ? 2.527   -3.194  -4.957  1.00 1.66  ? 15  HYP F C   1 
HETATM 1112 O O   . HYP F 1 15 ? 1.496   -2.535  -4.731  1.00 6.59  ? 15  HYP F O   1 
HETATM 1113 C CB  . HYP F 1 15 ? 1.935   -5.531  -5.600  1.00 6.19  ? 15  HYP F CB  1 
HETATM 1114 C CG  . HYP F 1 15 ? 1.226   -6.584  -4.823  1.00 10.03 ? 15  HYP F CG  1 
HETATM 1115 C CD  . HYP F 1 15 ? 0.781   -5.897  -3.547  1.00 10.78 ? 15  HYP F CD  1 
HETATM 1116 O OD1 . HYP F 1 15 ? 2.124   -7.613  -4.471  1.00 7.49  ? 15  HYP F OD1 1 
ATOM   1117 N N   . GLY F 1 16 ? 3.580   -2.664  -5.555  1.00 3.50  ? 16  GLY F N   1 
ATOM   1118 C CA  . GLY F 1 16 ? 3.523   -1.319  -6.073  1.00 0.95  ? 16  GLY F CA  1 
ATOM   1119 C C   . GLY F 1 16 ? 2.567   -1.162  -7.252  1.00 8.04  ? 16  GLY F C   1 
ATOM   1120 O O   . GLY F 1 16 ? 1.999   -2.121  -7.771  1.00 9.33  ? 16  GLY F O   1 
ATOM   1121 N N   . PRO F 1 17 ? 2.443   0.097   -7.645  1.00 4.52  ? 17  PRO F N   1 
ATOM   1122 C CA  . PRO F 1 17 ? 1.600   0.491   -8.767  1.00 12.12 ? 17  PRO F CA  1 
ATOM   1123 C C   . PRO F 1 17 ? 2.258   0.097   -10.088 1.00 5.32  ? 17  PRO F C   1 
ATOM   1124 O O   . PRO F 1 17 ? 3.462   -0.204  -10.085 1.00 4.00  ? 17  PRO F O   1 
ATOM   1125 C CB  . PRO F 1 17 ? 1.508   2.005   -8.613  1.00 7.57  ? 17  PRO F CB  1 
ATOM   1126 C CG  . PRO F 1 17 ? 2.736   2.422   -7.878  1.00 12.27 ? 17  PRO F CG  1 
ATOM   1127 C CD  . PRO F 1 17 ? 3.122   1.242   -7.026  1.00 6.43  ? 17  PRO F CD  1 
HETATM 1128 N N   . HYP F 1 18 ? 1.488   0.093   -11.161 1.00 5.13  ? 18  HYP F N   1 
HETATM 1129 C CA  . HYP F 1 18 ? 2.035   -0.241  -12.481 1.00 1.97  ? 18  HYP F CA  1 
HETATM 1130 C C   . HYP F 1 18 ? 3.122   0.734   -12.897 1.00 4.85  ? 18  HYP F C   1 
HETATM 1131 O O   . HYP F 1 18 ? 3.148   1.913   -12.540 1.00 5.21  ? 18  HYP F O   1 
HETATM 1132 C CB  . HYP F 1 18 ? 0.836   -0.085  -13.427 1.00 6.43  ? 18  HYP F CB  1 
HETATM 1133 C CG  . HYP F 1 18 ? -0.357  -0.253  -12.543 1.00 4.58  ? 18  HYP F CG  1 
HETATM 1134 C CD  . HYP F 1 18 ? 0.039   0.360   -11.225 1.00 9.38  ? 18  HYP F CD  1 
HETATM 1135 O OD1 . HYP F 1 18 ? -0.536  -1.650  -12.361 1.00 5.27  ? 18  HYP F OD1 1 
ATOM   1136 N N   . GLY F 1 19 ? 4.046   0.233   -13.709 1.00 6.28  ? 19  GLY F N   1 
ATOM   1137 C CA  . GLY F 1 19 ? 5.029   1.068   -14.358 1.00 7.11  ? 19  GLY F CA  1 
ATOM   1138 C C   . GLY F 1 19 ? 4.402   2.011   -15.365 1.00 6.28  ? 19  GLY F C   1 
ATOM   1139 O O   . GLY F 1 19 ? 3.207   1.976   -15.677 1.00 4.75  ? 19  GLY F O   1 
ATOM   1140 N N   . PRO F 1 20 ? 5.209   2.895   -15.913 1.00 3.65  ? 20  PRO F N   1 
ATOM   1141 C CA  . PRO F 1 20 ? 4.702   3.884   -16.865 1.00 11.03 ? 20  PRO F CA  1 
ATOM   1142 C C   . PRO F 1 20 ? 4.422   3.248   -18.224 1.00 7.94  ? 20  PRO F C   1 
ATOM   1143 O O   . PRO F 1 20 ? 4.981   2.197   -18.537 1.00 8.84  ? 20  PRO F O   1 
ATOM   1144 C CB  . PRO F 1 20 ? 5.870   4.864   -16.992 1.00 17.20 ? 20  PRO F CB  1 
ATOM   1145 C CG  . PRO F 1 20 ? 7.077   4.023   -16.738 1.00 13.49 ? 20  PRO F CG  1 
ATOM   1146 C CD  . PRO F 1 20 ? 6.657   3.044   -15.669 1.00 11.30 ? 20  PRO F CD  1 
HETATM 1147 N N   . HYP F 1 21 ? 3.593   3.872   -19.045 1.00 7.20  ? 21  HYP F N   1 
HETATM 1148 C CA  . HYP F 1 21 ? 3.445   3.396   -20.430 1.00 4.50  ? 21  HYP F CA  1 
HETATM 1149 C C   . HYP F 1 21 ? 4.815   3.324   -21.096 1.00 5.42  ? 21  HYP F C   1 
HETATM 1150 O O   . HYP F 1 21 ? 5.731   4.091   -20.753 1.00 7.78  ? 21  HYP F O   1 
HETATM 1151 C CB  . HYP F 1 21 ? 2.550   4.467   -21.051 1.00 4.71  ? 21  HYP F CB  1 
HETATM 1152 C CG  . HYP F 1 21 ? 1.763   5.021   -19.902 1.00 5.87  ? 21  HYP F CG  1 
HETATM 1153 C CD  . HYP F 1 21 ? 2.747   5.041   -18.753 1.00 9.41  ? 21  HYP F CD  1 
HETATM 1154 O OD1 . HYP F 1 21 ? 0.753   4.106   -19.536 1.00 22.09 ? 21  HYP F OD1 1 
ATOM   1155 N N   . GLY F 1 22 ? 4.954   2.402   -22.043 1.00 10.28 ? 22  GLY F N   1 
ATOM   1156 C CA  . GLY F 1 22 ? 6.192   2.214   -22.790 1.00 10.23 ? 22  GLY F CA  1 
ATOM   1157 C C   . GLY F 1 22 ? 6.483   3.393   -23.711 1.00 10.04 ? 22  GLY F C   1 
ATOM   1158 O O   . GLY F 1 22 ? 5.633   4.259   -23.909 1.00 8.49  ? 22  GLY F O   1 
ATOM   1159 N N   . PRO F 1 23 ? 7.676   3.427   -24.290 1.00 18.05 ? 23  PRO F N   1 
ATOM   1160 C CA  . PRO F 1 23 ? 8.018   4.435   -25.303 1.00 17.21 ? 23  PRO F CA  1 
ATOM   1161 C C   . PRO F 1 23 ? 7.243   4.199   -26.597 1.00 15.75 ? 23  PRO F C   1 
ATOM   1162 O O   . PRO F 1 23 ? 6.629   3.147   -26.783 1.00 14.51 ? 23  PRO F O   1 
ATOM   1163 C CB  . PRO F 1 23 ? 9.507   4.205   -25.556 1.00 11.55 ? 23  PRO F CB  1 
ATOM   1164 C CG  . PRO F 1 23 ? 9.980   3.219   -24.556 1.00 22.35 ? 23  PRO F CG  1 
ATOM   1165 C CD  . PRO F 1 23 ? 8.781   2.496   -24.022 1.00 25.70 ? 23  PRO F CD  1 
HETATM 1166 N N   . HYP F 1 24 ? 7.264   5.156   -27.523 1.00 8.85  ? 24  HYP F N   1 
HETATM 1167 C CA  . HYP F 1 24 ? 6.640   5.003   -28.837 1.00 9.08  ? 24  HYP F CA  1 
HETATM 1168 C C   . HYP F 1 24 ? 7.218   3.880   -29.685 1.00 12.85 ? 24  HYP F C   1 
HETATM 1169 O O   . HYP F 1 24 ? 8.413   3.564   -29.614 1.00 20.35 ? 24  HYP F O   1 
HETATM 1170 C CB  . HYP F 1 24 ? 6.999   6.331   -29.526 1.00 12.11 ? 24  HYP F CB  1 
HETATM 1171 C CG  . HYP F 1 24 ? 7.247   7.288   -28.414 1.00 14.72 ? 24  HYP F CG  1 
HETATM 1172 C CD  . HYP F 1 24 ? 7.913   6.472   -27.339 1.00 15.93 ? 24  HYP F CD  1 
HETATM 1173 O OD1 . HYP F 1 24 ? 6.018   7.748   -27.905 1.00 28.84 ? 24  HYP F OD1 1 
ATOM   1174 N N   . GLY F 1 25 ? 6.376   3.276   -30.526 1.00 11.42 ? 25  GLY F N   1 
ATOM   1175 C CA  . GLY F 1 25 ? 6.845   2.229   -31.418 1.00 5.40  ? 25  GLY F CA  1 
ATOM   1176 C C   . GLY F 1 25 ? 7.716   2.779   -32.536 1.00 14.89 ? 25  GLY F C   1 
ATOM   1177 O O   . GLY F 1 25 ? 7.887   3.988   -32.711 1.00 19.57 ? 25  GLY F O   1 
ATOM   1178 N N   . PRO F 1 26 ? 8.281   1.862   -33.311 1.00 12.25 ? 26  PRO F N   1 
ATOM   1179 C CA  . PRO F 1 26 ? 9.050   2.213   -34.506 1.00 22.45 ? 26  PRO F CA  1 
ATOM   1180 C C   . PRO F 1 26 ? 8.236   2.979   -35.536 1.00 19.23 ? 26  PRO F C   1 
ATOM   1181 O O   . PRO F 1 26 ? 7.033   2.741   -35.650 1.00 14.91 ? 26  PRO F O   1 
ATOM   1182 C CB  . PRO F 1 26 ? 9.400   0.847   -35.114 1.00 26.71 ? 26  PRO F CB  1 
ATOM   1183 C CG  . PRO F 1 26 ? 9.217   -0.159  -34.032 1.00 27.03 ? 26  PRO F CG  1 
ATOM   1184 C CD  . PRO F 1 26 ? 8.222   0.406   -33.064 1.00 13.89 ? 26  PRO F CD  1 
HETATM 1185 N N   . HYP F 1 27 ? 8.817   3.882   -36.317 1.00 24.57 ? 27  HYP F N   1 
HETATM 1186 C CA  . HYP F 1 27 ? 8.079   4.423   -37.463 1.00 24.03 ? 27  HYP F CA  1 
HETATM 1187 C C   . HYP F 1 27 ? 7.505   3.312   -38.348 1.00 32.10 ? 27  HYP F C   1 
HETATM 1188 O O   . HYP F 1 27 ? 8.205   2.317   -38.589 1.00 29.50 ? 27  HYP F O   1 
HETATM 1189 C CB  . HYP F 1 27 ? 9.148   5.174   -38.255 1.00 28.68 ? 27  HYP F CB  1 
HETATM 1190 C CG  . HYP F 1 27 ? 10.164  5.563   -37.238 1.00 33.45 ? 27  HYP F CG  1 
HETATM 1191 C CD  . HYP F 1 27 ? 10.150  4.483   -36.189 1.00 30.47 ? 27  HYP F CD  1 
HETATM 1192 O OD1 . HYP F 1 27 ? 9.772   6.798   -36.687 1.00 23.46 ? 27  HYP F OD1 1 
HETATM 1193 O OXT . HYP F 1 27 ? 6.360   3.453   -38.798 1.00 45.36 ? 27  HYP F OXT 1 
HETATM 1194 O O   . HOH G 2 .  ? -6.880  9.584   7.210   1.00 3.78  ? 101 HOH A O   1 
HETATM 1195 O O   . HOH G 2 .  ? -0.512  7.555   3.963   1.00 5.28  ? 107 HOH A O   1 
HETATM 1196 O O   . HOH G 2 .  ? -1.089  0.451   -2.275  1.00 5.20  ? 112 HOH A O   1 
HETATM 1197 O O   . HOH G 2 .  ? -1.579  8.823   -9.553  1.00 11.70 ? 114 HOH A O   1 
HETATM 1198 O O   . HOH G 2 .  ? -5.400  7.747   11.364  1.00 7.57  ? 131 HOH A O   1 
HETATM 1199 O O   . HOH G 2 .  ? -10.045 -3.737  23.046  1.00 12.85 ? 135 HOH A O   1 
HETATM 1200 O O   . HOH G 2 .  ? -1.401  3.544   -7.346  1.00 4.75  ? 136 HOH A O   1 
HETATM 1201 O O   . HOH G 2 .  ? -6.002  10.095  9.855   1.00 5.60  ? 138 HOH A O   1 
HETATM 1202 O O   . HOH G 2 .  ? -3.784  0.672   -14.545 1.00 12.46 ? 156 HOH A O   1 
HETATM 1203 O O   . HOH G 2 .  ? -4.411  9.529   -0.036  1.00 8.44  ? 159 HOH A O   1 
HETATM 1204 O O   . HOH G 2 .  ? -1.551  6.466   1.523   1.00 7.11  ? 166 HOH A O   1 
HETATM 1205 O O   . HOH G 2 .  ? -3.144  2.904   -20.523 1.00 21.40 ? 173 HOH A O   1 
HETATM 1206 O O   . HOH G 2 .  ? -10.291 5.245   18.569  1.00 10.32 ? 179 HOH A O   1 
HETATM 1207 O O   . HOH G 2 .  ? -1.873  1.064   -8.310  1.00 7.53  ? 185 HOH A O   1 
HETATM 1208 O O   . HOH G 2 .  ? -5.928  10.227  13.448  1.00 16.44 ? 192 HOH A O   1 
HETATM 1209 O O   . HOH G 2 .  ? -0.325  5.328   7.622   1.00 8.55  ? 194 HOH A O   1 
HETATM 1210 O O   . HOH G 2 .  ? -10.926 5.347   25.093  1.00 8.77  ? 206 HOH A O   1 
HETATM 1211 O O   . HOH G 2 .  ? -5.039  2.053   -15.937 1.00 12.04 ? 207 HOH A O   1 
HETATM 1212 O O   . HOH G 2 .  ? -0.517  10.560  -7.249  1.00 26.57 ? 212 HOH A O   1 
HETATM 1213 O O   . HOH G 2 .  ? -9.825  7.468   7.776   1.00 6.49  ? 221 HOH A O   1 
HETATM 1214 O O   . HOH G 2 .  ? -0.537  5.093   -9.833  1.00 21.89 ? 224 HOH A O   1 
HETATM 1215 O O   . HOH G 2 .  ? -13.560 -0.778  32.590  1.00 20.71 ? 231 HOH A O   1 
HETATM 1216 O O   . HOH G 2 .  ? -9.454  4.587   -28.095 1.00 22.66 ? 234 HOH A O   1 
HETATM 1217 O O   . HOH G 2 .  ? -12.092 5.243   20.532  1.00 26.37 ? 235 HOH A O   1 
HETATM 1218 O O   . HOH G 2 .  ? -0.912  7.847   -0.705  1.00 11.42 ? 239 HOH A O   1 
HETATM 1219 O O   . HOH G 2 .  ? -12.732 7.916   21.117  1.00 19.17 ? 240 HOH A O   1 
HETATM 1220 O O   . HOH G 2 .  ? 0.556   4.670   1.154   1.00 11.50 ? 244 HOH A O   1 
HETATM 1221 O O   . HOH G 2 .  ? 1.415   3.549   7.333   1.00 6.45  ? 245 HOH A O   1 
HETATM 1222 O O   . HOH G 2 .  ? -8.152  10.937  13.738  1.00 5.06  ? 249 HOH A O   1 
HETATM 1223 O O   . HOH G 2 .  ? -10.007 8.622   10.011  1.00 22.81 ? 250 HOH A O   1 
HETATM 1224 O O   . HOH G 2 .  ? -12.376 6.147   7.441   1.00 8.45  ? 251 HOH A O   1 
HETATM 1225 O O   . HOH G 2 .  ? 2.532   4.176   3.003   1.00 6.24  ? 252 HOH A O   1 
HETATM 1226 O O   . HOH G 2 .  ? -10.314 9.981   14.537  1.00 12.36 ? 254 HOH A O   1 
HETATM 1227 O O   . HOH G 2 .  ? -3.600  1.193   -18.397 1.00 14.23 ? 258 HOH A O   1 
HETATM 1228 O O   . HOH G 2 .  ? -12.504 2.574   27.020  1.00 21.18 ? 260 HOH A O   1 
HETATM 1229 O O   . HOH G 2 .  ? 2.601   2.397   5.117   1.00 4.29  ? 264 HOH A O   1 
HETATM 1230 O O   . HOH G 2 .  ? -9.136  7.569   19.207  1.00 18.50 ? 266 HOH A O   1 
HETATM 1231 O O   . HOH G 2 .  ? 2.981   4.483   -1.901  1.00 15.80 ? 267 HOH A O   1 
HETATM 1232 O O   . HOH G 2 .  ? -11.799 8.499   11.939  1.00 18.73 ? 268 HOH A O   1 
HETATM 1233 O O   . HOH G 2 .  ? -1.701  5.340   -18.347 1.00 20.37 ? 272 HOH A O   1 
HETATM 1234 O O   . HOH G 2 .  ? -10.122 -5.801  30.779  1.00 32.49 ? 280 HOH A O   1 
HETATM 1235 O O   . HOH G 2 .  ? -10.378 -5.733  20.932  1.00 21.47 ? 287 HOH A O   1 
HETATM 1236 O O   . HOH G 2 .  ? -12.483 -1.012  22.353  1.00 17.68 ? 291 HOH A O   1 
HETATM 1237 O O   . HOH G 2 .  ? -9.537  6.831   -35.358 1.00 18.16 ? 301 HOH A O   1 
HETATM 1238 O O   . HOH G 2 .  ? -5.570  4.555   -27.397 1.00 15.78 ? 307 HOH A O   1 
HETATM 1239 O O   . HOH G 2 .  ? -5.807  -6.489  31.192  1.00 23.72 ? 312 HOH A O   1 
HETATM 1240 O O   . HOH G 2 .  ? -12.022 -1.535  25.513  1.00 17.80 ? 313 HOH A O   1 
HETATM 1241 O O   . HOH G 2 .  ? -12.482 4.522   17.365  1.00 11.93 ? 321 HOH A O   1 
HETATM 1242 O O   . HOH G 2 .  ? -2.423  -1.621  -21.391 1.00 15.35 ? 324 HOH A O   1 
HETATM 1243 O O   . HOH G 2 .  ? -14.807 -1.573  28.844  1.00 15.69 ? 325 HOH A O   1 
HETATM 1244 O O   . HOH G 2 .  ? 0.103   2.270   -5.167  1.00 8.20  ? 328 HOH A O   1 
HETATM 1245 O O   . HOH G 2 .  ? -13.633 0.014   27.048  1.00 12.96 ? 331 HOH A O   1 
HETATM 1246 O O   . HOH G 2 .  ? -11.161 -7.608  28.222  1.00 17.51 ? 340 HOH A O   1 
HETATM 1247 O O   . HOH G 2 .  ? -12.084 -4.278  24.870  1.00 9.68  ? 345 HOH A O   1 
HETATM 1248 O O   . HOH G 2 .  ? -13.044 -5.837  26.984  1.00 14.48 ? 347 HOH A O   1 
HETATM 1249 O O   . HOH G 2 .  ? -14.502 -3.986  28.868  1.00 30.53 ? 349 HOH A O   1 
HETATM 1250 O O   . HOH G 2 .  ? -11.773 7.061   -33.778 1.00 15.06 ? 364 HOH A O   1 
HETATM 1251 O O   . HOH G 2 .  ? -12.792 5.188   -31.569 1.00 15.13 ? 374 HOH A O   1 
HETATM 1252 O O   . HOH G 2 .  ? -14.594 1.297   31.204  1.00 7.86  ? 387 HOH A O   1 
HETATM 1253 O O   . HOH G 2 .  ? -13.072 -5.852  20.349  1.00 20.82 ? 400 HOH A O   1 
HETATM 1254 O O   . HOH G 2 .  ? -8.491  -6.009  22.780  1.00 24.11 ? 402 HOH A O   1 
HETATM 1255 O O   . HOH G 2 .  ? -3.201  1.017   -22.441 1.00 13.75 ? 408 HOH A O   1 
HETATM 1256 O O   . HOH G 2 .  ? -11.805 4.590   -26.822 1.00 28.93 ? 413 HOH A O   1 
HETATM 1257 O O   . HOH G 2 .  ? -9.773  -6.446  34.029  1.00 23.39 ? 437 HOH A O   1 
HETATM 1258 O O   . HOH G 2 .  ? -2.948  -8.419  38.170  1.00 32.68 ? 438 HOH A O   1 
HETATM 1259 O O   . HOH G 2 .  ? 0.550   7.168   -8.007  1.00 42.85 ? 451 HOH A O   1 
HETATM 1260 O O   . HOH G 2 .  ? -10.167 9.538   -35.716 1.00 47.54 ? 457 HOH A O   1 
HETATM 1261 O O   . HOH G 2 .  ? -12.030 -11.004 36.171  1.00 57.59 ? 458 HOH A O   1 
HETATM 1262 O O   . HOH H 2 .  ? -9.656  3.353   -15.776 1.00 6.81  ? 108 HOH B O   1 
HETATM 1263 O O   . HOH H 2 .  ? -1.732  5.062   10.061  1.00 13.12 ? 109 HOH B O   1 
HETATM 1264 O O   . HOH H 2 .  ? -3.836  -3.059  5.102   1.00 8.41  ? 116 HOH B O   1 
HETATM 1265 O O   . HOH H 2 .  ? -7.136  5.931   26.708  1.00 10.33 ? 117 HOH B O   1 
HETATM 1266 O O   . HOH H 2 .  ? -13.102 6.655   -6.848  1.00 8.72  ? 119 HOH B O   1 
HETATM 1267 O O   . HOH H 2 .  ? -4.999  -1.492  3.464   1.00 8.47  ? 120 HOH B O   1 
HETATM 1268 O O   . HOH H 2 .  ? -10.237 -1.590  1.170   1.00 5.09  ? 124 HOH B O   1 
HETATM 1269 O O   . HOH H 2 .  ? -3.896  -2.563  1.175   1.00 12.74 ? 126 HOH B O   1 
HETATM 1270 O O   . HOH H 2 .  ? -1.429  0.118   12.172  1.00 13.44 ? 127 HOH B O   1 
HETATM 1271 O O   . HOH H 2 .  ? -3.205  -0.763  -0.688  1.00 4.46  ? 128 HOH B O   1 
HETATM 1272 O O   . HOH H 2 .  ? -9.591  0.555   -8.388  1.00 13.59 ? 132 HOH B O   1 
HETATM 1273 O O   . HOH H 2 .  ? -4.202  0.209   -9.708  1.00 7.36  ? 152 HOH B O   1 
HETATM 1274 O O   . HOH H 2 .  ? -5.817  0.949   -7.910  1.00 7.57  ? 158 HOH B O   1 
HETATM 1275 O O   . HOH H 2 .  ? -0.760  4.135   23.098  1.00 22.55 ? 162 HOH B O   1 
HETATM 1276 O O   . HOH H 2 .  ? -1.557  2.912   21.139  1.00 11.03 ? 170 HOH B O   1 
HETATM 1277 O O   . HOH H 2 .  ? -9.262  0.665   -4.083  1.00 13.33 ? 175 HOH B O   1 
HETATM 1278 O O   . HOH H 2 .  ? -12.105 1.654   -4.767  1.00 12.31 ? 186 HOH B O   1 
HETATM 1279 O O   . HOH H 2 .  ? -6.477  -1.201  -6.022  1.00 9.54  ? 189 HOH B O   1 
HETATM 1280 O O   . HOH H 2 .  ? -4.620  5.887   19.474  1.00 17.46 ? 205 HOH B O   1 
HETATM 1281 O O   . HOH H 2 .  ? -11.692 5.807   -13.548 1.00 13.08 ? 208 HOH B O   1 
HETATM 1282 O O   . HOH H 2 .  ? -0.528  1.214   9.775   1.00 9.99  ? 214 HOH B O   1 
HETATM 1283 O O   . HOH H 2 .  ? -5.921  4.261   30.841  1.00 23.93 ? 217 HOH B O   1 
HETATM 1284 O O   . HOH H 2 .  ? -0.400  1.832   27.240  1.00 12.58 ? 229 HOH B O   1 
HETATM 1285 O O   . HOH H 2 .  ? -1.046  4.148   18.723  1.00 15.85 ? 232 HOH B O   1 
HETATM 1286 O O   . HOH H 2 .  ? -12.185 6.141   -16.482 1.00 18.48 ? 236 HOH B O   1 
HETATM 1287 O O   . HOH H 2 .  ? -6.528  8.029   19.074  1.00 10.98 ? 246 HOH B O   1 
HETATM 1288 O O   . HOH H 2 .  ? -5.960  6.525   29.367  1.00 13.63 ? 261 HOH B O   1 
HETATM 1289 O O   . HOH H 2 .  ? -10.408 12.763  -13.996 1.00 21.62 ? 274 HOH B O   1 
HETATM 1290 O O   . HOH H 2 .  ? -9.818  12.350  -20.723 1.00 14.63 ? 285 HOH B O   1 
HETATM 1291 O O   . HOH H 2 .  ? -13.303 7.490   -12.071 1.00 8.26  ? 295 HOH B O   1 
HETATM 1292 O O   . HOH H 2 .  ? -8.662  14.830  -20.021 1.00 15.64 ? 308 HOH B O   1 
HETATM 1293 O O   . HOH H 2 .  ? -9.910  3.634   27.073  1.00 7.94  ? 315 HOH B O   1 
HETATM 1294 O O   . HOH H 2 .  ? 0.088   -1.017  14.464  1.00 13.17 ? 327 HOH B O   1 
HETATM 1295 O O   . HOH H 2 .  ? 0.206   1.044   20.569  1.00 28.82 ? 341 HOH B O   1 
HETATM 1296 O O   . HOH H 2 .  ? -8.797  14.727  -13.558 1.00 8.01  ? 342 HOH B O   1 
HETATM 1297 O O   . HOH H 2 .  ? 1.138   2.421   14.236  1.00 20.04 ? 348 HOH B O   1 
HETATM 1298 O O   . HOH H 2 .  ? 1.185   4.277   16.697  1.00 22.15 ? 350 HOH B O   1 
HETATM 1299 O O   . HOH H 2 .  ? -12.564 -0.259  34.598  1.00 44.01 ? 363 HOH B O   1 
HETATM 1300 O O   . HOH H 2 .  ? -11.845 3.037   -14.039 1.00 6.30  ? 370 HOH B O   1 
HETATM 1301 O O   . HOH H 2 .  ? -12.922 -1.949  0.737   1.00 10.54 ? 376 HOH B O   1 
HETATM 1302 O O   . HOH H 2 .  ? -10.217 5.355   29.528  1.00 45.26 ? 382 HOH B O   1 
HETATM 1303 O O   . HOH H 2 .  ? -0.314  7.079   12.418  1.00 19.04 ? 386 HOH B O   1 
HETATM 1304 O O   . HOH H 2 .  ? -3.384  -2.567  -2.928  1.00 12.18 ? 394 HOH B O   1 
HETATM 1305 O O   . HOH H 2 .  ? -6.697  4.586   38.714  1.00 11.26 ? 396 HOH B O   1 
HETATM 1306 O O   . HOH H 2 .  ? 0.499   3.948   11.631  1.00 20.94 ? 403 HOH B O   1 
HETATM 1307 O O   . HOH H 2 .  ? -12.248 12.259  -21.564 1.00 28.78 ? 407 HOH B O   1 
HETATM 1308 O O   . HOH H 2 .  ? -10.260 6.428   34.339  1.00 22.38 ? 412 HOH B O   1 
HETATM 1309 O O   . HOH H 2 .  ? -12.242 4.726   31.285  1.00 33.37 ? 421 HOH B O   1 
HETATM 1310 O O   . HOH H 2 .  ? -9.203  3.866   38.697  1.00 19.98 ? 428 HOH B O   1 
HETATM 1311 O O   . HOH H 2 .  ? -10.460 0.945   38.702  1.00 73.77 ? 429 HOH B O   1 
HETATM 1312 O O   . HOH H 2 .  ? -3.791  15.303  -32.979 1.00 49.20 ? 452 HOH B O   1 
HETATM 1313 O O   . HOH H 2 .  ? -11.076 1.930   44.418  1.00 25.89 ? 453 HOH B O   1 
HETATM 1314 O O   . HOH H 2 .  ? -12.972 -2.961  35.421  1.00 28.90 ? 456 HOH B O   1 
HETATM 1315 O O   . HOH I 2 .  ? -9.781  -0.266  3.427   1.00 5.17  ? 105 HOH C O   1 
HETATM 1316 O O   . HOH I 2 .  ? -6.593  13.316  -12.419 1.00 8.84  ? 111 HOH C O   1 
HETATM 1317 O O   . HOH I 2 .  ? -10.718 9.023   5.638   1.00 4.47  ? 123 HOH C O   1 
HETATM 1318 O O   . HOH I 2 .  ? -10.144 8.775   -1.007  1.00 3.95  ? 130 HOH C O   1 
HETATM 1319 O O   . HOH I 2 .  ? -9.787  -3.121  10.993  1.00 10.86 ? 139 HOH C O   1 
HETATM 1320 O O   . HOH I 2 .  ? -0.404  11.256  -15.659 1.00 16.29 ? 147 HOH C O   1 
HETATM 1321 O O   . HOH I 2 .  ? -5.775  -2.692  11.737  1.00 6.40  ? 163 HOH C O   1 
HETATM 1322 O O   . HOH I 2 .  ? -11.937 2.094   5.887   1.00 11.77 ? 167 HOH C O   1 
HETATM 1323 O O   . HOH I 2 .  ? -5.096  -4.764  23.199  1.00 23.89 ? 169 HOH C O   1 
HETATM 1324 O O   . HOH I 2 .  ? -12.513 2.232   3.024   1.00 8.78  ? 177 HOH C O   1 
HETATM 1325 O O   . HOH I 2 .  ? -6.286  11.647  -0.426  1.00 12.67 ? 184 HOH C O   1 
HETATM 1326 O O   . HOH I 2 .  ? -3.123  -4.419  18.921  1.00 15.17 ? 203 HOH C O   1 
HETATM 1327 O O   . HOH I 2 .  ? -11.427 6.763   -4.332  1.00 17.95 ? 210 HOH C O   1 
HETATM 1328 O O   . HOH I 2 .  ? -3.878  -6.642  25.052  1.00 15.84 ? 230 HOH C O   1 
HETATM 1329 O O   . HOH I 2 .  ? 0.438   8.038   -18.149 1.00 21.32 ? 270 HOH C O   1 
HETATM 1330 O O   . HOH I 2 .  ? -12.329 8.823   1.123   1.00 14.61 ? 271 HOH C O   1 
HETATM 1331 O O   . HOH I 2 .  ? -9.730  11.075  -12.007 1.00 11.06 ? 277 HOH C O   1 
HETATM 1332 O O   . HOH I 2 .  ? -4.249  13.206  -19.663 1.00 32.66 ? 281 HOH C O   1 
HETATM 1333 O O   . HOH I 2 .  ? -2.113  1.555   29.716  1.00 19.90 ? 283 HOH C O   1 
HETATM 1334 O O   . HOH I 2 .  ? -6.074  15.263  -19.977 1.00 11.68 ? 284 HOH C O   1 
HETATM 1335 O O   . HOH I 2 .  ? -12.181 10.068  -12.246 1.00 16.09 ? 289 HOH C O   1 
HETATM 1336 O O   . HOH I 2 .  ? -2.220  -3.518  31.938  1.00 58.36 ? 294 HOH C O   1 
HETATM 1337 O O   . HOH I 2 .  ? -3.913  1.865   -33.672 1.00 19.83 ? 296 HOH C O   1 
HETATM 1338 O O   . HOH I 2 .  ? -3.538  4.045   -34.295 1.00 26.38 ? 300 HOH C O   1 
HETATM 1339 O O   . HOH I 2 .  ? -2.120  -6.341  30.921  1.00 16.10 ? 309 HOH C O   1 
HETATM 1340 O O   . HOH I 2 .  ? -1.265  10.385  -17.919 1.00 19.68 ? 310 HOH C O   1 
HETATM 1341 O O   . HOH I 2 .  ? -1.560  6.858   -27.028 1.00 27.90 ? 317 HOH C O   1 
HETATM 1342 O O   . HOH I 2 .  ? -4.413  -7.442  29.063  1.00 16.92 ? 322 HOH C O   1 
HETATM 1343 O O   . HOH I 2 .  ? -1.879  4.534   -27.876 1.00 15.84 ? 334 HOH C O   1 
HETATM 1344 O O   . HOH I 2 .  ? 1.230   -0.220  27.181  1.00 17.00 ? 339 HOH C O   1 
HETATM 1345 O O   . HOH I 2 .  ? -10.063 12.569  -9.763  1.00 16.85 ? 354 HOH C O   1 
HETATM 1346 O O   . HOH I 2 .  ? 0.244   6.139   -24.882 1.00 11.89 ? 359 HOH C O   1 
HETATM 1347 O O   . HOH I 2 .  ? -4.104  3.596   -29.188 1.00 24.36 ? 360 HOH C O   1 
HETATM 1348 O O   . HOH I 2 .  ? -0.323  -1.814  28.491  1.00 15.88 ? 361 HOH C O   1 
HETATM 1349 O O   . HOH I 2 .  ? -0.708  11.435  -20.383 1.00 19.57 ? 365 HOH C O   1 
HETATM 1350 O O   . HOH I 2 .  ? -11.926 -0.401  5.289   1.00 7.30  ? 369 HOH C O   1 
HETATM 1351 O O   . HOH I 2 .  ? -9.021  11.219  -0.482  1.00 12.17 ? 372 HOH C O   1 
HETATM 1352 O O   . HOH I 2 .  ? -12.392 8.247   -2.107  1.00 11.93 ? 375 HOH C O   1 
HETATM 1353 O O   . HOH I 2 .  ? -6.657  -4.932  13.502  1.00 11.77 ? 379 HOH C O   1 
HETATM 1354 O O   . HOH I 2 .  ? -8.032  -2.406  3.283   1.00 9.94  ? 380 HOH C O   1 
HETATM 1355 O O   . HOH I 2 .  ? -3.485  -6.418  16.754  1.00 22.47 ? 405 HOH C O   1 
HETATM 1356 O O   . HOH I 2 .  ? -0.378  -4.869  33.959  1.00 35.09 ? 417 HOH C O   1 
HETATM 1357 O O   . HOH I 2 .  ? -0.212  3.224   31.773  1.00 23.41 ? 425 HOH C O   1 
HETATM 1358 O O   . HOH I 2 .  ? 1.876   -3.206  34.762  1.00 32.11 ? 436 HOH C O   1 
HETATM 1359 O O   . HOH I 2 .  ? -1.139  8.055   -29.178 1.00 49.13 ? 447 HOH C O   1 
HETATM 1360 O O   . HOH I 2 .  ? -4.821  -0.862  40.691  1.00 14.60 ? 449 HOH C O   1 
HETATM 1361 O O   . HOH I 2 .  ? -6.341  -0.484  43.796  1.00 32.51 ? 454 HOH C O   1 
HETATM 1362 O O   . HOH J 2 .  ? 1.184   -5.102  -16.536 1.00 7.95  ? 103 HOH D O   1 
HETATM 1363 O O   . HOH J 2 .  ? 7.989   -7.772  -0.550  1.00 9.50  ? 106 HOH D O   1 
HETATM 1364 O O   . HOH J 2 .  ? 10.828  -0.157  4.360   1.00 7.62  ? 113 HOH D O   1 
HETATM 1365 O O   . HOH J 2 .  ? 7.770   -7.336  -13.582 1.00 7.44  ? 118 HOH D O   1 
HETATM 1366 O O   . HOH J 2 .  ? 10.321  -3.544  -2.846  1.00 8.27  ? 122 HOH D O   1 
HETATM 1367 O O   . HOH J 2 .  ? 8.789   -0.939  6.577   1.00 7.48  ? 125 HOH D O   1 
HETATM 1368 O O   . HOH J 2 .  ? 10.463  -2.529  10.408  1.00 8.57  ? 133 HOH D O   1 
HETATM 1369 O O   . HOH J 2 .  ? 10.943  -0.584  8.128   1.00 12.92 ? 137 HOH D O   1 
HETATM 1370 O O   . HOH J 2 .  ? 7.338   -6.223  -11.279 1.00 11.34 ? 143 HOH D O   1 
HETATM 1371 O O   . HOH J 2 .  ? 2.917   -4.534  -20.569 1.00 6.24  ? 146 HOH D O   1 
HETATM 1372 O O   . HOH J 2 .  ? 4.077   -2.996  26.244  1.00 14.68 ? 149 HOH D O   1 
HETATM 1373 O O   . HOH J 2 .  ? 1.252   -6.235  -22.827 1.00 15.12 ? 151 HOH D O   1 
HETATM 1374 O O   . HOH J 2 .  ? 10.367  0.918   -0.113  1.00 8.14  ? 154 HOH D O   1 
HETATM 1375 O O   . HOH J 2 .  ? 4.968   -0.240  18.469  1.00 11.43 ? 161 HOH D O   1 
HETATM 1376 O O   . HOH J 2 .  ? 3.352   -6.558  -9.168  1.00 6.70  ? 165 HOH D O   1 
HETATM 1377 O O   . HOH J 2 .  ? 7.350   1.513   6.799   1.00 20.01 ? 174 HOH D O   1 
HETATM 1378 O O   . HOH J 2 .  ? 6.380   -8.884  -18.221 1.00 8.81  ? 180 HOH D O   1 
HETATM 1379 O O   . HOH J 2 .  ? 11.416  -0.986  -1.842  1.00 4.59  ? 181 HOH D O   1 
HETATM 1380 O O   . HOH J 2 .  ? -1.197  0.731   -16.165 1.00 15.84 ? 187 HOH D O   1 
HETATM 1381 O O   . HOH J 2 .  ? -1.750  -5.594  -22.425 1.00 25.32 ? 188 HOH D O   1 
HETATM 1382 O O   . HOH J 2 .  ? 8.080   -2.557  17.721  1.00 14.89 ? 191 HOH D O   1 
HETATM 1383 O O   . HOH J 2 .  ? 8.344   -0.641  15.986  1.00 9.55  ? 193 HOH D O   1 
HETATM 1384 O O   . HOH J 2 .  ? -1.295  -3.594  17.187  1.00 15.90 ? 197 HOH D O   1 
HETATM 1385 O O   . HOH J 2 .  ? -0.113  3.251   -24.233 1.00 15.91 ? 204 HOH D O   1 
HETATM 1386 O O   . HOH J 2 .  ? 6.547   1.369   17.008  1.00 13.95 ? 209 HOH D O   1 
HETATM 1387 O O   . HOH J 2 .  ? 10.330  -5.436  8.084   1.00 5.71  ? 218 HOH D O   1 
HETATM 1388 O O   . HOH J 2 .  ? 11.458  -4.058  6.355   1.00 7.85  ? 219 HOH D O   1 
HETATM 1389 O O   . HOH J 2 .  ? 7.226   -7.660  -8.821  1.00 16.05 ? 242 HOH D O   1 
HETATM 1390 O O   . HOH J 2 .  ? 9.665   -8.681  -6.976  1.00 12.45 ? 248 HOH D O   1 
HETATM 1391 O O   . HOH J 2 .  ? 10.519  -8.149  8.090   1.00 10.80 ? 253 HOH D O   1 
HETATM 1392 O O   . HOH J 2 .  ? 10.498  -7.709  -4.733  1.00 11.33 ? 257 HOH D O   1 
HETATM 1393 O O   . HOH J 2 .  ? -1.698  -2.339  21.189  1.00 15.98 ? 276 HOH D O   1 
HETATM 1394 O O   . HOH J 2 .  ? -1.619  0.858   -33.886 1.00 18.05 ? 278 HOH D O   1 
HETATM 1395 O O   . HOH J 2 .  ? -0.209  -1.825  -16.424 1.00 11.53 ? 282 HOH D O   1 
HETATM 1396 O O   . HOH J 2 .  ? 4.903   -0.136  15.028  1.00 19.27 ? 286 HOH D O   1 
HETATM 1397 O O   . HOH J 2 .  ? 10.550  -5.851  0.585   1.00 26.67 ? 293 HOH D O   1 
HETATM 1398 O O   . HOH J 2 .  ? 0.928   -3.436  24.170  1.00 14.22 ? 297 HOH D O   1 
HETATM 1399 O O   . HOH J 2 .  ? -2.426  1.608   -29.306 1.00 23.15 ? 298 HOH D O   1 
HETATM 1400 O O   . HOH J 2 .  ? -1.444  -2.665  -18.896 1.00 9.90  ? 302 HOH D O   1 
HETATM 1401 O O   . HOH J 2 .  ? 0.660   -3.917  26.858  1.00 12.45 ? 303 HOH D O   1 
HETATM 1402 O O   . HOH J 2 .  ? -0.161  0.698   -27.478 1.00 13.84 ? 305 HOH D O   1 
HETATM 1403 O O   . HOH J 2 .  ? 2.315   -1.284  24.641  1.00 13.22 ? 311 HOH D O   1 
HETATM 1404 O O   . HOH J 2 .  ? 12.108  -3.804  -4.752  1.00 4.70  ? 318 HOH D O   1 
HETATM 1405 O O   . HOH J 2 .  ? -2.668  -9.516  29.198  1.00 24.78 ? 326 HOH D O   1 
HETATM 1406 O O   . HOH J 2 .  ? -1.776  -6.716  22.955  1.00 20.92 ? 330 HOH D O   1 
HETATM 1407 O O   . HOH J 2 .  ? -2.596  -13.344 28.131  1.00 14.21 ? 336 HOH D O   1 
HETATM 1408 O O   . HOH J 2 .  ? 1.252   7.365   -31.486 1.00 31.40 ? 337 HOH D O   1 
HETATM 1409 O O   . HOH J 2 .  ? 2.374   0.470   15.017  1.00 11.03 ? 338 HOH D O   1 
HETATM 1410 O O   . HOH J 2 .  ? 2.474   0.611   17.961  1.00 16.59 ? 352 HOH D O   1 
HETATM 1411 O O   . HOH J 2 .  ? -1.895  -10.001 24.797  1.00 13.77 ? 358 HOH D O   1 
HETATM 1412 O O   . HOH J 2 .  ? 1.245   10.416  -31.786 1.00 27.75 ? 368 HOH D O   1 
HETATM 1413 O O   . HOH J 2 .  ? 12.735  -6.796  -8.326  1.00 10.57 ? 373 HOH D O   1 
HETATM 1414 O O   . HOH J 2 .  ? 7.498   -10.466 -3.189  1.00 12.14 ? 378 HOH D O   1 
HETATM 1415 O O   . HOH J 2 .  ? -1.404  -3.957  22.794  1.00 17.62 ? 384 HOH D O   1 
HETATM 1416 O O   . HOH J 2 .  ? 4.661   8.159   -32.162 1.00 16.32 ? 385 HOH D O   1 
HETATM 1417 O O   . HOH J 2 .  ? 2.517   9.417   -33.645 1.00 28.94 ? 395 HOH D O   1 
HETATM 1418 O O   . HOH J 2 .  ? 2.917   11.531  -35.813 1.00 20.38 ? 397 HOH D O   1 
HETATM 1419 O O   . HOH J 2 .  ? 11.669  -0.511  11.983  1.00 12.59 ? 398 HOH D O   1 
HETATM 1420 O O   . HOH J 2 .  ? -1.925  2.591   -26.571 1.00 18.83 ? 404 HOH D O   1 
HETATM 1421 O O   . HOH J 2 .  ? -3.081  -5.505  21.488  1.00 30.07 ? 414 HOH D O   1 
HETATM 1422 O O   . HOH J 2 .  ? 10.858  -7.665  -2.156  1.00 22.50 ? 419 HOH D O   1 
HETATM 1423 O O   . HOH J 2 .  ? 1.005   7.777   -34.357 1.00 29.77 ? 423 HOH D O   1 
HETATM 1424 O O   . HOH J 2 .  ? 7.825   11.176  -41.888 1.00 33.06 ? 424 HOH D O   1 
HETATM 1425 O O   . HOH J 2 .  ? -0.661  -10.392 30.824  1.00 30.30 ? 430 HOH D O   1 
HETATM 1426 O O   . HOH J 2 .  ? -1.006  -12.765 30.614  1.00 24.19 ? 431 HOH D O   1 
HETATM 1427 O O   . HOH J 2 .  ? 5.335   11.545  -38.004 1.00 35.42 ? 440 HOH D O   1 
HETATM 1428 O O   . HOH J 2 .  ? -1.204  8.960   -37.455 1.00 40.16 ? 444 HOH D O   1 
HETATM 1429 O O   . HOH K 2 .  ? 4.336   0.784   6.741   1.00 5.26  ? 104 HOH E O   1 
HETATM 1430 O O   . HOH K 2 .  ? 10.965  3.364   -14.783 1.00 12.09 ? 115 HOH E O   1 
HETATM 1431 O O   . HOH K 2 .  ? -1.583  -3.096  3.203   1.00 14.51 ? 121 HOH E O   1 
HETATM 1432 O O   . HOH K 2 .  ? 7.801   -4.201  -19.781 1.00 11.48 ? 134 HOH E O   1 
HETATM 1433 O O   . HOH K 2 .  ? 8.187   1.144   -1.991  1.00 10.43 ? 140 HOH E O   1 
HETATM 1434 O O   . HOH K 2 .  ? 0.816   -12.559 22.705  1.00 13.21 ? 144 HOH E O   1 
HETATM 1435 O O   . HOH K 2 .  ? 9.044   2.957   -13.126 1.00 4.83  ? 145 HOH E O   1 
HETATM 1436 O O   . HOH K 2 .  ? 1.101   0.176   4.363   1.00 5.54  ? 150 HOH E O   1 
HETATM 1437 O O   . HOH K 2 .  ? -1.801  -6.391  5.207   1.00 8.02  ? 153 HOH E O   1 
HETATM 1438 O O   . HOH K 2 .  ? 10.693  1.125   -9.098  1.00 7.30  ? 160 HOH E O   1 
HETATM 1439 O O   . HOH K 2 .  ? -0.691  -6.686  11.336  1.00 11.60 ? 178 HOH E O   1 
HETATM 1440 O O   . HOH K 2 .  ? -1.915  -2.613  11.373  1.00 11.40 ? 183 HOH E O   1 
HETATM 1441 O O   . HOH K 2 .  ? 10.494  0.251   -22.384 1.00 9.25  ? 196 HOH E O   1 
HETATM 1442 O O   . HOH K 2 .  ? 0.681   -0.266  7.408   1.00 10.29 ? 198 HOH E O   1 
HETATM 1443 O O   . HOH K 2 .  ? 10.232  -1.885  -11.263 1.00 7.05  ? 199 HOH E O   1 
HETATM 1444 O O   . HOH K 2 .  ? -1.617  1.505   1.449   1.00 6.82  ? 211 HOH E O   1 
HETATM 1445 O O   . HOH K 2 .  ? 7.318   -2.029  -30.843 1.00 37.88 ? 213 HOH E O   1 
HETATM 1446 O O   . HOH K 2 .  ? -2.344  -5.823  9.409   1.00 13.32 ? 215 HOH E O   1 
HETATM 1447 O O   . HOH K 2 .  ? 10.227  4.217   -19.703 1.00 14.25 ? 225 HOH E O   1 
HETATM 1448 O O   . HOH K 2 .  ? 7.588   -3.957  -28.522 1.00 14.95 ? 226 HOH E O   1 
HETATM 1449 O O   . HOH K 2 .  ? 13.439  5.286   -19.085 1.00 31.75 ? 227 HOH E O   1 
HETATM 1450 O O   . HOH K 2 .  ? -2.490  -9.348  8.445   1.00 7.42  ? 241 HOH E O   1 
HETATM 1451 O O   . HOH K 2 .  ? 10.604  -4.778  -11.540 1.00 13.43 ? 243 HOH E O   1 
HETATM 1452 O O   . HOH K 2 .  ? -4.350  -6.940  9.409   1.00 20.22 ? 255 HOH E O   1 
HETATM 1453 O O   . HOH K 2 .  ? 11.513  2.920   -21.337 1.00 17.37 ? 256 HOH E O   1 
HETATM 1454 O O   . HOH K 2 .  ? -1.371  -0.441  3.613   1.00 7.32  ? 259 HOH E O   1 
HETATM 1455 O O   . HOH K 2 .  ? -1.209  -9.444  11.102  1.00 14.81 ? 265 HOH E O   1 
HETATM 1456 O O   . HOH K 2 .  ? 2.545   -11.824 18.288  1.00 17.83 ? 299 HOH E O   1 
HETATM 1457 O O   . HOH K 2 .  ? 11.852  2.550   -27.652 1.00 12.72 ? 304 HOH E O   1 
HETATM 1458 O O   . HOH K 2 .  ? 3.811   -3.019  -28.799 1.00 17.96 ? 306 HOH E O   1 
HETATM 1459 O O   . HOH K 2 .  ? 11.788  -2.594  -19.759 1.00 73.14 ? 314 HOH E O   1 
HETATM 1460 O O   . HOH K 2 .  ? 2.946   -0.943  -39.822 1.00 20.99 ? 319 HOH E O   1 
HETATM 1461 O O   . HOH K 2 .  ? 0.794   -13.644 15.547  1.00 36.30 ? 320 HOH E O   1 
HETATM 1462 O O   . HOH K 2 .  ? -0.222  -4.034  14.847  1.00 12.27 ? 323 HOH E O   1 
HETATM 1463 O O   . HOH K 2 .  ? -0.364  -9.379  22.333  1.00 14.94 ? 329 HOH E O   1 
HETATM 1464 O O   . HOH K 2 .  ? -1.708  -12.334 16.423  1.00 22.57 ? 343 HOH E O   1 
HETATM 1465 O O   . HOH K 2 .  ? -1.059  4.014   -35.428 1.00 28.14 ? 344 HOH E O   1 
HETATM 1466 O O   . HOH K 2 .  ? 4.927   -13.500 17.647  1.00 28.98 ? 346 HOH E O   1 
HETATM 1467 O O   . HOH K 2 .  ? 10.926  -1.775  -30.609 1.00 23.60 ? 351 HOH E O   1 
HETATM 1468 O O   . HOH K 2 .  ? 12.243  -0.021  -24.410 1.00 24.19 ? 355 HOH E O   1 
HETATM 1469 O O   . HOH K 2 .  ? -0.435  1.613   -35.731 1.00 42.73 ? 356 HOH E O   1 
HETATM 1470 O O   . HOH K 2 .  ? 7.960   -3.742  -33.456 1.00 12.09 ? 357 HOH E O   1 
HETATM 1471 O O   . HOH K 2 .  ? 7.641   -12.781 27.499  1.00 24.86 ? 362 HOH E O   1 
HETATM 1472 O O   . HOH K 2 .  ? 8.292   -12.741 21.432  1.00 23.30 ? 366 HOH E O   1 
HETATM 1473 O O   . HOH K 2 .  ? 10.952  -12.353 21.783  1.00 11.99 ? 367 HOH E O   1 
HETATM 1474 O O   . HOH K 2 .  ? 8.558   3.020   -3.486  1.00 13.23 ? 371 HOH E O   1 
HETATM 1475 O O   . HOH K 2 .  ? 10.961  2.926   -11.219 1.00 13.80 ? 377 HOH E O   1 
HETATM 1476 O O   . HOH K 2 .  ? -2.898  -10.334 15.609  1.00 13.32 ? 389 HOH E O   1 
HETATM 1477 O O   . HOH K 2 .  ? -1.899  -4.918  12.935  1.00 10.09 ? 392 HOH E O   1 
HETATM 1478 O O   . HOH K 2 .  ? 7.584   4.857   -12.589 1.00 27.97 ? 393 HOH E O   1 
HETATM 1479 O O   . HOH K 2 .  ? 11.691  3.037   -7.451  1.00 11.44 ? 399 HOH E O   1 
HETATM 1480 O O   . HOH K 2 .  ? 13.402  2.131   -25.165 1.00 26.89 ? 401 HOH E O   1 
HETATM 1481 O O   . HOH K 2 .  ? 7.321   -6.242  -21.654 1.00 38.42 ? 410 HOH E O   1 
HETATM 1482 O O   . HOH K 2 .  ? -2.556  -9.889  20.072  1.00 53.71 ? 418 HOH E O   1 
HETATM 1483 O O   . HOH K 2 .  ? -1.544  0.368   -38.749 1.00 44.13 ? 422 HOH E O   1 
HETATM 1484 O O   . HOH K 2 .  ? 4.901   -2.549  -41.068 1.00 35.38 ? 426 HOH E O   1 
HETATM 1485 O O   . HOH K 2 .  ? 8.467   -1.537  -37.038 1.00 55.22 ? 432 HOH E O   1 
HETATM 1486 O O   . HOH K 2 .  ? 12.766  -13.275 30.437  1.00 73.34 ? 435 HOH E O   1 
HETATM 1487 O O   . HOH K 2 .  ? 3.313   -13.708 29.558  1.00 25.58 ? 441 HOH E O   1 
HETATM 1488 O O   . HOH K 2 .  ? -2.586  -8.988  17.811  1.00 23.24 ? 446 HOH E O   1 
HETATM 1489 O O   . HOH K 2 .  ? 11.137  -4.079  -21.529 1.00 28.71 ? 448 HOH E O   1 
HETATM 1490 O O   . HOH K 2 .  ? 9.763   -11.365 36.189  1.00 24.28 ? 450 HOH E O   1 
HETATM 1491 O O   . HOH K 2 .  ? 3.964   5.597   -43.056 1.00 34.58 ? 455 HOH E O   1 
HETATM 1492 O O   . HOH L 2 .  ? 1.016   -8.978  3.069   1.00 10.45 ? 102 HOH F O   1 
HETATM 1493 O O   . HOH L 2 .  ? 4.487   4.547   -13.083 1.00 6.87  ? 110 HOH F O   1 
HETATM 1494 O O   . HOH L 2 .  ? 11.817  -4.558  11.779  1.00 8.30  ? 129 HOH F O   1 
HETATM 1495 O O   . HOH L 2 .  ? -1.478  -9.117  4.291   1.00 6.72  ? 141 HOH F O   1 
HETATM 1496 O O   . HOH L 2 .  ? -1.029  4.077   -21.523 1.00 16.23 ? 142 HOH F O   1 
HETATM 1497 O O   . HOH L 2 .  ? -0.432  -3.259  -7.887  1.00 16.12 ? 148 HOH F O   1 
HETATM 1498 O O   . HOH L 2 .  ? -1.271  -5.252  -15.139 1.00 5.29  ? 155 HOH F O   1 
HETATM 1499 O O   . HOH L 2 .  ? 2.735   -8.115  -1.093  1.00 10.52 ? 157 HOH F O   1 
HETATM 1500 O O   . HOH L 2 .  ? 13.364  -4.800  13.961  1.00 14.54 ? 164 HOH F O   1 
HETATM 1501 O O   . HOH L 2 .  ? 7.989   -11.594 18.988  1.00 27.63 ? 168 HOH F O   1 
HETATM 1502 O O   . HOH L 2 .  ? 3.761   -10.427 10.268  1.00 13.55 ? 171 HOH F O   1 
HETATM 1503 O O   . HOH L 2 .  ? -2.275  -6.014  -10.950 1.00 9.78  ? 172 HOH F O   1 
HETATM 1504 O O   . HOH L 2 .  ? -1.790  -2.843  -14.346 1.00 8.47  ? 176 HOH F O   1 
HETATM 1505 O O   . HOH L 2 .  ? -4.312  -2.042  -14.247 1.00 6.73  ? 182 HOH F O   1 
HETATM 1506 O O   . HOH L 2 .  ? 0.896   -11.167 10.422  1.00 13.21 ? 190 HOH F O   1 
HETATM 1507 O O   . HOH L 2 .  ? -0.059  -0.060  -4.776  1.00 7.51  ? 195 HOH F O   1 
HETATM 1508 O O   . HOH L 2 .  ? 8.016   -9.898  1.571   1.00 13.80 ? 200 HOH F O   1 
HETATM 1509 O O   . HOH L 2 .  ? 7.819   4.857   -21.332 1.00 26.54 ? 201 HOH F O   1 
HETATM 1510 O O   . HOH L 2 .  ? 0.945   3.474   -12.303 1.00 8.03  ? 202 HOH F O   1 
HETATM 1511 O O   . HOH L 2 .  ? -0.229  -5.489  2.976   1.00 6.21  ? 216 HOH F O   1 
HETATM 1512 O O   . HOH L 2 .  ? 4.639   6.711   -24.203 1.00 39.79 ? 220 HOH F O   1 
HETATM 1513 O O   . HOH L 2 .  ? -1.946  -1.353  -6.374  1.00 11.03 ? 222 HOH F O   1 
HETATM 1514 O O   . HOH L 2 .  ? 7.548   -9.524  8.117   1.00 13.08 ? 223 HOH F O   1 
HETATM 1515 O O   . HOH L 2 .  ? 10.596  -3.959  24.055  1.00 14.39 ? 228 HOH F O   1 
HETATM 1516 O O   . HOH L 2 .  ? 1.239   3.716   -15.045 1.00 8.38  ? 233 HOH F O   1 
HETATM 1517 O O   . HOH L 2 .  ? 10.525  -8.914  20.006  1.00 40.18 ? 237 HOH F O   1 
HETATM 1518 O O   . HOH L 2 .  ? 1.473   7.142   -12.111 1.00 12.63 ? 238 HOH F O   1 
HETATM 1519 O O   . HOH L 2 .  ? -1.796  -6.461  0.601   1.00 10.42 ? 247 HOH F O   1 
HETATM 1520 O O   . HOH L 2 .  ? 2.552   7.631   -23.916 1.00 14.17 ? 262 HOH F O   1 
HETATM 1521 O O   . HOH L 2 .  ? 2.690   6.067   -14.517 1.00 5.53  ? 263 HOH F O   1 
HETATM 1522 O O   . HOH L 2 .  ? 2.708   7.723   -16.542 1.00 9.22  ? 269 HOH F O   1 
HETATM 1523 O O   . HOH L 2 .  ? 10.135  -7.212  16.646  1.00 10.75 ? 273 HOH F O   1 
HETATM 1524 O O   . HOH L 2 .  ? 11.294  -4.793  17.592  1.00 24.18 ? 275 HOH F O   1 
HETATM 1525 O O   . HOH L 2 .  ? 8.765   -4.313  26.059  1.00 10.96 ? 279 HOH F O   1 
HETATM 1526 O O   . HOH L 2 .  ? 10.153  -2.874  19.540  1.00 13.08 ? 288 HOH F O   1 
HETATM 1527 O O   . HOH L 2 .  ? 10.653  4.857   -28.961 1.00 15.35 ? 290 HOH F O   1 
HETATM 1528 O O   . HOH L 2 .  ? -1.118  3.287   -16.071 1.00 12.58 ? 292 HOH F O   1 
HETATM 1529 O O   . HOH L 2 .  ? 7.271   -10.929 10.790  1.00 20.65 ? 316 HOH F O   1 
HETATM 1530 O O   . HOH L 2 .  ? 11.951  -7.534  14.582  1.00 15.05 ? 332 HOH F O   1 
HETATM 1531 O O   . HOH L 2 .  ? 10.326  1.774   -30.808 1.00 15.21 ? 333 HOH F O   1 
HETATM 1532 O O   . HOH L 2 .  ? 7.175   -1.944  26.209  1.00 25.56 ? 335 HOH F O   1 
HETATM 1533 O O   . HOH L 2 .  ? 7.516   -14.003 16.566  1.00 20.17 ? 353 HOH F O   1 
HETATM 1534 O O   . HOH L 2 .  ? 10.358  -11.166 14.649  1.00 14.78 ? 381 HOH F O   1 
HETATM 1535 O O   . HOH L 2 .  ? 3.394   -11.786 8.457   1.00 25.68 ? 383 HOH F O   1 
HETATM 1536 O O   . HOH L 2 .  ? 9.633   6.162   -32.358 1.00 32.32 ? 388 HOH F O   1 
HETATM 1537 O O   . HOH L 2 .  ? 12.675  -10.182 10.946  1.00 17.29 ? 390 HOH F O   1 
HETATM 1538 O O   . HOH L 2 .  ? 10.542  -4.913  28.107  1.00 35.80 ? 391 HOH F O   1 
HETATM 1539 O O   . HOH L 2 .  ? 8.465   6.784   -23.044 1.00 13.88 ? 406 HOH F O   1 
HETATM 1540 O O   . HOH L 2 .  ? 2.899   8.425   -21.612 1.00 22.66 ? 409 HOH F O   1 
HETATM 1541 O O   . HOH L 2 .  ? 9.842   8.263   -38.614 1.00 43.27 ? 411 HOH F O   1 
HETATM 1542 O O   . HOH L 2 .  ? -1.981  -2.459  -10.186 1.00 16.39 ? 415 HOH F O   1 
HETATM 1543 O O   . HOH L 2 .  ? 6.830   9.097   -31.687 1.00 33.67 ? 416 HOH F O   1 
HETATM 1544 O O   . HOH L 2 .  ? 4.760   -3.594  34.369  1.00 34.65 ? 420 HOH F O   1 
HETATM 1545 O O   . HOH L 2 .  ? 8.441   -0.162  -39.115 1.00 24.10 ? 427 HOH F O   1 
HETATM 1546 O O   . HOH L 2 .  ? 8.056   -4.344  35.622  1.00 10.01 ? 433 HOH F O   1 
HETATM 1547 O O   . HOH L 2 .  ? 4.976   -3.962  38.364  1.00 34.35 ? 434 HOH F O   1 
HETATM 1548 O O   . HOH L 2 .  ? 12.327  2.835   -31.990 1.00 78.94 ? 439 HOH F O   1 
HETATM 1549 O O   . HOH L 2 .  ? 11.522  -4.341  31.524  1.00 28.25 ? 442 HOH F O   1 
HETATM 1550 O O   . HOH L 2 .  ? 7.203   9.849   -29.538 1.00 49.71 ? 443 HOH F O   1 
HETATM 1551 O O   . HOH L 2 .  ? 13.266  1.668   -33.728 1.00 42.71 ? 445 HOH F O   1 
HETATM 1552 O O   . HOH L 2 .  ? 12.111  6.440   -27.211 1.00 27.97 ? 459 HOH F O   1 
# 
loop_
_pdbx_poly_seq_scheme.asym_id 
_pdbx_poly_seq_scheme.entity_id 
_pdbx_poly_seq_scheme.seq_id 
_pdbx_poly_seq_scheme.mon_id 
_pdbx_poly_seq_scheme.ndb_seq_num 
_pdbx_poly_seq_scheme.pdb_seq_num 
_pdbx_poly_seq_scheme.auth_seq_num 
_pdbx_poly_seq_scheme.pdb_mon_id 
_pdbx_poly_seq_scheme.auth_mon_id 
_pdbx_poly_seq_scheme.pdb_strand_id 
_pdbx_poly_seq_scheme.pdb_ins_code 
_pdbx_poly_seq_scheme.hetero 
A 1 1  GLY 1  1  1  GLY GLY A . n 
A 1 2  PRO 2  2  2  PRO PRO A . n 
A 1 3  HYP 3  3  3  HYP HYP A . n 
A 1 4  GLY 4  4  4  GLY GLY A . n 
A 1 5  PRO 5  5  5  PRO PRO A . n 
A 1 6  HYP 6  6  6  HYP HYP A . n 
A 1 7  GLY 7  7  7  GLY GLY A . n 
A 1 8  PRO 8  8  8  PRO PRO A . n 
A 1 9  HYP 9  9  9  HYP HYP A . n 
A 1 10 GLY 10 10 10 GLY GLY A . n 
A 1 11 PRO 11 11 11 PRO PRO A . n 
A 1 12 HYP 12 12 12 HYP HYP A . n 
A 1 13 GLY 13 13 13 GLY GLY A . n 
A 1 14 PRO 14 14 14 PRO PRO A . n 
A 1 15 HYP 15 15 15 HYP HYP A . n 
A 1 16 GLY 16 16 16 GLY GLY A . n 
A 1 17 PRO 17 17 17 PRO PRO A . n 
A 1 18 HYP 18 18 18 HYP HYP A . n 
A 1 19 GLY 19 19 19 GLY GLY A . n 
A 1 20 PRO 20 20 20 PRO PRO A . n 
A 1 21 HYP 21 21 21 HYP HYP A . n 
A 1 22 GLY 22 22 22 GLY GLY A . n 
A 1 23 PRO 23 23 23 PRO PRO A . n 
A 1 24 HYP 24 24 24 HYP HYP A . n 
A 1 25 GLY 25 25 25 GLY GLY A . n 
A 1 26 PRO 26 26 26 PRO PRO A . n 
A 1 27 HYP 27 27 27 HYP HYP A . n 
B 1 1  GLY 1  1  1  GLY GLY B . n 
B 1 2  PRO 2  2  2  PRO PRO B . n 
B 1 3  HYP 3  3  3  HYP HYP B . n 
B 1 4  GLY 4  4  4  GLY GLY B . n 
B 1 5  PRO 5  5  5  PRO PRO B . n 
B 1 6  HYP 6  6  6  HYP HYP B . n 
B 1 7  GLY 7  7  7  GLY GLY B . n 
B 1 8  PRO 8  8  8  PRO PRO B . n 
B 1 9  HYP 9  9  9  HYP HYP B . n 
B 1 10 GLY 10 10 10 GLY GLY B . n 
B 1 11 PRO 11 11 11 PRO PRO B . n 
B 1 12 HYP 12 12 12 HYP HYP B . n 
B 1 13 GLY 13 13 13 GLY GLY B . n 
B 1 14 PRO 14 14 14 PRO PRO B . n 
B 1 15 HYP 15 15 15 HYP HYP B . n 
B 1 16 GLY 16 16 16 GLY GLY B . n 
B 1 17 PRO 17 17 17 PRO PRO B . n 
B 1 18 HYP 18 18 18 HYP HYP B . n 
B 1 19 GLY 19 19 19 GLY GLY B . n 
B 1 20 PRO 20 20 20 PRO PRO B . n 
B 1 21 HYP 21 21 21 HYP HYP B . n 
B 1 22 GLY 22 22 22 GLY GLY B . n 
B 1 23 PRO 23 23 23 PRO PRO B . n 
B 1 24 HYP 24 24 24 HYP HYP B . n 
B 1 25 GLY 25 25 25 GLY GLY B . n 
B 1 26 PRO 26 26 26 PRO PRO B . n 
B 1 27 HYP 27 27 27 HYP HYP B . n 
C 1 1  GLY 1  1  1  GLY GLY C . n 
C 1 2  PRO 2  2  2  PRO PRO C . n 
C 1 3  HYP 3  3  3  HYP HYP C . n 
C 1 4  GLY 4  4  4  GLY GLY C . n 
C 1 5  PRO 5  5  5  PRO PRO C . n 
C 1 6  HYP 6  6  6  HYP HYP C . n 
C 1 7  GLY 7  7  7  GLY GLY C . n 
C 1 8  PRO 8  8  8  PRO PRO C . n 
C 1 9  HYP 9  9  9  HYP HYP C . n 
C 1 10 GLY 10 10 10 GLY GLY C . n 
C 1 11 PRO 11 11 11 PRO PRO C . n 
C 1 12 HYP 12 12 12 HYP HYP C . n 
C 1 13 GLY 13 13 13 GLY GLY C . n 
C 1 14 PRO 14 14 14 PRO PRO C . n 
C 1 15 HYP 15 15 15 HYP HYP C . n 
C 1 16 GLY 16 16 16 GLY GLY C . n 
C 1 17 PRO 17 17 17 PRO PRO C . n 
C 1 18 HYP 18 18 18 HYP HYP C . n 
C 1 19 GLY 19 19 19 GLY GLY C . n 
C 1 20 PRO 20 20 20 PRO PRO C . n 
C 1 21 HYP 21 21 21 HYP HYP C . n 
C 1 22 GLY 22 22 22 GLY GLY C . n 
C 1 23 PRO 23 23 23 PRO PRO C . n 
C 1 24 HYP 24 24 24 HYP HYP C . n 
C 1 25 GLY 25 25 25 GLY GLY C . n 
C 1 26 PRO 26 26 26 PRO PRO C . n 
C 1 27 HYP 27 27 27 HYP HYP C . n 
D 1 1  GLY 1  1  1  GLY GLY D . n 
D 1 2  PRO 2  2  2  PRO PRO D . n 
D 1 3  HYP 3  3  3  HYP HYP D . n 
D 1 4  GLY 4  4  4  GLY GLY D . n 
D 1 5  PRO 5  5  5  PRO PRO D . n 
D 1 6  HYP 6  6  6  HYP HYP D . n 
D 1 7  GLY 7  7  7  GLY GLY D . n 
D 1 8  PRO 8  8  8  PRO PRO D . n 
D 1 9  HYP 9  9  9  HYP HYP D . n 
D 1 10 GLY 10 10 10 GLY GLY D . n 
D 1 11 PRO 11 11 11 PRO PRO D . n 
D 1 12 HYP 12 12 12 HYP HYP D . n 
D 1 13 GLY 13 13 13 GLY GLY D . n 
D 1 14 PRO 14 14 14 PRO PRO D . n 
D 1 15 HYP 15 15 15 HYP HYP D . n 
D 1 16 GLY 16 16 16 GLY GLY D . n 
D 1 17 PRO 17 17 17 PRO PRO D . n 
D 1 18 HYP 18 18 18 HYP HYP D . n 
D 1 19 GLY 19 19 19 GLY GLY D . n 
D 1 20 PRO 20 20 20 PRO PRO D . n 
D 1 21 HYP 21 21 21 HYP HYP D . n 
D 1 22 GLY 22 22 22 GLY GLY D . n 
D 1 23 PRO 23 23 23 PRO PRO D . n 
D 1 24 HYP 24 24 24 HYP HYP D . n 
D 1 25 GLY 25 25 25 GLY GLY D . n 
D 1 26 PRO 26 26 26 PRO PRO D . n 
D 1 27 HYP 27 27 27 HYP HYP D . n 
E 1 1  GLY 1  1  1  GLY GLY E . n 
E 1 2  PRO 2  2  2  PRO PRO E . n 
E 1 3  HYP 3  3  3  HYP HYP E . n 
E 1 4  GLY 4  4  4  GLY GLY E . n 
E 1 5  PRO 5  5  5  PRO PRO E . n 
E 1 6  HYP 6  6  6  HYP HYP E . n 
E 1 7  GLY 7  7  7  GLY GLY E . n 
E 1 8  PRO 8  8  8  PRO PRO E . n 
E 1 9  HYP 9  9  9  HYP HYP E . n 
E 1 10 GLY 10 10 10 GLY GLY E . n 
E 1 11 PRO 11 11 11 PRO PRO E . n 
E 1 12 HYP 12 12 12 HYP HYP E . n 
E 1 13 GLY 13 13 13 GLY GLY E . n 
E 1 14 PRO 14 14 14 PRO PRO E . n 
E 1 15 HYP 15 15 15 HYP HYP E . n 
E 1 16 GLY 16 16 16 GLY GLY E . n 
E 1 17 PRO 17 17 17 PRO PRO E . n 
E 1 18 HYP 18 18 18 HYP HYP E . n 
E 1 19 GLY 19 19 19 GLY GLY E . n 
E 1 20 PRO 20 20 20 PRO PRO E . n 
E 1 21 HYP 21 21 21 HYP HYP E . n 
E 1 22 GLY 22 22 22 GLY GLY E . n 
E 1 23 PRO 23 23 23 PRO PRO E . n 
E 1 24 HYP 24 24 24 HYP HYP E . n 
E 1 25 GLY 25 25 25 GLY GLY E . n 
E 1 26 PRO 26 26 26 PRO PRO E . n 
E 1 27 HYP 27 27 27 HYP HYP E . n 
F 1 1  GLY 1  1  1  GLY GLY F . n 
F 1 2  PRO 2  2  2  PRO PRO F . n 
F 1 3  HYP 3  3  3  HYP HYP F . n 
F 1 4  GLY 4  4  4  GLY GLY F . n 
F 1 5  PRO 5  5  5  PRO PRO F . n 
F 1 6  HYP 6  6  6  HYP HYP F . n 
F 1 7  GLY 7  7  7  GLY GLY F . n 
F 1 8  PRO 8  8  8  PRO PRO F . n 
F 1 9  HYP 9  9  9  HYP HYP F . n 
F 1 10 GLY 10 10 10 GLY GLY F . n 
F 1 11 PRO 11 11 11 PRO PRO F . n 
F 1 12 HYP 12 12 12 HYP HYP F . n 
F 1 13 GLY 13 13 13 GLY GLY F . n 
F 1 14 PRO 14 14 14 PRO PRO F . n 
F 1 15 HYP 15 15 15 HYP HYP F . n 
F 1 16 GLY 16 16 16 GLY GLY F . n 
F 1 17 PRO 17 17 17 PRO PRO F . n 
F 1 18 HYP 18 18 18 HYP HYP F . n 
F 1 19 GLY 19 19 19 GLY GLY F . n 
F 1 20 PRO 20 20 20 PRO PRO F . n 
F 1 21 HYP 21 21 21 HYP HYP F . n 
F 1 22 GLY 22 22 22 GLY GLY F . n 
F 1 23 PRO 23 23 23 PRO PRO F . n 
F 1 24 HYP 24 24 24 HYP HYP F . n 
F 1 25 GLY 25 25 25 GLY GLY F . n 
F 1 26 PRO 26 26 26 PRO PRO F . n 
F 1 27 HYP 27 27 27 HYP HYP F . n 
# 
loop_
_pdbx_nonpoly_scheme.asym_id 
_pdbx_nonpoly_scheme.entity_id 
_pdbx_nonpoly_scheme.mon_id 
_pdbx_nonpoly_scheme.ndb_seq_num 
_pdbx_nonpoly_scheme.pdb_seq_num 
_pdbx_nonpoly_scheme.auth_seq_num 
_pdbx_nonpoly_scheme.pdb_mon_id 
_pdbx_nonpoly_scheme.auth_mon_id 
_pdbx_nonpoly_scheme.pdb_strand_id 
_pdbx_nonpoly_scheme.pdb_ins_code 
G 2 HOH 1  101 101 HOH HOH A . 
G 2 HOH 2  107 107 HOH HOH A . 
G 2 HOH 3  112 112 HOH HOH A . 
G 2 HOH 4  114 114 HOH HOH A . 
G 2 HOH 5  131 131 HOH HOH A . 
G 2 HOH 6  135 135 HOH HOH A . 
G 2 HOH 7  136 136 HOH HOH A . 
G 2 HOH 8  138 138 HOH HOH A . 
G 2 HOH 9  156 156 HOH HOH A . 
G 2 HOH 10 159 159 HOH HOH A . 
G 2 HOH 11 166 166 HOH HOH A . 
G 2 HOH 12 173 173 HOH HOH A . 
G 2 HOH 13 179 179 HOH HOH A . 
G 2 HOH 14 185 185 HOH HOH A . 
G 2 HOH 15 192 192 HOH HOH A . 
G 2 HOH 16 194 194 HOH HOH A . 
G 2 HOH 17 206 206 HOH HOH A . 
G 2 HOH 18 207 207 HOH HOH A . 
G 2 HOH 19 212 212 HOH HOH A . 
G 2 HOH 20 221 221 HOH HOH A . 
G 2 HOH 21 224 224 HOH HOH A . 
G 2 HOH 22 231 231 HOH HOH A . 
G 2 HOH 23 234 234 HOH HOH A . 
G 2 HOH 24 235 235 HOH HOH A . 
G 2 HOH 25 239 239 HOH HOH A . 
G 2 HOH 26 240 240 HOH HOH A . 
G 2 HOH 27 244 244 HOH HOH A . 
G 2 HOH 28 245 245 HOH HOH A . 
G 2 HOH 29 249 249 HOH HOH A . 
G 2 HOH 30 250 250 HOH HOH A . 
G 2 HOH 31 251 251 HOH HOH A . 
G 2 HOH 32 252 252 HOH HOH A . 
G 2 HOH 33 254 254 HOH HOH A . 
G 2 HOH 34 258 258 HOH HOH A . 
G 2 HOH 35 260 260 HOH HOH A . 
G 2 HOH 36 264 264 HOH HOH A . 
G 2 HOH 37 266 266 HOH HOH A . 
G 2 HOH 38 267 267 HOH HOH A . 
G 2 HOH 39 268 268 HOH HOH A . 
G 2 HOH 40 272 272 HOH HOH A . 
G 2 HOH 41 280 280 HOH HOH A . 
G 2 HOH 42 287 287 HOH HOH A . 
G 2 HOH 43 291 291 HOH HOH A . 
G 2 HOH 44 301 301 HOH HOH A . 
G 2 HOH 45 307 307 HOH HOH A . 
G 2 HOH 46 312 312 HOH HOH A . 
G 2 HOH 47 313 313 HOH HOH A . 
G 2 HOH 48 321 321 HOH HOH A . 
G 2 HOH 49 324 324 HOH HOH A . 
G 2 HOH 50 325 325 HOH HOH A . 
G 2 HOH 51 328 328 HOH HOH A . 
G 2 HOH 52 331 331 HOH HOH A . 
G 2 HOH 53 340 340 HOH HOH A . 
G 2 HOH 54 345 345 HOH HOH A . 
G 2 HOH 55 347 347 HOH HOH A . 
G 2 HOH 56 349 349 HOH HOH A . 
G 2 HOH 57 364 364 HOH HOH A . 
G 2 HOH 58 374 374 HOH HOH A . 
G 2 HOH 59 387 387 HOH HOH A . 
G 2 HOH 60 400 400 HOH HOH A . 
G 2 HOH 61 402 402 HOH HOH A . 
G 2 HOH 62 408 408 HOH HOH A . 
G 2 HOH 63 413 413 HOH HOH A . 
G 2 HOH 64 437 437 HOH HOH A . 
G 2 HOH 65 438 438 HOH HOH A . 
G 2 HOH 66 451 451 HOH HOH A . 
G 2 HOH 67 457 457 HOH HOH A . 
G 2 HOH 68 458 458 HOH HOH A . 
H 2 HOH 1  108 108 HOH HOH B . 
H 2 HOH 2  109 109 HOH HOH B . 
H 2 HOH 3  116 116 HOH HOH B . 
H 2 HOH 4  117 117 HOH HOH B . 
H 2 HOH 5  119 119 HOH HOH B . 
H 2 HOH 6  120 120 HOH HOH B . 
H 2 HOH 7  124 124 HOH HOH B . 
H 2 HOH 8  126 126 HOH HOH B . 
H 2 HOH 9  127 127 HOH HOH B . 
H 2 HOH 10 128 128 HOH HOH B . 
H 2 HOH 11 132 132 HOH HOH B . 
H 2 HOH 12 152 152 HOH HOH B . 
H 2 HOH 13 158 158 HOH HOH B . 
H 2 HOH 14 162 162 HOH HOH B . 
H 2 HOH 15 170 170 HOH HOH B . 
H 2 HOH 16 175 175 HOH HOH B . 
H 2 HOH 17 186 186 HOH HOH B . 
H 2 HOH 18 189 189 HOH HOH B . 
H 2 HOH 19 205 205 HOH HOH B . 
H 2 HOH 20 208 208 HOH HOH B . 
H 2 HOH 21 214 214 HOH HOH B . 
H 2 HOH 22 217 217 HOH HOH B . 
H 2 HOH 23 229 229 HOH HOH B . 
H 2 HOH 24 232 232 HOH HOH B . 
H 2 HOH 25 236 236 HOH HOH B . 
H 2 HOH 26 246 246 HOH HOH B . 
H 2 HOH 27 261 261 HOH HOH B . 
H 2 HOH 28 274 274 HOH HOH B . 
H 2 HOH 29 285 285 HOH HOH B . 
H 2 HOH 30 295 295 HOH HOH B . 
H 2 HOH 31 308 308 HOH HOH B . 
H 2 HOH 32 315 315 HOH HOH B . 
H 2 HOH 33 327 327 HOH HOH B . 
H 2 HOH 34 341 341 HOH HOH B . 
H 2 HOH 35 342 342 HOH HOH B . 
H 2 HOH 36 348 348 HOH HOH B . 
H 2 HOH 37 350 350 HOH HOH B . 
H 2 HOH 38 363 363 HOH HOH B . 
H 2 HOH 39 370 370 HOH HOH B . 
H 2 HOH 40 376 376 HOH HOH B . 
H 2 HOH 41 382 382 HOH HOH B . 
H 2 HOH 42 386 386 HOH HOH B . 
H 2 HOH 43 394 394 HOH HOH B . 
H 2 HOH 44 396 396 HOH HOH B . 
H 2 HOH 45 403 403 HOH HOH B . 
H 2 HOH 46 407 407 HOH HOH B . 
H 2 HOH 47 412 412 HOH HOH B . 
H 2 HOH 48 421 421 HOH HOH B . 
H 2 HOH 49 428 428 HOH HOH B . 
H 2 HOH 50 429 429 HOH HOH B . 
H 2 HOH 51 452 452 HOH HOH B . 
H 2 HOH 52 453 453 HOH HOH B . 
H 2 HOH 53 456 456 HOH HOH B . 
I 2 HOH 1  105 105 HOH HOH C . 
I 2 HOH 2  111 111 HOH HOH C . 
I 2 HOH 3  123 123 HOH HOH C . 
I 2 HOH 4  130 130 HOH HOH C . 
I 2 HOH 5  139 139 HOH HOH C . 
I 2 HOH 6  147 147 HOH HOH C . 
I 2 HOH 7  163 163 HOH HOH C . 
I 2 HOH 8  167 167 HOH HOH C . 
I 2 HOH 9  169 169 HOH HOH C . 
I 2 HOH 10 177 177 HOH HOH C . 
I 2 HOH 11 184 184 HOH HOH C . 
I 2 HOH 12 203 203 HOH HOH C . 
I 2 HOH 13 210 210 HOH HOH C . 
I 2 HOH 14 230 230 HOH HOH C . 
I 2 HOH 15 270 270 HOH HOH C . 
I 2 HOH 16 271 271 HOH HOH C . 
I 2 HOH 17 277 277 HOH HOH C . 
I 2 HOH 18 281 281 HOH HOH C . 
I 2 HOH 19 283 283 HOH HOH C . 
I 2 HOH 20 284 284 HOH HOH C . 
I 2 HOH 21 289 289 HOH HOH C . 
I 2 HOH 22 294 294 HOH HOH C . 
I 2 HOH 23 296 296 HOH HOH C . 
I 2 HOH 24 300 300 HOH HOH C . 
I 2 HOH 25 309 309 HOH HOH C . 
I 2 HOH 26 310 310 HOH HOH C . 
I 2 HOH 27 317 317 HOH HOH C . 
I 2 HOH 28 322 322 HOH HOH C . 
I 2 HOH 29 334 334 HOH HOH C . 
I 2 HOH 30 339 339 HOH HOH C . 
I 2 HOH 31 354 354 HOH HOH C . 
I 2 HOH 32 359 359 HOH HOH C . 
I 2 HOH 33 360 360 HOH HOH C . 
I 2 HOH 34 361 361 HOH HOH C . 
I 2 HOH 35 365 365 HOH HOH C . 
I 2 HOH 36 369 369 HOH HOH C . 
I 2 HOH 37 372 372 HOH HOH C . 
I 2 HOH 38 375 375 HOH HOH C . 
I 2 HOH 39 379 379 HOH HOH C . 
I 2 HOH 40 380 380 HOH HOH C . 
I 2 HOH 41 405 405 HOH HOH C . 
I 2 HOH 42 417 417 HOH HOH C . 
I 2 HOH 43 425 425 HOH HOH C . 
I 2 HOH 44 436 436 HOH HOH C . 
I 2 HOH 45 447 447 HOH HOH C . 
I 2 HOH 46 449 449 HOH HOH C . 
I 2 HOH 47 454 454 HOH HOH C . 
J 2 HOH 1  103 103 HOH HOH D . 
J 2 HOH 2  106 106 HOH HOH D . 
J 2 HOH 3  113 113 HOH HOH D . 
J 2 HOH 4  118 118 HOH HOH D . 
J 2 HOH 5  122 122 HOH HOH D . 
J 2 HOH 6  125 125 HOH HOH D . 
J 2 HOH 7  133 133 HOH HOH D . 
J 2 HOH 8  137 137 HOH HOH D . 
J 2 HOH 9  143 143 HOH HOH D . 
J 2 HOH 10 146 146 HOH HOH D . 
J 2 HOH 11 149 149 HOH HOH D . 
J 2 HOH 12 151 151 HOH HOH D . 
J 2 HOH 13 154 154 HOH HOH D . 
J 2 HOH 14 161 161 HOH HOH D . 
J 2 HOH 15 165 165 HOH HOH D . 
J 2 HOH 16 174 174 HOH HOH D . 
J 2 HOH 17 180 180 HOH HOH D . 
J 2 HOH 18 181 181 HOH HOH D . 
J 2 HOH 19 187 187 HOH HOH D . 
J 2 HOH 20 188 188 HOH HOH D . 
J 2 HOH 21 191 191 HOH HOH D . 
J 2 HOH 22 193 193 HOH HOH D . 
J 2 HOH 23 197 197 HOH HOH D . 
J 2 HOH 24 204 204 HOH HOH D . 
J 2 HOH 25 209 209 HOH HOH D . 
J 2 HOH 26 218 218 HOH HOH D . 
J 2 HOH 27 219 219 HOH HOH D . 
J 2 HOH 28 242 242 HOH HOH D . 
J 2 HOH 29 248 248 HOH HOH D . 
J 2 HOH 30 253 253 HOH HOH D . 
J 2 HOH 31 257 257 HOH HOH D . 
J 2 HOH 32 276 276 HOH HOH D . 
J 2 HOH 33 278 278 HOH HOH D . 
J 2 HOH 34 282 282 HOH HOH D . 
J 2 HOH 35 286 286 HOH HOH D . 
J 2 HOH 36 293 293 HOH HOH D . 
J 2 HOH 37 297 297 HOH HOH D . 
J 2 HOH 38 298 298 HOH HOH D . 
J 2 HOH 39 302 302 HOH HOH D . 
J 2 HOH 40 303 303 HOH HOH D . 
J 2 HOH 41 305 305 HOH HOH D . 
J 2 HOH 42 311 311 HOH HOH D . 
J 2 HOH 43 318 318 HOH HOH D . 
J 2 HOH 44 326 326 HOH HOH D . 
J 2 HOH 45 330 330 HOH HOH D . 
J 2 HOH 46 336 336 HOH HOH D . 
J 2 HOH 47 337 337 HOH HOH D . 
J 2 HOH 48 338 338 HOH HOH D . 
J 2 HOH 49 352 352 HOH HOH D . 
J 2 HOH 50 358 358 HOH HOH D . 
J 2 HOH 51 368 368 HOH HOH D . 
J 2 HOH 52 373 373 HOH HOH D . 
J 2 HOH 53 378 378 HOH HOH D . 
J 2 HOH 54 384 384 HOH HOH D . 
J 2 HOH 55 385 385 HOH HOH D . 
J 2 HOH 56 395 395 HOH HOH D . 
J 2 HOH 57 397 397 HOH HOH D . 
J 2 HOH 58 398 398 HOH HOH D . 
J 2 HOH 59 404 404 HOH HOH D . 
J 2 HOH 60 414 414 HOH HOH D . 
J 2 HOH 61 419 419 HOH HOH D . 
J 2 HOH 62 423 423 HOH HOH D . 
J 2 HOH 63 424 424 HOH HOH D . 
J 2 HOH 64 430 430 HOH HOH D . 
J 2 HOH 65 431 431 HOH HOH D . 
J 2 HOH 66 440 440 HOH HOH D . 
J 2 HOH 67 444 444 HOH HOH D . 
K 2 HOH 1  104 104 HOH HOH E . 
K 2 HOH 2  115 115 HOH HOH E . 
K 2 HOH 3  121 121 HOH HOH E . 
K 2 HOH 4  134 134 HOH HOH E . 
K 2 HOH 5  140 140 HOH HOH E . 
K 2 HOH 6  144 144 HOH HOH E . 
K 2 HOH 7  145 145 HOH HOH E . 
K 2 HOH 8  150 150 HOH HOH E . 
K 2 HOH 9  153 153 HOH HOH E . 
K 2 HOH 10 160 160 HOH HOH E . 
K 2 HOH 11 178 178 HOH HOH E . 
K 2 HOH 12 183 183 HOH HOH E . 
K 2 HOH 13 196 196 HOH HOH E . 
K 2 HOH 14 198 198 HOH HOH E . 
K 2 HOH 15 199 199 HOH HOH E . 
K 2 HOH 16 211 211 HOH HOH E . 
K 2 HOH 17 213 213 HOH HOH E . 
K 2 HOH 18 215 215 HOH HOH E . 
K 2 HOH 19 225 225 HOH HOH E . 
K 2 HOH 20 226 226 HOH HOH E . 
K 2 HOH 21 227 227 HOH HOH E . 
K 2 HOH 22 241 241 HOH HOH E . 
K 2 HOH 23 243 243 HOH HOH E . 
K 2 HOH 24 255 255 HOH HOH E . 
K 2 HOH 25 256 256 HOH HOH E . 
K 2 HOH 26 259 259 HOH HOH E . 
K 2 HOH 27 265 265 HOH HOH E . 
K 2 HOH 28 299 299 HOH HOH E . 
K 2 HOH 29 304 304 HOH HOH E . 
K 2 HOH 30 306 306 HOH HOH E . 
K 2 HOH 31 314 314 HOH HOH E . 
K 2 HOH 32 319 319 HOH HOH E . 
K 2 HOH 33 320 320 HOH HOH E . 
K 2 HOH 34 323 323 HOH HOH E . 
K 2 HOH 35 329 329 HOH HOH E . 
K 2 HOH 36 343 343 HOH HOH E . 
K 2 HOH 37 344 344 HOH HOH E . 
K 2 HOH 38 346 346 HOH HOH E . 
K 2 HOH 39 351 351 HOH HOH E . 
K 2 HOH 40 355 355 HOH HOH E . 
K 2 HOH 41 356 356 HOH HOH E . 
K 2 HOH 42 357 357 HOH HOH E . 
K 2 HOH 43 362 362 HOH HOH E . 
K 2 HOH 44 366 366 HOH HOH E . 
K 2 HOH 45 367 367 HOH HOH E . 
K 2 HOH 46 371 371 HOH HOH E . 
K 2 HOH 47 377 377 HOH HOH E . 
K 2 HOH 48 389 389 HOH HOH E . 
K 2 HOH 49 392 392 HOH HOH E . 
K 2 HOH 50 393 393 HOH HOH E . 
K 2 HOH 51 399 399 HOH HOH E . 
K 2 HOH 52 401 401 HOH HOH E . 
K 2 HOH 53 410 410 HOH HOH E . 
K 2 HOH 54 418 418 HOH HOH E . 
K 2 HOH 55 422 422 HOH HOH E . 
K 2 HOH 56 426 426 HOH HOH E . 
K 2 HOH 57 432 432 HOH HOH E . 
K 2 HOH 58 435 435 HOH HOH E . 
K 2 HOH 59 441 441 HOH HOH E . 
K 2 HOH 60 446 446 HOH HOH E . 
K 2 HOH 61 448 448 HOH HOH E . 
K 2 HOH 62 450 450 HOH HOH E . 
K 2 HOH 63 455 455 HOH HOH E . 
L 2 HOH 1  102 102 HOH HOH F . 
L 2 HOH 2  110 110 HOH HOH F . 
L 2 HOH 3  129 129 HOH HOH F . 
L 2 HOH 4  141 141 HOH HOH F . 
L 2 HOH 5  142 142 HOH HOH F . 
L 2 HOH 6  148 148 HOH HOH F . 
L 2 HOH 7  155 155 HOH HOH F . 
L 2 HOH 8  157 157 HOH HOH F . 
L 2 HOH 9  164 164 HOH HOH F . 
L 2 HOH 10 168 168 HOH HOH F . 
L 2 HOH 11 171 171 HOH HOH F . 
L 2 HOH 12 172 172 HOH HOH F . 
L 2 HOH 13 176 176 HOH HOH F . 
L 2 HOH 14 182 182 HOH HOH F . 
L 2 HOH 15 190 190 HOH HOH F . 
L 2 HOH 16 195 195 HOH HOH F . 
L 2 HOH 17 200 200 HOH HOH F . 
L 2 HOH 18 201 201 HOH HOH F . 
L 2 HOH 19 202 202 HOH HOH F . 
L 2 HOH 20 216 216 HOH HOH F . 
L 2 HOH 21 220 220 HOH HOH F . 
L 2 HOH 22 222 222 HOH HOH F . 
L 2 HOH 23 223 223 HOH HOH F . 
L 2 HOH 24 228 228 HOH HOH F . 
L 2 HOH 25 233 233 HOH HOH F . 
L 2 HOH 26 237 237 HOH HOH F . 
L 2 HOH 27 238 238 HOH HOH F . 
L 2 HOH 28 247 247 HOH HOH F . 
L 2 HOH 29 262 262 HOH HOH F . 
L 2 HOH 30 263 263 HOH HOH F . 
L 2 HOH 31 269 269 HOH HOH F . 
L 2 HOH 32 273 273 HOH HOH F . 
L 2 HOH 33 275 275 HOH HOH F . 
L 2 HOH 34 279 279 HOH HOH F . 
L 2 HOH 35 288 288 HOH HOH F . 
L 2 HOH 36 290 290 HOH HOH F . 
L 2 HOH 37 292 292 HOH HOH F . 
L 2 HOH 38 316 316 HOH HOH F . 
L 2 HOH 39 332 332 HOH HOH F . 
L 2 HOH 40 333 333 HOH HOH F . 
L 2 HOH 41 335 335 HOH HOH F . 
L 2 HOH 42 353 353 HOH HOH F . 
L 2 HOH 43 381 381 HOH HOH F . 
L 2 HOH 44 383 383 HOH HOH F . 
L 2 HOH 45 388 388 HOH HOH F . 
L 2 HOH 46 390 390 HOH HOH F . 
L 2 HOH 47 391 391 HOH HOH F . 
L 2 HOH 48 406 406 HOH HOH F . 
L 2 HOH 49 409 409 HOH HOH F . 
L 2 HOH 50 411 411 HOH HOH F . 
L 2 HOH 51 415 415 HOH HOH F . 
L 2 HOH 52 416 416 HOH HOH F . 
L 2 HOH 53 420 420 HOH HOH F . 
L 2 HOH 54 427 427 HOH HOH F . 
L 2 HOH 55 433 433 HOH HOH F . 
L 2 HOH 56 434 434 HOH HOH F . 
L 2 HOH 57 439 439 HOH HOH F . 
L 2 HOH 58 442 442 HOH HOH F . 
L 2 HOH 59 443 443 HOH HOH F . 
L 2 HOH 60 445 445 HOH HOH F . 
L 2 HOH 61 459 459 HOH HOH F . 
# 
loop_
_pdbx_struct_mod_residue.id 
_pdbx_struct_mod_residue.label_asym_id 
_pdbx_struct_mod_residue.label_comp_id 
_pdbx_struct_mod_residue.label_seq_id 
_pdbx_struct_mod_residue.auth_asym_id 
_pdbx_struct_mod_residue.auth_comp_id 
_pdbx_struct_mod_residue.auth_seq_id 
_pdbx_struct_mod_residue.PDB_ins_code 
_pdbx_struct_mod_residue.parent_comp_id 
_pdbx_struct_mod_residue.details 
1  A HYP 3  A HYP 3  ? PRO 4-HYDROXYPROLINE 
2  A HYP 6  A HYP 6  ? PRO 4-HYDROXYPROLINE 
3  A HYP 9  A HYP 9  ? PRO 4-HYDROXYPROLINE 
4  A HYP 12 A HYP 12 ? PRO 4-HYDROXYPROLINE 
5  A HYP 15 A HYP 15 ? PRO 4-HYDROXYPROLINE 
6  A HYP 18 A HYP 18 ? PRO 4-HYDROXYPROLINE 
7  A HYP 21 A HYP 21 ? PRO 4-HYDROXYPROLINE 
8  A HYP 24 A HYP 24 ? PRO 4-HYDROXYPROLINE 
9  A HYP 27 A HYP 27 ? PRO 4-HYDROXYPROLINE 
10 B HYP 3  B HYP 3  ? PRO 4-HYDROXYPROLINE 
11 B HYP 6  B HYP 6  ? PRO 4-HYDROXYPROLINE 
12 B HYP 9  B HYP 9  ? PRO 4-HYDROXYPROLINE 
13 B HYP 12 B HYP 12 ? PRO 4-HYDROXYPROLINE 
14 B HYP 15 B HYP 15 ? PRO 4-HYDROXYPROLINE 
15 B HYP 18 B HYP 18 ? PRO 4-HYDROXYPROLINE 
16 B HYP 21 B HYP 21 ? PRO 4-HYDROXYPROLINE 
17 B HYP 24 B HYP 24 ? PRO 4-HYDROXYPROLINE 
18 B HYP 27 B HYP 27 ? PRO 4-HYDROXYPROLINE 
19 C HYP 3  C HYP 3  ? PRO 4-HYDROXYPROLINE 
20 C HYP 6  C HYP 6  ? PRO 4-HYDROXYPROLINE 
21 C HYP 9  C HYP 9  ? PRO 4-HYDROXYPROLINE 
22 C HYP 12 C HYP 12 ? PRO 4-HYDROXYPROLINE 
23 C HYP 15 C HYP 15 ? PRO 4-HYDROXYPROLINE 
24 C HYP 18 C HYP 18 ? PRO 4-HYDROXYPROLINE 
25 C HYP 21 C HYP 21 ? PRO 4-HYDROXYPROLINE 
26 C HYP 24 C HYP 24 ? PRO 4-HYDROXYPROLINE 
27 C HYP 27 C HYP 27 ? PRO 4-HYDROXYPROLINE 
28 D HYP 3  D HYP 3  ? PRO 4-HYDROXYPROLINE 
29 D HYP 6  D HYP 6  ? PRO 4-HYDROXYPROLINE 
30 D HYP 9  D HYP 9  ? PRO 4-HYDROXYPROLINE 
31 D HYP 12 D HYP 12 ? PRO 4-HYDROXYPROLINE 
32 D HYP 15 D HYP 15 ? PRO 4-HYDROXYPROLINE 
33 D HYP 18 D HYP 18 ? PRO 4-HYDROXYPROLINE 
34 D HYP 21 D HYP 21 ? PRO 4-HYDROXYPROLINE 
35 D HYP 24 D HYP 24 ? PRO 4-HYDROXYPROLINE 
36 D HYP 27 D HYP 27 ? PRO 4-HYDROXYPROLINE 
37 E HYP 3  E HYP 3  ? PRO 4-HYDROXYPROLINE 
38 E HYP 6  E HYP 6  ? PRO 4-HYDROXYPROLINE 
39 E HYP 9  E HYP 9  ? PRO 4-HYDROXYPROLINE 
40 E HYP 12 E HYP 12 ? PRO 4-HYDROXYPROLINE 
41 E HYP 15 E HYP 15 ? PRO 4-HYDROXYPROLINE 
42 E HYP 18 E HYP 18 ? PRO 4-HYDROXYPROLINE 
43 E HYP 21 E HYP 21 ? PRO 4-HYDROXYPROLINE 
44 E HYP 24 E HYP 24 ? PRO 4-HYDROXYPROLINE 
45 E HYP 27 E HYP 27 ? PRO 4-HYDROXYPROLINE 
46 F HYP 3  F HYP 3  ? PRO 4-HYDROXYPROLINE 
47 F HYP 6  F HYP 6  ? PRO 4-HYDROXYPROLINE 
48 F HYP 9  F HYP 9  ? PRO 4-HYDROXYPROLINE 
49 F HYP 12 F HYP 12 ? PRO 4-HYDROXYPROLINE 
50 F HYP 15 F HYP 15 ? PRO 4-HYDROXYPROLINE 
51 F HYP 18 F HYP 18 ? PRO 4-HYDROXYPROLINE 
52 F HYP 21 F HYP 21 ? PRO 4-HYDROXYPROLINE 
53 F HYP 24 F HYP 24 ? PRO 4-HYDROXYPROLINE 
54 F HYP 27 F HYP 27 ? PRO 4-HYDROXYPROLINE 
# 
loop_
_pdbx_struct_assembly.id 
_pdbx_struct_assembly.details 
_pdbx_struct_assembly.method_details 
_pdbx_struct_assembly.oligomeric_details 
_pdbx_struct_assembly.oligomeric_count 
1 author_and_software_defined_assembly PISA trimeric 3 
2 author_and_software_defined_assembly PISA trimeric 3 
# 
loop_
_pdbx_struct_assembly_gen.assembly_id 
_pdbx_struct_assembly_gen.oper_expression 
_pdbx_struct_assembly_gen.asym_id_list 
1 1 A,B,C,G,H,I 
2 1 D,E,F,J,K,L 
# 
loop_
_pdbx_struct_assembly_prop.biol_id 
_pdbx_struct_assembly_prop.type 
_pdbx_struct_assembly_prop.value 
_pdbx_struct_assembly_prop.details 
1 'ABSA (A^2)' 4710 ? 
1 MORE         -22  ? 
1 'SSA (A^2)'  4410 ? 
2 'ABSA (A^2)' 4290 ? 
2 MORE         -22  ? 
2 'SSA (A^2)'  4110 ? 
# 
_pdbx_struct_oper_list.id                   1 
_pdbx_struct_oper_list.type                 'identity operation' 
_pdbx_struct_oper_list.name                 1_555 
_pdbx_struct_oper_list.symmetry_operation   x,y,z 
_pdbx_struct_oper_list.matrix[1][1]         1.0000000000 
_pdbx_struct_oper_list.matrix[1][2]         0.0000000000 
_pdbx_struct_oper_list.matrix[1][3]         0.0000000000 
_pdbx_struct_oper_list.vector[1]            0.0000000000 
_pdbx_struct_oper_list.matrix[2][1]         0.0000000000 
_pdbx_struct_oper_list.matrix[2][2]         1.0000000000 
_pdbx_struct_oper_list.matrix[2][3]         0.0000000000 
_pdbx_struct_oper_list.vector[2]            0.0000000000 
_pdbx_struct_oper_list.matrix[3][1]         0.0000000000 
_pdbx_struct_oper_list.matrix[3][2]         0.0000000000 
_pdbx_struct_oper_list.matrix[3][3]         1.0000000000 
_pdbx_struct_oper_list.vector[3]            0.0000000000 
# 
loop_
_pdbx_audit_revision_history.ordinal 
_pdbx_audit_revision_history.data_content_type 
_pdbx_audit_revision_history.major_revision 
_pdbx_audit_revision_history.minor_revision 
_pdbx_audit_revision_history.revision_date 
1 'Structure model' 1 0 2012-05-30 
2 'Structure model' 1 1 2023-11-01 
# 
_pdbx_audit_revision_details.ordinal             1 
_pdbx_audit_revision_details.revision_ordinal    1 
_pdbx_audit_revision_details.data_content_type   'Structure model' 
_pdbx_audit_revision_details.provider            repository 
_pdbx_audit_revision_details.type                'Initial release' 
_pdbx_audit_revision_details.description         ? 
_pdbx_audit_revision_details.details             ? 
# 
loop_
_pdbx_audit_revision_group.ordinal 
_pdbx_audit_revision_group.revision_ordinal 
_pdbx_audit_revision_group.data_content_type 
_pdbx_audit_revision_group.group 
1 2 'Structure model' 'Data collection'        
2 2 'Structure model' 'Database references'    
3 2 'Structure model' 'Derived calculations'   
4 2 'Structure model' 'Refinement description' 
# 
loop_
_pdbx_audit_revision_category.ordinal 
_pdbx_audit_revision_category.revision_ordinal 
_pdbx_audit_revision_category.data_content_type 
_pdbx_audit_revision_category.category 
1 2 'Structure model' chem_comp_atom                
2 2 'Structure model' chem_comp_bond                
3 2 'Structure model' database_2                    
4 2 'Structure model' pdbx_initial_refinement_model 
5 2 'Structure model' struct_conn                   
# 
loop_
_pdbx_audit_revision_item.ordinal 
_pdbx_audit_revision_item.revision_ordinal 
_pdbx_audit_revision_item.data_content_type 
_pdbx_audit_revision_item.item 
1 2 'Structure model' '_database_2.pdbx_DOI'                
2 2 'Structure model' '_database_2.pdbx_database_accession' 
3 2 'Structure model' '_struct_conn.pdbx_leaving_atom_flag' 
# 
loop_
_software.name 
_software.classification 
_software.version 
_software.citation_id 
_software.pdbx_ordinal 
HKL-2000  'data collection' . ? 1 
PHASER    phasing           . ? 2 
SHELXL-97 refinement        . ? 3 
HKL-2000  'data reduction'  . ? 4 
HKL-2000  'data scaling'    . ? 5 
# 
_pdbx_entry_details.entry_id                 3B0S 
_pdbx_entry_details.nonpolymer_details       ? 
_pdbx_entry_details.sequence_details         
;AUTHOR STATES THE E-CHAIN CONSISTS OF TWO CHAINS WITH HALF  
OCCUPANCIES.  THESE TWO CHAINS ARE ASSIGNED WITH ALTERNATE POSISION A AND B, AND HAVE EXACTLY THE SAME ATOMIC COORDINATES PARTIALLY.   
GLY4 - HYP27 (ALT. A) AND GLY1 - HYP24 (ALT. B) ARE SAME.
;
_pdbx_entry_details.compound_details         ? 
_pdbx_entry_details.source_details           ? 
_pdbx_entry_details.has_ligand_of_interest   ? 
# 
_pdbx_validate_torsion.id              1 
_pdbx_validate_torsion.PDB_model_num   1 
_pdbx_validate_torsion.auth_comp_id    PRO 
_pdbx_validate_torsion.auth_asym_id    F 
_pdbx_validate_torsion.auth_seq_id     2 
_pdbx_validate_torsion.PDB_ins_code    ? 
_pdbx_validate_torsion.label_alt_id    ? 
_pdbx_validate_torsion.phi             -57.98 
_pdbx_validate_torsion.psi             170.26 
# 
loop_
_chem_comp_atom.comp_id 
_chem_comp_atom.atom_id 
_chem_comp_atom.type_symbol 
_chem_comp_atom.pdbx_aromatic_flag 
_chem_comp_atom.pdbx_stereo_config 
_chem_comp_atom.pdbx_ordinal 
GLY N    N N N 1  
GLY CA   C N N 2  
GLY C    C N N 3  
GLY O    O N N 4  
GLY OXT  O N N 5  
GLY H    H N N 6  
GLY H2   H N N 7  
GLY HA2  H N N 8  
GLY HA3  H N N 9  
GLY HXT  H N N 10 
HOH O    O N N 11 
HOH H1   H N N 12 
HOH H2   H N N 13 
HYP N    N N N 14 
HYP CA   C N S 15 
HYP C    C N N 16 
HYP O    O N N 17 
HYP CB   C N N 18 
HYP CG   C N R 19 
HYP CD   C N N 20 
HYP OD1  O N N 21 
HYP OXT  O N N 22 
HYP H    H N N 23 
HYP HA   H N N 24 
HYP HB2  H N N 25 
HYP HB3  H N N 26 
HYP HG   H N N 27 
HYP HD22 H N N 28 
HYP HD23 H N N 29 
HYP HD1  H N N 30 
HYP HXT  H N N 31 
PRO N    N N N 32 
PRO CA   C N S 33 
PRO C    C N N 34 
PRO O    O N N 35 
PRO CB   C N N 36 
PRO CG   C N N 37 
PRO CD   C N N 38 
PRO OXT  O N N 39 
PRO H    H N N 40 
PRO HA   H N N 41 
PRO HB2  H N N 42 
PRO HB3  H N N 43 
PRO HG2  H N N 44 
PRO HG3  H N N 45 
PRO HD2  H N N 46 
PRO HD3  H N N 47 
PRO HXT  H N N 48 
# 
loop_
_chem_comp_bond.comp_id 
_chem_comp_bond.atom_id_1 
_chem_comp_bond.atom_id_2 
_chem_comp_bond.value_order 
_chem_comp_bond.pdbx_aromatic_flag 
_chem_comp_bond.pdbx_stereo_config 
_chem_comp_bond.pdbx_ordinal 
GLY N   CA   sing N N 1  
GLY N   H    sing N N 2  
GLY N   H2   sing N N 3  
GLY CA  C    sing N N 4  
GLY CA  HA2  sing N N 5  
GLY CA  HA3  sing N N 6  
GLY C   O    doub N N 7  
GLY C   OXT  sing N N 8  
GLY OXT HXT  sing N N 9  
HOH O   H1   sing N N 10 
HOH O   H2   sing N N 11 
HYP N   CA   sing N N 12 
HYP N   CD   sing N N 13 
HYP N   H    sing N N 14 
HYP CA  C    sing N N 15 
HYP CA  CB   sing N N 16 
HYP CA  HA   sing N N 17 
HYP C   O    doub N N 18 
HYP C   OXT  sing N N 19 
HYP CB  CG   sing N N 20 
HYP CB  HB2  sing N N 21 
HYP CB  HB3  sing N N 22 
HYP CG  CD   sing N N 23 
HYP CG  OD1  sing N N 24 
HYP CG  HG   sing N N 25 
HYP CD  HD22 sing N N 26 
HYP CD  HD23 sing N N 27 
HYP OD1 HD1  sing N N 28 
HYP OXT HXT  sing N N 29 
PRO N   CA   sing N N 30 
PRO N   CD   sing N N 31 
PRO N   H    sing N N 32 
PRO CA  C    sing N N 33 
PRO CA  CB   sing N N 34 
PRO CA  HA   sing N N 35 
PRO C   O    doub N N 36 
PRO C   OXT  sing N N 37 
PRO CB  CG   sing N N 38 
PRO CB  HB2  sing N N 39 
PRO CB  HB3  sing N N 40 
PRO CG  CD   sing N N 41 
PRO CG  HG2  sing N N 42 
PRO CG  HG3  sing N N 43 
PRO CD  HD2  sing N N 44 
PRO CD  HD3  sing N N 45 
PRO OXT HXT  sing N N 46 
# 
_pdbx_entity_nonpoly.entity_id   2 
_pdbx_entity_nonpoly.name        water 
_pdbx_entity_nonpoly.comp_id     HOH 
# 
_pdbx_initial_refinement_model.id               1 
_pdbx_initial_refinement_model.entity_id_list   ? 
_pdbx_initial_refinement_model.type             'experimental model' 
_pdbx_initial_refinement_model.source_name      PDB 
_pdbx_initial_refinement_model.accession_code   2DRT 
_pdbx_initial_refinement_model.details          ? 
# 
